data_7RB9
#
_entry.id   7RB9
#
_cell.length_a   1.00
_cell.length_b   1.00
_cell.length_c   1.00
_cell.angle_alpha   90.00
_cell.angle_beta   90.00
_cell.angle_gamma   90.00
#
_symmetry.space_group_name_H-M   'P 1'
#
loop_
_entity.id
_entity.type
_entity.pdbx_description
1 polymer 'Actin, alpha skeletal muscle, intermediate form'
2 polymer 'Isoform 3 of Unconventional myosin-XV'
3 non-polymer "ADENOSINE-5'-DIPHOSPHATE"
4 non-polymer 'MAGNESIUM ION'
#
loop_
_entity_poly.entity_id
_entity_poly.type
_entity_poly.pdbx_seq_one_letter_code
_entity_poly.pdbx_strand_id
1 'polypeptide(L)'
;DETTALVCDNGSGLVKAGFAGDDAPRAVFPSIVGRPRHQGVMVGMGQKDSYVGDEAQSKRGILTLKYPIE(HIC)GIITN
WDDMEKIWHHTFYNELRVAPEEHPTLLTEAPLNPKANREKMTQIMFETFNVPAMYVAIQAVLSLYASGRTTGIVLDSGDG
VTHNVPIYEGYALPHAIMRLDLAGRDLTDYLMKILTERGYSFVTTAEREIVRDIKEKLCYVALDFENEMATAASSSSLEK
SYELPDGQVITIGNERFRCPETLFQPSFIGMESAGIHETTYNSIMKCDIDIRKDLYANNVMSGGTTMYPGIADRMQKEIT
ALAPSTMKIKIIAPPERKYSVWIGGSILASLSTFQQMWITKQEYDEAGPSIVHRKCF
;
B,A,C
2 'polypeptide(L)'
;EDGVEDMTQLEDLQETTVLANLKTRFERNLIYTYIGSILVSVNPYRMFAIYGPEQVQQYSGRALGENPPHLFAIANLAFA
KMLDAKQNQCVIISGESGSGKTEATKLILRCLAAMNQRRDVMQQIKILEATPLLEAFGNAKTVRNDNSSRFGKFVEIFLE
GGVICGAITSQYLLEKSRIVFQAKNERNYHIFYELLAGLPAQLRQAFSLQEAETYYYLNQGGNCEIAGKSDADDFRRLLA
AMEVLGFTSEDQDSIFRILASILHLGNVYFEKHETDAQEVASVVSAREIQAVAELLQVSPEGLQKAITFKVTETIREKIF
TPLTVESAVDARDAIAKVLYALLFGWLITRVNALVSPKQDTLSIAILDIYGFEDLSFNSFEQLCINYANENLQYLFNKIV
FQEEQEEYIREQMDWREIAFADNQPCINLISLKPYGILRILDGQCCFPQATDHTFLQKCHYHHGANPLYSKPKMPLPEFT
IKHYAGKVTYQVHKFLDKNHDQVRQDVLDLFVHSRTRVVAHLFSSHAAQTAPPRLGKSSSITRLYKAHTVAAKFQQSLLD
LVEKMERCNPLFVRCLKPNHKKEPGLFEPDVMMAQLRYSGVLETVRIRKEGFPVRLPFQVFIDRYRCLVALKLNVPADGD
MCVSLLSRLCTVTPDMYRVGISKLFLKEHLHQLLESMRERVQNRA
;
D
#
loop_
_chem_comp.id
_chem_comp.type
_chem_comp.name
_chem_comp.formula
ADP non-polymer ADENOSINE-5'-DIPHOSPHATE 'C10 H15 N5 O10 P2'
MG non-polymer 'MAGNESIUM ION' 'Mg 2'
#
# COMPACT_ATOMS: atom_id res chain seq x y z
N ASP A 1 22.07 -17.13 6.82
CA ASP A 1 20.97 -17.20 7.77
C ASP A 1 20.49 -15.81 8.14
N GLU A 2 19.80 -15.70 9.28
CA GLU A 2 19.30 -14.42 9.76
C GLU A 2 20.47 -13.59 10.28
N THR A 3 20.77 -12.48 9.60
CA THR A 3 21.90 -11.64 9.98
C THR A 3 21.59 -10.70 11.13
N THR A 4 20.32 -10.53 11.48
CA THR A 4 19.89 -9.67 12.59
C THR A 4 20.44 -8.25 12.42
N ALA A 5 19.97 -7.61 11.35
CA ALA A 5 20.46 -6.28 10.99
C ALA A 5 20.25 -5.30 12.13
N LEU A 6 21.29 -4.52 12.41
CA LEU A 6 21.26 -3.58 13.52
C LEU A 6 20.47 -2.32 13.14
N VAL A 7 19.96 -1.65 14.16
CA VAL A 7 19.31 -0.35 14.02
C VAL A 7 19.93 0.57 15.06
N CYS A 8 20.67 1.58 14.59
CA CYS A 8 21.39 2.50 15.47
C CYS A 8 20.91 3.93 15.20
N ASP A 9 19.86 4.33 15.93
CA ASP A 9 19.32 5.67 15.80
C ASP A 9 20.28 6.70 16.37
N ASN A 10 20.88 7.50 15.50
CA ASN A 10 21.84 8.53 15.90
C ASN A 10 21.13 9.88 15.89
N GLY A 11 20.44 10.18 16.99
CA GLY A 11 19.74 11.43 17.13
C GLY A 11 20.66 12.57 17.54
N SER A 12 20.07 13.76 17.64
CA SER A 12 20.83 14.93 18.06
C SER A 12 21.25 14.83 19.53
N GLY A 13 20.41 14.20 20.36
CA GLY A 13 20.74 14.01 21.76
C GLY A 13 21.18 12.60 22.06
N LEU A 14 20.27 11.79 22.61
CA LEU A 14 20.59 10.41 22.93
C LEU A 14 20.74 9.57 21.66
N VAL A 15 21.35 8.41 21.81
CA VAL A 15 21.57 7.46 20.72
C VAL A 15 20.96 6.13 21.13
N LYS A 16 20.12 5.57 20.26
CA LYS A 16 19.45 4.31 20.50
C LYS A 16 19.99 3.26 19.53
N ALA A 17 20.41 2.12 20.07
CA ALA A 17 20.95 1.03 19.28
C ALA A 17 20.36 -0.29 19.76
N GLY A 18 20.32 -1.26 18.86
CA GLY A 18 19.79 -2.56 19.21
C GLY A 18 19.66 -3.43 17.98
N PHE A 19 19.04 -4.59 18.18
CA PHE A 19 18.84 -5.56 17.12
C PHE A 19 17.41 -5.50 16.59
N ALA A 20 17.27 -5.86 15.31
CA ALA A 20 15.95 -5.87 14.69
C ALA A 20 15.12 -7.02 15.23
N GLY A 21 13.82 -6.77 15.39
CA GLY A 21 12.91 -7.78 15.90
C GLY A 21 12.47 -7.50 17.32
N ASP A 22 13.40 -7.03 18.15
CA ASP A 22 13.07 -6.69 19.53
C ASP A 22 12.22 -5.42 19.57
N ASP A 23 11.52 -5.23 20.69
CA ASP A 23 10.60 -4.12 20.87
C ASP A 23 11.18 -3.01 21.76
N ALA A 24 12.50 -3.02 21.99
CA ALA A 24 13.11 -2.02 22.85
C ALA A 24 14.57 -1.87 22.50
N PRO A 25 15.13 -0.66 22.49
CA PRO A 25 16.55 -0.51 22.20
C PRO A 25 17.40 -1.12 23.30
N ARG A 26 18.56 -1.65 22.90
CA ARG A 26 19.47 -2.30 23.84
C ARG A 26 20.54 -1.36 24.38
N ALA A 27 20.54 -0.08 23.97
CA ALA A 27 21.58 0.85 24.39
C ALA A 27 21.04 2.27 24.25
N VAL A 28 20.89 2.95 25.37
CA VAL A 28 20.48 4.36 25.40
C VAL A 28 21.51 5.13 26.21
N PHE A 29 22.09 6.16 25.61
CA PHE A 29 23.09 6.99 26.27
C PHE A 29 23.29 8.25 25.47
N PRO A 30 23.58 9.38 26.12
CA PRO A 30 23.82 10.62 25.38
C PRO A 30 25.03 10.50 24.46
N SER A 31 24.96 11.20 23.32
CA SER A 31 26.05 11.21 22.35
C SER A 31 26.91 12.44 22.64
N ILE A 32 27.82 12.28 23.60
CA ILE A 32 28.67 13.38 24.07
C ILE A 32 30.12 12.90 24.04
N VAL A 33 30.99 13.69 23.42
CA VAL A 33 32.42 13.44 23.42
C VAL A 33 33.07 14.49 24.31
N GLY A 34 33.69 14.05 25.39
CA GLY A 34 34.31 14.95 26.36
C GLY A 34 35.82 14.79 26.38
N ARG A 35 36.51 15.91 26.62
CA ARG A 35 37.97 15.92 26.71
C ARG A 35 38.39 16.61 28.00
N PRO A 36 39.39 16.07 28.70
CA PRO A 36 39.84 16.72 29.93
C PRO A 36 40.43 18.10 29.65
N ARG A 37 40.21 19.02 30.58
CA ARG A 37 40.68 20.39 30.45
C ARG A 37 41.69 20.81 31.51
N HIS A 38 41.69 20.18 32.67
CA HIS A 38 42.58 20.59 33.75
C HIS A 38 43.96 19.94 33.58
N GLN A 39 44.88 20.32 34.46
CA GLN A 39 46.25 19.84 34.41
C GLN A 39 46.39 18.62 35.32
N GLY A 40 46.68 17.47 34.74
CA GLY A 40 46.88 16.28 35.53
C GLY A 40 48.20 16.32 36.28
N VAL A 41 48.17 15.88 37.54
CA VAL A 41 49.35 15.87 38.40
C VAL A 41 49.73 14.46 38.81
N MET A 42 48.76 13.61 39.12
CA MET A 42 49.04 12.23 39.50
C MET A 42 49.56 11.45 38.30
N VAL A 43 50.60 10.65 38.54
CA VAL A 43 51.21 9.84 37.49
C VAL A 43 50.34 8.60 37.26
N GLY A 44 49.95 8.38 36.01
CA GLY A 44 49.13 7.22 35.66
C GLY A 44 47.65 7.50 35.54
N MET A 45 47.19 8.71 35.88
CA MET A 45 45.78 9.05 35.80
C MET A 45 45.42 9.76 34.52
N GLY A 46 46.37 9.97 33.62
CA GLY A 46 46.09 10.60 32.34
C GLY A 46 45.93 9.62 31.21
N GLN A 47 46.47 9.93 30.05
CA GLN A 47 46.45 9.07 28.86
C GLN A 47 45.02 8.75 28.41
N LYS A 48 44.06 9.60 28.76
CA LYS A 48 42.66 9.43 28.37
C LYS A 48 42.19 10.76 27.78
N ASP A 49 42.37 10.91 26.47
CA ASP A 49 42.08 12.17 25.79
C ASP A 49 40.65 12.26 25.28
N SER A 50 39.82 11.24 25.50
CA SER A 50 38.45 11.26 24.98
C SER A 50 37.61 10.29 25.80
N TYR A 51 36.64 10.84 26.54
CA TYR A 51 35.62 10.04 27.21
C TYR A 51 34.35 10.12 26.37
N VAL A 52 33.86 8.96 25.92
CA VAL A 52 32.77 8.89 24.96
C VAL A 52 31.60 8.16 25.59
N GLY A 53 30.41 8.75 25.51
CA GLY A 53 29.20 8.09 25.95
C GLY A 53 28.78 8.39 27.36
N ASP A 54 28.25 7.36 28.05
CA ASP A 54 27.74 7.57 29.40
C ASP A 54 28.86 7.74 30.42
N GLU A 55 30.04 7.19 30.14
CA GLU A 55 31.16 7.34 31.06
C GLU A 55 31.64 8.79 31.14
N ALA A 56 31.30 9.61 30.16
CA ALA A 56 31.63 11.04 30.18
C ALA A 56 30.55 11.87 30.85
N GLN A 57 29.51 11.23 31.40
CA GLN A 57 28.46 11.94 32.10
C GLN A 57 28.70 12.04 33.60
N SER A 58 29.46 11.12 34.18
CA SER A 58 29.78 11.16 35.60
C SER A 58 31.05 11.95 35.90
N LYS A 59 32.03 11.93 34.99
CA LYS A 59 33.27 12.66 35.15
C LYS A 59 33.23 14.04 34.48
N ARG A 60 32.05 14.60 34.28
CA ARG A 60 31.91 15.84 33.54
C ARG A 60 32.44 17.06 34.29
N GLY A 61 32.80 16.90 35.57
CA GLY A 61 33.32 18.03 36.33
C GLY A 61 34.70 18.48 35.91
N ILE A 62 35.40 17.68 35.11
CA ILE A 62 36.74 18.01 34.67
C ILE A 62 36.83 17.91 33.15
N LEU A 63 35.70 17.69 32.50
CA LEU A 63 35.64 17.55 31.05
C LEU A 63 34.88 18.70 30.42
N THR A 64 35.08 18.87 29.12
CA THR A 64 34.33 19.81 28.30
C THR A 64 33.47 19.00 27.35
N LEU A 65 32.15 19.08 27.54
CA LEU A 65 31.22 18.26 26.78
C LEU A 65 30.88 18.95 25.47
N LYS A 66 31.16 18.28 24.36
CA LYS A 66 30.90 18.80 23.02
C LYS A 66 29.96 17.85 22.30
N TYR A 67 28.84 18.38 21.81
CA TYR A 67 27.94 17.60 20.99
C TYR A 67 28.44 17.57 19.55
N PRO A 68 28.69 16.39 18.98
CA PRO A 68 29.13 16.33 17.58
C PRO A 68 28.00 16.58 16.59
N ILE A 69 26.75 16.59 17.04
CA ILE A 69 25.59 16.81 16.18
C ILE A 69 24.81 17.99 16.72
N GLU A 70 24.58 18.99 15.87
CA GLU A 70 23.77 20.14 16.23
C GLU A 70 22.79 20.44 15.10
N HIC A 71 21.52 20.66 15.45
CA HIC A 71 20.48 20.96 14.47
C HIC A 71 20.23 19.80 13.49
O HIC A 71 19.40 19.85 12.59
CB HIC A 71 20.73 22.20 13.61
CG HIC A 71 20.64 23.45 14.39
ND1 HIC A 71 21.17 24.69 13.98
CD2 HIC A 71 20.03 23.60 15.66
CE1 HIC A 71 20.87 25.56 14.97
NE2 HIC A 71 20.18 24.93 16.02
CZ HIC A 71 19.71 25.55 17.21
N GLY A 72 21.00 18.73 13.68
CA GLY A 72 20.78 17.49 12.97
C GLY A 72 21.83 17.25 11.90
N ILE A 73 22.65 18.26 11.66
CA ILE A 73 23.76 18.19 10.71
C ILE A 73 25.01 17.81 11.49
N ILE A 74 25.69 16.75 11.04
CA ILE A 74 26.91 16.28 11.70
C ILE A 74 28.03 17.25 11.37
N THR A 75 28.38 18.11 12.33
CA THR A 75 29.41 19.12 12.13
C THR A 75 30.80 18.66 12.54
N ASN A 76 30.92 17.49 13.16
CA ASN A 76 32.21 16.97 13.59
C ASN A 76 32.23 15.47 13.31
N TRP A 77 33.24 15.02 12.55
CA TRP A 77 33.30 13.64 12.08
C TRP A 77 34.31 12.79 12.84
N ASP A 78 35.43 13.37 13.25
CA ASP A 78 36.44 12.58 13.96
C ASP A 78 35.92 12.03 15.28
N ASP A 79 35.03 12.76 15.95
CA ASP A 79 34.40 12.29 17.18
C ASP A 79 33.11 11.53 16.94
N MET A 80 32.41 11.80 15.83
CA MET A 80 31.25 10.98 15.47
C MET A 80 31.68 9.55 15.16
N GLU A 81 32.83 9.39 14.50
CA GLU A 81 33.38 8.05 14.28
C GLU A 81 33.70 7.38 15.61
N LYS A 82 34.24 8.14 16.56
CA LYS A 82 34.50 7.59 17.89
C LYS A 82 33.22 7.14 18.57
N ILE A 83 32.15 7.94 18.45
CA ILE A 83 30.88 7.59 19.05
C ILE A 83 30.31 6.32 18.43
N TRP A 84 30.39 6.20 17.10
CA TRP A 84 29.90 5.00 16.43
C TRP A 84 30.71 3.79 16.84
N HIS A 85 32.04 3.93 16.90
CA HIS A 85 32.90 2.83 17.33
C HIS A 85 32.56 2.39 18.75
N HIS A 86 32.34 3.35 19.65
CA HIS A 86 31.91 3.02 21.00
C HIS A 86 30.59 2.27 20.97
N THR A 87 29.58 2.83 20.30
CA THR A 87 28.25 2.23 20.27
C THR A 87 28.28 0.80 19.76
N PHE A 88 29.11 0.53 18.76
CA PHE A 88 29.21 -0.84 18.27
C PHE A 88 30.00 -1.72 19.24
N TYR A 89 31.30 -1.44 19.40
CA TYR A 89 32.18 -2.37 20.10
C TYR A 89 31.95 -2.33 21.61
N ASN A 90 32.14 -1.15 22.23
CA ASN A 90 32.14 -1.08 23.68
C ASN A 90 30.76 -1.22 24.28
N GLU A 91 29.70 -1.16 23.46
CA GLU A 91 28.34 -1.23 23.96
C GLU A 91 27.61 -2.49 23.48
N LEU A 92 27.55 -2.72 22.17
CA LEU A 92 26.79 -3.88 21.68
C LEU A 92 27.64 -5.13 21.56
N ARG A 93 28.97 -4.99 21.56
CA ARG A 93 29.90 -6.12 21.50
C ARG A 93 29.62 -7.01 20.29
N VAL A 94 29.28 -6.39 19.15
CA VAL A 94 29.05 -7.10 17.90
C VAL A 94 29.88 -6.44 16.81
N ALA A 95 30.59 -7.24 16.04
CA ALA A 95 31.40 -6.71 14.95
C ALA A 95 30.52 -6.40 13.76
N PRO A 96 30.52 -5.16 13.25
CA PRO A 96 29.68 -4.82 12.10
C PRO A 96 30.17 -5.38 10.77
N GLU A 97 31.22 -6.20 10.76
CA GLU A 97 31.70 -6.79 9.51
C GLU A 97 30.76 -7.87 8.96
N GLU A 98 29.79 -8.34 9.76
CA GLU A 98 28.87 -9.37 9.30
C GLU A 98 27.44 -9.06 9.72
N HIS A 99 27.13 -7.78 9.95
CA HIS A 99 25.79 -7.38 10.35
C HIS A 99 25.38 -6.14 9.58
N PRO A 100 24.26 -6.16 8.86
CA PRO A 100 23.77 -4.94 8.22
C PRO A 100 23.33 -3.92 9.26
N THR A 101 23.44 -2.64 8.88
CA THR A 101 23.07 -1.55 9.75
C THR A 101 22.06 -0.65 9.07
N LEU A 102 21.11 -0.14 9.86
CA LEU A 102 20.07 0.75 9.36
C LEU A 102 20.14 2.05 10.15
N LEU A 103 20.32 3.16 9.45
CA LEU A 103 20.49 4.46 10.07
C LEU A 103 19.19 5.26 10.03
N THR A 104 19.13 6.28 10.89
CA THR A 104 18.04 7.23 10.91
C THR A 104 18.59 8.61 10.63
N GLU A 105 17.83 9.42 9.89
CA GLU A 105 18.38 10.65 9.37
C GLU A 105 17.24 11.61 9.06
N ALA A 106 17.52 12.91 9.23
CA ALA A 106 16.50 13.94 9.15
C ALA A 106 16.03 14.14 7.70
N PRO A 107 14.81 14.66 7.51
CA PRO A 107 14.28 14.80 6.15
C PRO A 107 15.07 15.74 5.26
N LEU A 108 15.29 16.98 5.68
CA LEU A 108 15.85 18.02 4.84
C LEU A 108 17.29 18.37 5.20
N ASN A 109 18.10 17.40 5.58
CA ASN A 109 19.50 17.66 5.87
C ASN A 109 20.31 17.73 4.57
N PRO A 110 21.49 18.34 4.62
CA PRO A 110 22.33 18.40 3.42
C PRO A 110 22.73 17.03 2.92
N LYS A 111 22.91 16.92 1.60
CA LYS A 111 23.26 15.64 0.99
C LYS A 111 24.65 15.18 1.38
N ALA A 112 25.57 16.13 1.57
CA ALA A 112 26.94 15.78 1.95
C ALA A 112 26.96 15.02 3.27
N ASN A 113 26.03 15.31 4.18
CA ASN A 113 25.95 14.56 5.43
C ASN A 113 25.73 13.08 5.17
N ARG A 114 24.72 12.75 4.36
CA ARG A 114 24.43 11.35 4.06
C ARG A 114 25.57 10.70 3.29
N GLU A 115 26.17 11.44 2.35
CA GLU A 115 27.27 10.87 1.57
C GLU A 115 28.46 10.54 2.46
N LYS A 116 28.83 11.45 3.36
CA LYS A 116 29.95 11.20 4.26
C LYS A 116 29.63 10.09 5.25
N MET A 117 28.38 10.03 5.71
CA MET A 117 27.95 8.95 6.60
C MET A 117 28.10 7.59 5.92
N THR A 118 27.67 7.50 4.66
CA THR A 118 27.81 6.28 3.89
C THR A 118 29.27 5.91 3.69
N GLN A 119 30.10 6.90 3.36
CA GLN A 119 31.53 6.65 3.18
C GLN A 119 32.15 6.12 4.46
N ILE A 120 31.82 6.73 5.60
CA ILE A 120 32.39 6.31 6.87
C ILE A 120 31.98 4.89 7.20
N MET A 121 30.69 4.57 7.01
CA MET A 121 30.21 3.27 7.48
C MET A 121 30.51 2.14 6.49
N PHE A 122 30.87 2.43 5.25
CA PHE A 122 31.39 1.37 4.37
C PHE A 122 32.91 1.23 4.40
N GLU A 123 33.66 2.33 4.51
CA GLU A 123 35.11 2.19 4.46
C GLU A 123 35.70 1.76 5.80
N THR A 124 35.37 2.46 6.88
CA THR A 124 35.99 2.16 8.17
C THR A 124 35.45 0.86 8.76
N PHE A 125 34.14 0.81 9.02
CA PHE A 125 33.56 -0.34 9.70
C PHE A 125 33.38 -1.54 8.78
N ASN A 126 33.40 -1.34 7.47
CA ASN A 126 33.27 -2.42 6.49
C ASN A 126 31.96 -3.18 6.70
N VAL A 127 30.88 -2.43 6.84
CA VAL A 127 29.55 -3.03 7.01
C VAL A 127 29.09 -3.62 5.68
N PRO A 128 28.62 -4.88 5.65
CA PRO A 128 28.24 -5.47 4.36
C PRO A 128 27.11 -4.75 3.64
N ALA A 129 26.15 -4.19 4.38
CA ALA A 129 25.02 -3.53 3.74
C ALA A 129 24.46 -2.48 4.69
N MET A 130 24.06 -1.34 4.12
CA MET A 130 23.59 -0.21 4.91
C MET A 130 22.42 0.45 4.19
N TYR A 131 21.52 1.03 4.99
CA TYR A 131 20.37 1.76 4.47
C TYR A 131 20.11 2.97 5.35
N VAL A 132 19.55 4.01 4.75
CA VAL A 132 19.21 5.25 5.44
C VAL A 132 17.72 5.51 5.24
N ALA A 133 17.01 5.76 6.34
CA ALA A 133 15.58 6.02 6.30
C ALA A 133 15.28 7.37 6.93
N ILE A 134 14.01 7.77 6.86
CA ILE A 134 13.54 9.02 7.43
C ILE A 134 12.85 8.70 8.75
N GLN A 135 13.16 9.49 9.79
CA GLN A 135 12.65 9.19 11.13
C GLN A 135 11.13 9.26 11.19
N ALA A 136 10.52 10.17 10.42
CA ALA A 136 9.06 10.32 10.48
C ALA A 136 8.35 9.07 9.98
N VAL A 137 8.84 8.45 8.90
CA VAL A 137 8.20 7.26 8.38
C VAL A 137 8.29 6.11 9.39
N LEU A 138 9.45 5.95 10.03
CA LEU A 138 9.60 4.92 11.04
C LEU A 138 8.70 5.19 12.23
N SER A 139 8.57 6.46 12.63
CA SER A 139 7.66 6.80 13.72
C SER A 139 6.22 6.45 13.35
N LEU A 140 5.84 6.69 12.09
CA LEU A 140 4.50 6.33 11.64
C LEU A 140 4.30 4.83 11.66
N TYR A 141 5.32 4.07 11.25
CA TYR A 141 5.28 2.62 11.45
C TYR A 141 5.03 2.26 12.90
N ALA A 142 5.73 2.92 13.82
CA ALA A 142 5.60 2.59 15.24
C ALA A 142 4.21 2.85 15.79
N SER A 143 3.40 3.66 15.10
CA SER A 143 2.06 3.98 15.57
C SER A 143 1.00 3.03 15.04
N GLY A 144 1.38 2.04 14.25
CA GLY A 144 0.42 1.07 13.73
C GLY A 144 -0.60 1.63 12.77
N ARG A 145 -0.18 2.47 11.83
CA ARG A 145 -1.08 3.03 10.84
C ARG A 145 -0.29 3.38 9.58
N THR A 146 -1.01 3.75 8.53
CA THR A 146 -0.40 4.10 7.24
C THR A 146 -0.90 5.43 6.71
N THR A 147 -1.49 6.27 7.57
CA THR A 147 -2.01 7.56 7.13
C THR A 147 -2.01 8.51 8.31
N GLY A 148 -1.33 9.64 8.17
CA GLY A 148 -1.29 10.64 9.21
C GLY A 148 -0.18 11.61 8.98
N ILE A 149 -0.21 12.70 9.75
CA ILE A 149 0.83 13.73 9.74
C ILE A 149 1.71 13.50 10.95
N VAL A 150 3.00 13.22 10.69
CA VAL A 150 3.94 12.89 11.74
C VAL A 150 4.68 14.14 12.17
N LEU A 151 4.60 14.48 13.46
CA LEU A 151 5.32 15.61 14.04
C LEU A 151 6.38 15.04 14.96
N ASP A 152 7.61 14.96 14.46
CA ASP A 152 8.74 14.48 15.24
C ASP A 152 9.64 15.65 15.59
N SER A 153 9.94 15.80 16.89
CA SER A 153 10.76 16.92 17.36
C SER A 153 11.74 16.38 18.38
N GLY A 154 12.96 16.11 17.94
CA GLY A 154 13.99 15.61 18.84
C GLY A 154 14.74 16.73 19.52
N ASP A 155 16.06 16.72 19.42
CA ASP A 155 16.89 17.75 20.02
C ASP A 155 17.47 18.73 19.01
N GLY A 156 17.31 18.48 17.71
CA GLY A 156 17.88 19.37 16.71
C GLY A 156 16.92 19.85 15.65
N VAL A 157 15.80 19.15 15.45
CA VAL A 157 14.88 19.45 14.36
C VAL A 157 13.44 19.33 14.89
N THR A 158 12.50 19.86 14.11
CA THR A 158 11.08 19.70 14.36
C THR A 158 10.40 19.73 12.99
N HIS A 159 10.12 18.55 12.44
CA HIS A 159 9.70 18.40 11.06
C HIS A 159 8.33 17.75 10.97
N ASN A 160 7.50 18.24 10.06
CA ASN A 160 6.20 17.67 9.78
C ASN A 160 6.24 16.95 8.44
N VAL A 161 5.91 15.66 8.44
CA VAL A 161 5.92 14.85 7.22
C VAL A 161 4.55 14.18 7.06
N PRO A 162 3.65 14.75 6.27
CA PRO A 162 2.34 14.12 6.08
C PRO A 162 2.43 12.94 5.12
N ILE A 163 1.83 11.82 5.51
CA ILE A 163 1.81 10.60 4.71
C ILE A 163 0.36 10.14 4.59
N TYR A 164 -0.03 9.77 3.37
CA TYR A 164 -1.37 9.28 3.09
C TYR A 164 -1.30 7.96 2.34
N GLU A 165 -1.81 6.90 2.96
CA GLU A 165 -1.90 5.57 2.34
C GLU A 165 -0.55 5.11 1.81
N GLY A 166 0.50 5.43 2.56
CA GLY A 166 1.85 5.02 2.19
C GLY A 166 2.52 5.88 1.14
N TYR A 167 1.89 6.98 0.73
CA TYR A 167 2.46 7.88 -0.27
C TYR A 167 2.85 9.18 0.41
N ALA A 168 4.10 9.59 0.25
CA ALA A 168 4.61 10.80 0.85
C ALA A 168 4.24 12.01 0.01
N LEU A 169 4.29 13.19 0.64
CA LEU A 169 3.99 14.46 -0.01
C LEU A 169 5.20 15.38 0.20
N PRO A 170 6.22 15.30 -0.67
CA PRO A 170 7.43 16.11 -0.45
C PRO A 170 7.19 17.60 -0.50
N HIS A 171 6.12 18.07 -1.15
CA HIS A 171 5.85 19.49 -1.25
C HIS A 171 5.21 20.07 0.01
N ALA A 172 4.85 19.22 0.98
CA ALA A 172 4.23 19.68 2.21
C ALA A 172 5.11 19.48 3.43
N ILE A 173 6.36 19.05 3.25
CA ILE A 173 7.26 18.83 4.37
C ILE A 173 7.82 20.18 4.82
N MET A 174 7.59 20.53 6.08
CA MET A 174 8.15 21.73 6.68
C MET A 174 9.02 21.34 7.87
N ARG A 175 10.26 21.84 7.88
CA ARG A 175 11.22 21.54 8.93
C ARG A 175 11.50 22.81 9.72
N LEU A 176 11.50 22.69 11.05
CA LEU A 176 11.76 23.81 11.94
C LEU A 176 12.96 23.49 12.81
N ASP A 177 13.84 24.49 13.00
CA ASP A 177 15.07 24.32 13.75
C ASP A 177 14.92 24.68 15.22
N LEU A 178 13.70 24.62 15.76
CA LEU A 178 13.45 24.84 17.17
C LEU A 178 13.18 23.50 17.83
N ALA A 179 14.02 23.14 18.80
CA ALA A 179 13.96 21.81 19.38
C ALA A 179 14.38 21.89 20.84
N GLY A 180 14.72 20.73 21.43
CA GLY A 180 15.02 20.69 22.85
C GLY A 180 16.23 21.50 23.26
N ARG A 181 17.24 21.59 22.38
CA ARG A 181 18.44 22.34 22.73
C ARG A 181 18.13 23.81 22.96
N ASP A 182 17.30 24.40 22.09
CA ASP A 182 16.92 25.79 22.28
C ASP A 182 16.07 25.97 23.54
N LEU A 183 15.24 24.98 23.87
CA LEU A 183 14.48 25.04 25.12
C LEU A 183 15.41 25.03 26.32
N THR A 184 16.45 24.18 26.28
CA THR A 184 17.41 24.12 27.36
C THR A 184 18.15 25.46 27.49
N ASP A 185 18.56 26.03 26.37
CA ASP A 185 19.24 27.33 26.40
C ASP A 185 18.34 28.43 26.94
N TYR A 186 17.07 28.46 26.53
CA TYR A 186 16.13 29.44 27.05
C TYR A 186 15.87 29.27 28.54
N LEU A 187 15.76 28.02 29.01
CA LEU A 187 15.62 27.79 30.44
C LEU A 187 16.86 28.26 31.20
N MET A 188 18.04 28.01 30.63
CA MET A 188 19.28 28.47 31.26
C MET A 188 19.32 29.99 31.35
N LYS A 189 18.89 30.68 30.29
CA LYS A 189 18.89 32.13 30.29
C LYS A 189 17.76 32.72 31.12
N ILE A 190 16.69 31.97 31.38
CA ILE A 190 15.58 32.49 32.18
C ILE A 190 15.73 32.16 33.65
N LEU A 191 16.54 31.16 34.01
CA LEU A 191 16.78 30.86 35.42
C LEU A 191 17.60 31.96 36.10
N THR A 192 18.35 32.74 35.32
CA THR A 192 19.11 33.84 35.90
C THR A 192 18.24 34.96 36.45
N GLU A 193 16.95 34.99 36.10
CA GLU A 193 16.06 35.99 36.66
C GLU A 193 15.91 35.80 38.16
N ARG A 194 15.88 34.55 38.62
CA ARG A 194 15.76 34.27 40.04
C ARG A 194 17.09 34.27 40.77
N GLY A 195 18.21 34.34 40.05
CA GLY A 195 19.53 34.39 40.65
C GLY A 195 20.38 33.16 40.43
N TYR A 196 19.92 32.17 39.68
CA TYR A 196 20.66 30.94 39.45
C TYR A 196 21.42 31.05 38.15
N SER A 197 22.73 30.83 38.20
CA SER A 197 23.61 30.97 37.04
C SER A 197 24.23 29.62 36.71
N PHE A 198 24.19 29.25 35.43
CA PHE A 198 24.77 28.01 34.93
C PHE A 198 25.59 28.35 33.70
N VAL A 199 26.89 28.55 33.86
CA VAL A 199 27.74 29.11 32.82
C VAL A 199 28.47 28.04 32.02
N THR A 200 29.06 27.06 32.69
CA THR A 200 29.87 26.08 31.97
C THR A 200 29.01 24.95 31.42
N THR A 201 29.61 24.16 30.52
CA THR A 201 28.87 23.08 29.86
C THR A 201 28.45 21.98 30.82
N ALA A 202 29.10 21.86 31.98
CA ALA A 202 28.72 20.83 32.94
C ALA A 202 27.35 21.11 33.56
N GLU A 203 26.97 22.38 33.70
CA GLU A 203 25.67 22.73 34.25
C GLU A 203 24.56 22.69 33.20
N ARG A 204 24.90 22.58 31.91
CA ARG A 204 23.88 22.38 30.89
C ARG A 204 23.13 21.08 31.12
N GLU A 205 23.83 20.05 31.60
CA GLU A 205 23.16 18.79 31.91
C GLU A 205 22.23 18.95 33.10
N ILE A 206 22.61 19.76 34.09
CA ILE A 206 21.72 20.03 35.22
C ILE A 206 20.46 20.75 34.74
N VAL A 207 20.63 21.74 33.86
CA VAL A 207 19.47 22.46 33.33
C VAL A 207 18.58 21.52 32.53
N ARG A 208 19.19 20.64 31.72
CA ARG A 208 18.41 19.69 30.94
C ARG A 208 17.64 18.72 31.83
N ASP A 209 18.27 18.25 32.91
CA ASP A 209 17.59 17.37 33.84
C ASP A 209 16.44 18.07 34.56
N ILE A 210 16.64 19.34 34.92
CA ILE A 210 15.57 20.13 35.52
C ILE A 210 14.40 20.23 34.55
N LYS A 211 14.70 20.51 33.29
CA LYS A 211 13.66 20.60 32.27
C LYS A 211 12.92 19.27 32.13
N GLU A 212 13.65 18.16 32.13
CA GLU A 212 13.04 16.85 31.99
C GLU A 212 12.12 16.52 33.16
N LYS A 213 12.53 16.86 34.39
CA LYS A 213 11.78 16.45 35.57
C LYS A 213 10.64 17.39 35.94
N LEU A 214 10.83 18.70 35.84
CA LEU A 214 9.87 19.63 36.43
C LEU A 214 9.04 20.42 35.43
N CYS A 215 9.49 20.53 34.18
CA CYS A 215 8.79 21.36 33.20
C CYS A 215 7.49 20.70 32.76
N TYR A 216 6.53 21.53 32.38
CA TYR A 216 5.25 21.07 31.87
C TYR A 216 4.66 22.19 31.01
N VAL A 217 3.68 21.82 30.19
CA VAL A 217 3.05 22.75 29.25
C VAL A 217 1.72 23.22 29.82
N ALA A 218 1.56 24.54 29.93
CA ALA A 218 0.31 25.10 30.41
C ALA A 218 -0.79 24.95 29.36
N LEU A 219 -2.04 24.92 29.83
CA LEU A 219 -3.16 24.88 28.91
C LEU A 219 -3.45 26.27 28.35
N ASP A 220 -3.75 27.22 29.24
CA ASP A 220 -3.92 28.63 28.86
C ASP A 220 -2.76 29.40 29.45
N PHE A 221 -1.95 30.02 28.59
CA PHE A 221 -0.72 30.66 29.04
C PHE A 221 -1.00 31.90 29.89
N GLU A 222 -1.92 32.75 29.42
CA GLU A 222 -2.22 33.98 30.16
C GLU A 222 -2.87 33.68 31.50
N ASN A 223 -3.72 32.65 31.56
CA ASN A 223 -4.38 32.31 32.81
C ASN A 223 -3.37 31.89 33.87
N GLU A 224 -2.38 31.07 33.48
CA GLU A 224 -1.37 30.67 34.46
C GLU A 224 -0.38 31.80 34.74
N MET A 225 -0.16 32.70 33.78
CA MET A 225 0.63 33.89 34.08
C MET A 225 -0.04 34.72 35.17
N ALA A 226 -1.37 34.88 35.09
CA ALA A 226 -2.10 35.57 36.14
C ALA A 226 -2.08 34.78 37.45
N THR A 227 -2.18 33.45 37.38
CA THR A 227 -2.24 32.65 38.59
C THR A 227 -0.91 32.65 39.34
N ALA A 228 0.21 32.60 38.62
CA ALA A 228 1.51 32.46 39.26
C ALA A 228 1.84 33.66 40.14
N ALA A 229 1.50 34.87 39.68
CA ALA A 229 1.78 36.07 40.44
C ALA A 229 0.87 36.24 41.65
N SER A 230 -0.16 35.41 41.79
CA SER A 230 -1.11 35.53 42.90
C SER A 230 -1.11 34.34 43.83
N SER A 231 -0.22 33.35 43.62
CA SER A 231 -0.19 32.17 44.47
C SER A 231 1.19 31.53 44.35
N SER A 232 1.46 30.60 45.26
CA SER A 232 2.72 29.87 45.29
C SER A 232 2.53 28.37 45.12
N SER A 233 1.36 27.93 44.65
CA SER A 233 1.10 26.51 44.48
C SER A 233 1.89 25.90 43.33
N LEU A 234 2.21 26.70 42.31
CA LEU A 234 2.94 26.18 41.16
C LEU A 234 4.44 26.02 41.42
N GLU A 235 4.95 26.59 42.50
CA GLU A 235 6.38 26.54 42.79
C GLU A 235 6.78 25.14 43.23
N LYS A 236 7.87 24.64 42.66
CA LYS A 236 8.44 23.34 43.01
C LYS A 236 9.96 23.49 43.14
N SER A 237 10.57 22.57 43.86
CA SER A 237 11.98 22.66 44.21
C SER A 237 12.75 21.48 43.65
N TYR A 238 14.01 21.73 43.28
CA TYR A 238 14.92 20.71 42.80
C TYR A 238 16.26 20.88 43.49
N GLU A 239 16.98 19.78 43.65
CA GLU A 239 18.24 19.76 44.39
C GLU A 239 19.40 19.58 43.42
N LEU A 240 20.33 20.54 43.43
CA LEU A 240 21.54 20.42 42.65
C LEU A 240 22.43 19.33 43.26
N PRO A 241 23.39 18.79 42.48
CA PRO A 241 24.29 17.78 43.05
C PRO A 241 25.41 18.36 43.90
N ASP A 242 25.11 19.35 44.75
CA ASP A 242 26.05 19.86 45.74
C ASP A 242 25.41 20.10 47.10
N GLY A 243 24.09 19.95 47.22
CA GLY A 243 23.39 20.11 48.47
C GLY A 243 22.41 21.27 48.51
N GLN A 244 22.65 22.34 47.75
CA GLN A 244 21.76 23.49 47.78
C GLN A 244 20.52 23.23 46.93
N VAL A 245 19.37 23.70 47.42
CA VAL A 245 18.07 23.45 46.80
C VAL A 245 17.57 24.75 46.20
N ILE A 246 17.18 24.71 44.94
CA ILE A 246 16.61 25.85 44.22
C ILE A 246 15.11 25.69 44.16
N THR A 247 14.41 26.81 44.00
CA THR A 247 12.96 26.81 43.83
C THR A 247 12.63 27.49 42.51
N ILE A 248 11.78 26.86 41.71
CA ILE A 248 11.40 27.35 40.40
C ILE A 248 9.91 27.65 40.41
N GLY A 249 9.55 28.87 40.01
CA GLY A 249 8.16 29.29 40.00
C GLY A 249 7.49 29.13 38.66
N ASN A 250 7.20 30.24 38.00
CA ASN A 250 6.51 30.23 36.71
C ASN A 250 7.45 29.93 35.54
N GLU A 251 8.68 29.51 35.81
CA GLU A 251 9.59 29.11 34.75
C GLU A 251 9.40 27.66 34.33
N ARG A 252 8.49 26.93 34.98
CA ARG A 252 8.23 25.55 34.59
C ARG A 252 7.50 25.48 33.25
N PHE A 253 6.49 26.33 33.05
CA PHE A 253 5.72 26.32 31.81
C PHE A 253 6.07 27.46 30.87
N ARG A 254 6.89 28.42 31.30
CA ARG A 254 7.37 29.45 30.40
C ARG A 254 8.51 28.97 29.52
N CYS A 255 9.13 27.84 29.84
CA CYS A 255 10.18 27.24 29.03
C CYS A 255 9.63 26.54 27.79
N PRO A 256 8.66 25.61 27.92
CA PRO A 256 8.17 24.93 26.72
C PRO A 256 7.17 25.74 25.91
N GLU A 257 6.76 26.92 26.39
CA GLU A 257 5.90 27.78 25.60
C GLU A 257 6.61 28.33 24.37
N THR A 258 7.94 28.24 24.31
CA THR A 258 8.66 28.65 23.12
C THR A 258 8.28 27.81 21.91
N LEU A 259 7.90 26.55 22.14
CA LEU A 259 7.45 25.70 21.04
C LEU A 259 6.16 26.22 20.40
N PHE A 260 5.40 27.04 21.12
CA PHE A 260 4.16 27.60 20.59
C PHE A 260 4.25 29.09 20.28
N GLN A 261 5.19 29.81 20.91
CA GLN A 261 5.45 31.22 20.62
C GLN A 261 6.95 31.39 20.43
N PRO A 262 7.49 31.00 19.27
CA PRO A 262 8.95 31.03 19.08
C PRO A 262 9.52 32.44 18.99
N SER A 263 8.68 33.46 19.15
CA SER A 263 9.17 34.82 19.21
C SER A 263 9.95 35.11 20.49
N PHE A 264 9.89 34.20 21.47
CA PHE A 264 10.60 34.40 22.73
C PHE A 264 12.11 34.40 22.50
N ILE A 265 12.61 33.49 21.66
CA ILE A 265 14.04 33.35 21.43
C ILE A 265 14.46 34.04 20.14
N GLY A 266 13.63 34.94 19.60
CA GLY A 266 13.97 35.68 18.41
C GLY A 266 13.53 35.05 17.10
N MET A 267 13.06 33.81 17.12
CA MET A 267 12.59 33.17 15.90
C MET A 267 11.30 33.84 15.42
N GLU A 268 11.17 33.99 14.10
CA GLU A 268 9.98 34.63 13.54
C GLU A 268 8.90 33.62 13.22
N SER A 269 9.29 32.40 12.85
CA SER A 269 8.32 31.39 12.46
C SER A 269 7.39 31.06 13.61
N ALA A 270 6.13 30.77 13.28
CA ALA A 270 5.12 30.48 14.28
C ALA A 270 5.37 29.12 14.92
N GLY A 271 4.62 28.85 15.98
CA GLY A 271 4.75 27.61 16.72
C GLY A 271 4.34 26.40 15.90
N ILE A 272 4.60 25.22 16.49
CA ILE A 272 4.29 23.97 15.80
C ILE A 272 2.78 23.80 15.62
N HIS A 273 1.97 24.40 16.50
CA HIS A 273 0.53 24.27 16.40
C HIS A 273 0.01 24.86 15.09
N GLU A 274 0.59 25.97 14.64
CA GLU A 274 0.20 26.56 13.36
C GLU A 274 1.00 25.98 12.21
N THR A 275 2.22 25.50 12.47
CA THR A 275 3.01 24.86 11.42
C THR A 275 2.31 23.60 10.92
N THR A 276 1.75 22.80 11.83
CA THR A 276 1.02 21.61 11.43
C THR A 276 -0.20 21.97 10.59
N TYR A 277 -0.91 23.03 10.99
CA TYR A 277 -2.09 23.46 10.24
C TYR A 277 -1.72 23.92 8.83
N ASN A 278 -0.64 24.70 8.71
CA ASN A 278 -0.18 25.15 7.40
C ASN A 278 0.36 23.99 6.55
N SER A 279 0.94 22.97 7.18
CA SER A 279 1.39 21.81 6.42
C SER A 279 0.21 20.98 5.94
N ILE A 280 -0.84 20.89 6.76
CA ILE A 280 -2.02 20.14 6.36
C ILE A 280 -2.72 20.84 5.19
N MET A 281 -2.84 22.16 5.24
CA MET A 281 -3.47 22.86 4.13
C MET A 281 -2.52 23.16 2.96
N LYS A 282 -1.39 22.45 2.88
CA LYS A 282 -0.60 22.42 1.66
C LYS A 282 -0.83 21.15 0.84
N CYS A 283 -1.65 20.22 1.35
CA CYS A 283 -1.97 18.98 0.66
C CYS A 283 -3.24 19.18 -0.17
N ASP A 284 -3.81 18.08 -0.65
CA ASP A 284 -5.01 18.12 -1.46
C ASP A 284 -6.23 18.36 -0.56
N ILE A 285 -7.43 18.25 -1.14
CA ILE A 285 -8.66 18.54 -0.41
C ILE A 285 -9.29 17.31 0.22
N ASP A 286 -9.35 16.19 -0.49
CA ASP A 286 -9.98 14.99 0.03
C ASP A 286 -9.08 14.20 0.97
N ILE A 287 -7.97 14.77 1.41
CA ILE A 287 -7.05 14.10 2.30
C ILE A 287 -7.13 14.62 3.73
N ARG A 288 -7.50 15.89 3.92
CA ARG A 288 -7.57 16.48 5.26
C ARG A 288 -8.53 15.74 6.18
N LYS A 289 -9.53 15.04 5.60
CA LYS A 289 -10.45 14.21 6.37
C LYS A 289 -9.71 13.25 7.28
N ASP A 290 -8.62 12.66 6.81
CA ASP A 290 -7.82 11.71 7.58
C ASP A 290 -6.69 12.40 8.34
N LEU A 291 -6.09 13.44 7.76
CA LEU A 291 -4.98 14.11 8.43
C LEU A 291 -5.41 14.79 9.71
N TYR A 292 -6.59 15.43 9.73
CA TYR A 292 -7.07 16.02 10.97
C TYR A 292 -7.41 14.98 12.03
N ALA A 293 -7.56 13.71 11.65
CA ALA A 293 -7.93 12.66 12.60
C ALA A 293 -6.78 11.74 12.95
N ASN A 294 -5.60 11.91 12.35
CA ASN A 294 -4.46 11.03 12.56
C ASN A 294 -3.19 11.84 12.84
N ASN A 295 -3.31 12.82 13.74
CA ASN A 295 -2.19 13.70 14.07
C ASN A 295 -1.22 12.98 15.03
N VAL A 296 -0.43 12.08 14.45
CA VAL A 296 0.55 11.33 15.23
C VAL A 296 1.77 12.20 15.49
N MET A 297 2.23 12.24 16.74
CA MET A 297 3.43 12.96 17.12
C MET A 297 4.39 12.04 17.86
N SER A 298 5.66 12.37 17.81
CA SER A 298 6.70 11.59 18.47
C SER A 298 7.83 12.54 18.87
N GLY A 299 8.98 11.98 19.23
CA GLY A 299 10.10 12.77 19.67
C GLY A 299 10.12 12.99 21.17
N GLY A 300 11.31 13.28 21.68
CA GLY A 300 11.47 13.44 23.12
C GLY A 300 10.72 14.65 23.66
N THR A 301 10.78 15.77 22.95
CA THR A 301 10.23 17.03 23.44
C THR A 301 8.71 17.06 23.49
N THR A 302 8.03 15.95 23.20
CA THR A 302 6.58 15.92 23.18
C THR A 302 5.98 15.17 24.36
N MET A 303 6.76 14.89 25.40
CA MET A 303 6.21 14.29 26.61
C MET A 303 6.05 15.30 27.74
N TYR A 304 6.18 16.59 27.47
CA TYR A 304 5.84 17.58 28.49
C TYR A 304 4.36 17.46 28.79
N PRO A 305 3.97 17.25 30.06
CA PRO A 305 2.57 16.92 30.36
C PRO A 305 1.65 18.09 30.07
N GLY A 306 0.70 17.88 29.17
CA GLY A 306 -0.23 18.90 28.74
C GLY A 306 -0.08 19.31 27.29
N ILE A 307 0.91 18.79 26.58
CA ILE A 307 1.12 19.19 25.20
C ILE A 307 0.01 18.64 24.30
N ALA A 308 -0.42 17.40 24.54
CA ALA A 308 -1.45 16.79 23.71
C ALA A 308 -2.81 17.46 23.87
N ASP A 309 -2.99 18.27 24.91
CA ASP A 309 -4.24 19.00 25.09
C ASP A 309 -4.18 20.39 24.47
N ARG A 310 -3.09 21.14 24.72
CA ARG A 310 -2.95 22.46 24.13
C ARG A 310 -2.84 22.37 22.62
N MET A 311 -2.10 21.39 22.11
CA MET A 311 -1.99 21.23 20.66
C MET A 311 -3.35 20.94 20.04
N GLN A 312 -4.12 20.04 20.67
CA GLN A 312 -5.44 19.72 20.16
C GLN A 312 -6.36 20.94 20.19
N LYS A 313 -6.30 21.71 21.28
CA LYS A 313 -7.13 22.91 21.38
C LYS A 313 -6.77 23.92 20.30
N GLU A 314 -5.48 24.14 20.08
CA GLU A 314 -5.03 25.10 19.08
C GLU A 314 -5.45 24.66 17.68
N ILE A 315 -5.27 23.38 17.37
CA ILE A 315 -5.63 22.89 16.04
C ILE A 315 -7.14 22.94 15.83
N THR A 316 -7.91 22.63 16.88
CA THR A 316 -9.36 22.75 16.78
C THR A 316 -9.78 24.19 16.54
N ALA A 317 -9.13 25.13 17.22
CA ALA A 317 -9.41 26.55 16.98
C ALA A 317 -9.08 26.94 15.54
N LEU A 318 -7.96 26.43 15.01
CA LEU A 318 -7.59 26.76 13.63
C LEU A 318 -8.47 26.03 12.62
N ALA A 319 -8.76 24.75 12.87
CA ALA A 319 -9.52 23.95 11.93
C ALA A 319 -10.99 24.35 11.93
N PRO A 320 -11.72 24.03 10.84
CA PRO A 320 -13.16 24.29 10.82
C PRO A 320 -13.89 23.49 11.88
N SER A 321 -15.02 24.05 12.32
CA SER A 321 -15.75 23.49 13.46
C SER A 321 -16.29 22.10 13.16
N THR A 322 -16.80 21.87 11.94
CA THR A 322 -17.46 20.60 11.64
C THR A 322 -16.49 19.42 11.71
N MET A 323 -15.20 19.66 11.54
CA MET A 323 -14.24 18.57 11.51
C MET A 323 -13.83 18.15 12.92
N LYS A 324 -13.33 16.92 13.02
CA LYS A 324 -12.90 16.32 14.28
C LYS A 324 -11.38 16.22 14.31
N ILE A 325 -10.78 16.65 15.41
CA ILE A 325 -9.34 16.63 15.60
C ILE A 325 -9.00 15.58 16.64
N LYS A 326 -8.04 14.71 16.32
CA LYS A 326 -7.58 13.68 17.23
C LYS A 326 -6.07 13.71 17.31
N ILE A 327 -5.53 13.54 18.51
CA ILE A 327 -4.10 13.55 18.75
C ILE A 327 -3.69 12.17 19.26
N ILE A 328 -2.70 11.57 18.60
CA ILE A 328 -2.18 10.26 18.96
C ILE A 328 -0.90 10.48 19.74
N ALA A 329 -0.91 10.11 21.02
CA ALA A 329 0.24 10.31 21.91
C ALA A 329 0.56 8.99 22.61
N PRO A 330 1.28 8.09 21.94
CA PRO A 330 1.68 6.85 22.60
C PRO A 330 2.65 7.14 23.73
N PRO A 331 2.65 6.31 24.77
CA PRO A 331 3.51 6.58 25.93
C PRO A 331 5.00 6.33 25.68
N GLU A 332 5.39 5.87 24.50
CA GLU A 332 6.78 5.56 24.18
C GLU A 332 7.26 6.33 22.95
N ARG A 333 6.96 7.63 22.92
CA ARG A 333 7.25 8.42 21.72
C ARG A 333 8.75 8.50 21.44
N LYS A 334 9.57 8.68 22.47
CA LYS A 334 11.00 8.87 22.24
C LYS A 334 11.68 7.63 21.67
N TYR A 335 11.09 6.46 21.85
CA TYR A 335 11.61 5.23 21.26
C TYR A 335 10.84 4.79 20.04
N SER A 336 9.89 5.61 19.57
CA SER A 336 9.07 5.23 18.43
C SER A 336 9.90 5.12 17.16
N VAL A 337 10.91 5.99 17.00
CA VAL A 337 11.76 5.91 15.82
C VAL A 337 12.50 4.58 15.78
N TRP A 338 13.07 4.16 16.91
CA TRP A 338 13.76 2.89 16.96
C TRP A 338 12.80 1.71 16.77
N ILE A 339 11.59 1.82 17.33
CA ILE A 339 10.61 0.76 17.15
C ILE A 339 10.26 0.59 15.67
N GLY A 340 10.03 1.72 14.99
CA GLY A 340 9.75 1.66 13.56
C GLY A 340 10.92 1.12 12.76
N GLY A 341 12.14 1.52 13.12
CA GLY A 341 13.31 0.98 12.45
C GLY A 341 13.45 -0.51 12.62
N SER A 342 13.19 -1.02 13.83
CA SER A 342 13.24 -2.45 14.08
C SER A 342 12.15 -3.19 13.32
N ILE A 343 10.94 -2.60 13.24
CA ILE A 343 9.86 -3.22 12.49
C ILE A 343 10.23 -3.29 11.01
N LEU A 344 10.79 -2.20 10.46
CA LEU A 344 11.18 -2.18 9.06
C LEU A 344 12.29 -3.20 8.78
N ALA A 345 13.33 -3.22 9.62
CA ALA A 345 14.46 -4.10 9.37
C ALA A 345 14.11 -5.57 9.54
N SER A 346 13.01 -5.88 10.23
CA SER A 346 12.58 -7.26 10.41
C SER A 346 11.74 -7.77 9.25
N LEU A 347 11.34 -6.91 8.32
CA LEU A 347 10.54 -7.33 7.19
C LEU A 347 11.39 -8.07 6.18
N SER A 348 10.91 -9.24 5.73
CA SER A 348 11.65 -9.99 4.72
C SER A 348 11.58 -9.34 3.36
N THR A 349 10.52 -8.59 3.08
CA THR A 349 10.40 -7.89 1.81
C THR A 349 11.47 -6.80 1.67
N PHE A 350 11.79 -6.11 2.77
CA PHE A 350 12.77 -5.04 2.74
C PHE A 350 14.18 -5.53 2.42
N GLN A 351 14.44 -6.84 2.55
CA GLN A 351 15.78 -7.38 2.35
C GLN A 351 16.32 -7.06 0.96
N GLN A 352 15.45 -6.87 -0.03
CA GLN A 352 15.88 -6.49 -1.36
C GLN A 352 16.28 -5.02 -1.46
N MET A 353 15.85 -4.19 -0.52
CA MET A 353 16.07 -2.75 -0.58
C MET A 353 17.37 -2.30 0.07
N TRP A 354 18.21 -3.25 0.51
CA TRP A 354 19.49 -2.89 1.09
C TRP A 354 20.42 -2.31 0.03
N ILE A 355 21.46 -1.63 0.49
CA ILE A 355 22.55 -1.17 -0.37
C ILE A 355 23.73 -2.05 -0.03
N THR A 356 23.96 -3.09 -0.83
CA THR A 356 25.07 -3.98 -0.58
C THR A 356 26.38 -3.31 -1.00
N LYS A 357 27.48 -3.90 -0.56
CA LYS A 357 28.79 -3.30 -0.77
C LYS A 357 29.16 -3.21 -2.24
N GLN A 358 28.69 -4.17 -3.05
CA GLN A 358 29.01 -4.15 -4.49
C GLN A 358 28.45 -2.92 -5.18
N GLU A 359 27.21 -2.56 -4.88
CA GLU A 359 26.59 -1.40 -5.51
C GLU A 359 27.32 -0.11 -5.13
N TYR A 360 27.69 0.02 -3.85
CA TYR A 360 28.46 1.20 -3.44
C TYR A 360 29.82 1.23 -4.11
N ASP A 361 30.48 0.07 -4.22
CA ASP A 361 31.79 0.02 -4.86
C ASP A 361 31.71 0.42 -6.32
N GLU A 362 30.68 -0.03 -7.03
CA GLU A 362 30.52 0.28 -8.44
C GLU A 362 29.87 1.65 -8.69
N ALA A 363 29.33 2.29 -7.67
CA ALA A 363 28.65 3.57 -7.84
C ALA A 363 29.24 4.71 -7.01
N GLY A 364 29.70 4.44 -5.79
CA GLY A 364 30.23 5.47 -4.94
C GLY A 364 29.19 5.99 -3.96
N PRO A 365 29.57 7.03 -3.19
CA PRO A 365 28.63 7.56 -2.19
C PRO A 365 27.38 8.18 -2.78
N SER A 366 27.36 8.49 -4.06
CA SER A 366 26.19 9.10 -4.68
C SER A 366 25.00 8.15 -4.79
N ILE A 367 25.20 6.86 -4.55
CA ILE A 367 24.11 5.89 -4.67
C ILE A 367 23.03 6.12 -3.62
N VAL A 368 23.35 6.84 -2.54
CA VAL A 368 22.36 7.12 -1.50
C VAL A 368 21.21 7.94 -2.02
N HIS A 369 21.48 8.90 -2.91
CA HIS A 369 20.45 9.79 -3.43
C HIS A 369 19.48 9.08 -4.38
N ARG A 370 19.79 7.87 -4.84
CA ARG A 370 18.89 7.11 -5.69
C ARG A 370 18.26 5.92 -4.98
N LYS A 371 19.02 5.21 -4.13
CA LYS A 371 18.48 3.99 -3.53
C LYS A 371 17.75 4.27 -2.23
N CYS A 372 18.37 5.04 -1.31
CA CYS A 372 17.76 5.26 -0.01
C CYS A 372 16.48 6.08 -0.11
N PHE A 373 16.45 7.07 -1.00
CA PHE A 373 15.28 7.92 -1.14
C PHE A 373 15.19 8.48 -2.56
N GLU B 1 -0.54 -66.57 -8.41
CA GLU B 1 0.84 -66.59 -8.86
C GLU B 1 0.97 -65.91 -10.22
N ASP B 2 -0.16 -65.78 -10.93
CA ASP B 2 -0.15 -65.14 -12.24
C ASP B 2 0.14 -63.65 -12.17
N GLY B 3 -0.04 -63.03 -11.00
CA GLY B 3 0.22 -61.61 -10.84
C GLY B 3 1.69 -61.32 -10.60
N VAL B 4 1.99 -60.04 -10.44
CA VAL B 4 3.34 -59.55 -10.20
C VAL B 4 3.32 -58.73 -8.92
N GLU B 5 4.27 -58.98 -8.03
CA GLU B 5 4.33 -58.29 -6.74
C GLU B 5 5.35 -57.17 -6.69
N ASP B 6 6.33 -57.13 -7.59
CA ASP B 6 7.36 -56.10 -7.60
C ASP B 6 7.15 -55.18 -8.80
N MET B 7 7.06 -53.88 -8.54
CA MET B 7 6.88 -52.92 -9.64
C MET B 7 8.09 -52.90 -10.56
N THR B 8 9.28 -53.18 -10.03
CA THR B 8 10.47 -53.25 -10.87
C THR B 8 10.36 -54.38 -11.88
N GLN B 9 9.79 -55.51 -11.48
CA GLN B 9 9.60 -56.63 -12.41
C GLN B 9 8.67 -56.27 -13.56
N LEU B 10 7.71 -55.35 -13.34
CA LEU B 10 6.86 -54.91 -14.42
C LEU B 10 7.65 -54.14 -15.46
N GLU B 11 7.34 -54.42 -16.74
CA GLU B 11 8.08 -53.79 -17.83
C GLU B 11 7.57 -52.37 -18.07
N ASP B 12 6.30 -52.23 -18.41
CA ASP B 12 5.68 -50.93 -18.65
C ASP B 12 4.89 -50.52 -17.41
N LEU B 13 5.21 -49.32 -16.90
CA LEU B 13 4.62 -48.82 -15.67
C LEU B 13 3.57 -47.78 -16.01
N GLN B 14 2.30 -48.08 -15.74
CA GLN B 14 1.20 -47.17 -15.93
C GLN B 14 0.34 -47.15 -14.68
N GLU B 15 -0.37 -46.04 -14.48
CA GLU B 15 -1.28 -45.94 -13.34
C GLU B 15 -2.39 -46.98 -13.43
N THR B 16 -2.93 -47.18 -14.64
CA THR B 16 -3.94 -48.22 -14.84
C THR B 16 -3.35 -49.60 -14.56
N THR B 17 -2.13 -49.85 -15.03
CA THR B 17 -1.49 -51.13 -14.76
C THR B 17 -1.27 -51.33 -13.27
N VAL B 18 -0.85 -50.28 -12.56
CA VAL B 18 -0.61 -50.38 -11.12
C VAL B 18 -1.90 -50.68 -10.39
N LEU B 19 -2.97 -49.97 -10.71
CA LEU B 19 -4.24 -50.20 -10.03
C LEU B 19 -4.78 -51.59 -10.34
N ALA B 20 -4.63 -52.04 -11.59
CA ALA B 20 -5.07 -53.39 -11.94
C ALA B 20 -4.28 -54.45 -11.20
N ASN B 21 -2.96 -54.26 -11.07
CA ASN B 21 -2.14 -55.22 -10.34
C ASN B 21 -2.53 -55.26 -8.87
N LEU B 22 -2.76 -54.10 -8.26
CA LEU B 22 -3.18 -54.08 -6.86
C LEU B 22 -4.55 -54.72 -6.67
N LYS B 23 -5.47 -54.48 -7.62
CA LYS B 23 -6.79 -55.08 -7.54
C LYS B 23 -6.73 -56.60 -7.72
N THR B 24 -5.79 -57.09 -8.54
CA THR B 24 -5.60 -58.52 -8.66
C THR B 24 -4.95 -59.09 -7.40
N ARG B 25 -4.08 -58.31 -6.76
CA ARG B 25 -3.32 -58.80 -5.61
C ARG B 25 -4.18 -58.88 -4.34
N PHE B 26 -5.08 -57.92 -4.14
CA PHE B 26 -5.71 -57.80 -2.82
C PHE B 26 -6.59 -58.99 -2.47
N GLU B 27 -7.12 -59.72 -3.46
CA GLU B 27 -7.92 -60.91 -3.13
C GLU B 27 -7.06 -61.96 -2.43
N ARG B 28 -5.85 -62.16 -2.90
CA ARG B 28 -4.91 -63.10 -2.28
C ARG B 28 -4.26 -62.53 -1.03
N ASN B 29 -4.74 -61.39 -0.54
CA ASN B 29 -4.22 -60.75 0.67
C ASN B 29 -2.74 -60.40 0.53
N LEU B 30 -2.34 -59.94 -0.66
CA LEU B 30 -1.02 -59.35 -0.88
C LEU B 30 -1.09 -57.87 -0.55
N ILE B 31 -1.19 -57.57 0.75
CA ILE B 31 -1.19 -56.19 1.20
C ILE B 31 0.14 -55.52 0.86
N TYR B 32 1.24 -56.24 1.08
CA TYR B 32 2.57 -55.70 0.86
C TYR B 32 3.03 -56.05 -0.55
N THR B 33 3.37 -55.02 -1.34
CA THR B 33 3.92 -55.19 -2.67
C THR B 33 5.17 -54.34 -2.80
N TYR B 34 6.23 -54.93 -3.35
CA TYR B 34 7.51 -54.26 -3.48
C TYR B 34 7.49 -53.29 -4.66
N ILE B 35 8.15 -52.15 -4.49
CA ILE B 35 8.40 -51.21 -5.58
C ILE B 35 9.91 -50.97 -5.58
N GLY B 36 10.65 -51.96 -5.08
CA GLY B 36 12.08 -51.82 -4.89
C GLY B 36 12.44 -51.77 -3.42
N SER B 37 13.12 -50.70 -3.00
CA SER B 37 13.39 -50.50 -1.58
C SER B 37 12.22 -49.86 -0.84
N ILE B 38 11.18 -49.44 -1.56
CA ILE B 38 9.99 -48.83 -0.98
C ILE B 38 8.86 -49.84 -0.98
N LEU B 39 8.15 -49.94 0.14
CA LEU B 39 7.05 -50.89 0.30
C LEU B 39 5.79 -50.13 0.69
N VAL B 40 4.67 -50.53 0.10
CA VAL B 40 3.38 -49.93 0.41
C VAL B 40 2.49 -50.99 1.08
N SER B 41 1.35 -50.53 1.59
CA SER B 41 0.40 -51.41 2.27
C SER B 41 -0.99 -50.83 2.15
N VAL B 42 -1.98 -51.69 2.39
CA VAL B 42 -3.39 -51.31 2.36
C VAL B 42 -4.05 -51.76 3.65
N ASN B 43 -5.19 -51.12 3.96
CA ASN B 43 -5.90 -51.42 5.19
C ASN B 43 -7.04 -52.38 4.89
N PRO B 44 -6.99 -53.62 5.39
CA PRO B 44 -8.11 -54.55 5.15
C PRO B 44 -9.37 -54.20 5.90
N TYR B 45 -9.33 -53.21 6.79
CA TYR B 45 -10.49 -52.79 7.59
C TYR B 45 -11.02 -53.93 8.45
N ARG B 46 -10.13 -54.83 8.86
CA ARG B 46 -10.51 -55.98 9.68
C ARG B 46 -9.26 -56.46 10.40
N MET B 47 -9.39 -57.57 11.12
CA MET B 47 -8.24 -58.15 11.80
C MET B 47 -7.78 -59.31 10.94
N PHE B 48 -6.51 -59.66 11.07
CA PHE B 48 -5.97 -60.75 10.28
C PHE B 48 -5.24 -61.69 11.21
N ALA B 49 -5.13 -62.95 10.83
CA ALA B 49 -4.35 -63.85 11.65
C ALA B 49 -2.96 -63.27 11.60
N ILE B 50 -2.37 -63.05 12.77
CA ILE B 50 -1.19 -62.22 12.85
C ILE B 50 0.02 -62.95 12.29
N TYR B 51 0.93 -62.22 11.66
CA TYR B 51 2.15 -62.84 11.19
C TYR B 51 2.74 -63.49 12.41
N GLY B 52 2.85 -64.82 12.42
CA GLY B 52 3.31 -65.49 13.61
C GLY B 52 4.75 -65.17 13.93
N PRO B 53 5.22 -65.70 15.07
CA PRO B 53 6.62 -65.50 15.45
C PRO B 53 7.61 -66.12 14.48
N GLU B 54 7.19 -67.09 13.67
CA GLU B 54 8.11 -67.74 12.73
C GLU B 54 8.59 -66.76 11.66
N GLN B 55 7.71 -65.84 11.23
CA GLN B 55 8.12 -64.86 10.23
C GLN B 55 9.25 -63.97 10.74
N VAL B 56 9.35 -63.78 12.05
CA VAL B 56 10.42 -62.98 12.62
C VAL B 56 11.75 -63.70 12.53
N GLN B 57 11.75 -65.03 12.71
CA GLN B 57 12.98 -65.79 12.92
C GLN B 57 13.58 -66.32 11.63
N GLN B 58 12.87 -67.19 10.90
CA GLN B 58 13.47 -67.84 9.74
C GLN B 58 13.38 -67.00 8.46
N TYR B 59 12.65 -65.90 8.49
CA TYR B 59 12.56 -65.01 7.33
C TYR B 59 13.50 -63.82 7.44
N SER B 60 14.37 -63.79 8.44
CA SER B 60 15.32 -62.70 8.60
C SER B 60 16.57 -62.96 7.77
N GLY B 61 17.47 -61.97 7.76
CA GLY B 61 18.70 -62.11 6.99
C GLY B 61 18.42 -61.94 5.51
N ARG B 62 19.14 -62.71 4.70
CA ARG B 62 18.98 -62.67 3.25
C ARG B 62 17.65 -63.26 2.79
N ALA B 63 16.99 -64.07 3.62
CA ALA B 63 15.76 -64.74 3.21
C ALA B 63 14.63 -63.78 2.90
N LEU B 64 14.70 -62.53 3.37
CA LEU B 64 13.64 -61.57 3.07
C LEU B 64 13.59 -61.23 1.59
N GLY B 65 14.73 -61.29 0.90
CA GLY B 65 14.74 -60.99 -0.52
C GLY B 65 13.92 -61.98 -1.33
N GLU B 66 14.05 -63.27 -1.01
CA GLU B 66 13.27 -64.31 -1.69
C GLU B 66 11.90 -64.52 -1.08
N ASN B 67 11.62 -63.93 0.09
CA ASN B 67 10.34 -64.08 0.74
C ASN B 67 9.30 -63.15 0.11
N PRO B 68 8.03 -63.52 0.17
CA PRO B 68 6.99 -62.58 -0.23
C PRO B 68 7.02 -61.34 0.64
N PRO B 69 6.64 -60.19 0.11
CA PRO B 69 6.75 -58.94 0.89
C PRO B 69 5.94 -59.01 2.18
N HIS B 70 6.53 -58.48 3.24
CA HIS B 70 5.89 -58.46 4.54
C HIS B 70 6.48 -57.33 5.38
N LEU B 71 5.76 -56.99 6.45
CA LEU B 71 6.17 -55.86 7.29
C LEU B 71 7.50 -56.14 7.98
N PHE B 72 7.73 -57.38 8.40
CA PHE B 72 8.95 -57.72 9.13
C PHE B 72 10.20 -57.63 8.26
N ALA B 73 10.04 -57.67 6.93
CA ALA B 73 11.20 -57.68 6.04
C ALA B 73 11.99 -56.38 6.14
N ILE B 74 11.30 -55.25 6.21
CA ILE B 74 11.98 -53.96 6.26
C ILE B 74 12.76 -53.82 7.56
N ALA B 75 12.16 -54.28 8.67
CA ALA B 75 12.88 -54.24 9.95
C ALA B 75 14.09 -55.16 9.93
N ASN B 76 13.95 -56.35 9.36
CA ASN B 76 15.07 -57.27 9.27
C ASN B 76 16.20 -56.71 8.43
N LEU B 77 15.87 -56.09 7.30
CA LEU B 77 16.88 -55.46 6.46
C LEU B 77 17.51 -54.25 7.16
N ALA B 78 16.72 -53.50 7.92
CA ALA B 78 17.28 -52.38 8.68
C ALA B 78 18.28 -52.88 9.72
N PHE B 79 17.96 -53.97 10.41
CA PHE B 79 18.91 -54.53 11.38
C PHE B 79 20.15 -55.08 10.68
N ALA B 80 19.97 -55.68 9.50
CA ALA B 80 21.13 -56.15 8.73
C ALA B 80 22.04 -54.98 8.36
N LYS B 81 21.45 -53.86 7.95
CA LYS B 81 22.25 -52.68 7.64
C LYS B 81 22.89 -52.10 8.89
N MET B 82 22.22 -52.20 10.04
CA MET B 82 22.84 -51.82 11.31
C MET B 82 24.11 -52.62 11.55
N LEU B 83 24.03 -53.94 11.36
CA LEU B 83 25.19 -54.79 11.58
C LEU B 83 26.28 -54.53 10.55
N ASP B 84 25.90 -54.27 9.30
CA ASP B 84 26.87 -54.14 8.21
C ASP B 84 27.56 -52.78 8.18
N ALA B 85 26.89 -51.70 8.59
CA ALA B 85 27.43 -50.36 8.45
C ALA B 85 27.76 -49.69 9.77
N LYS B 86 27.20 -50.16 10.88
CA LYS B 86 27.45 -49.58 12.20
C LYS B 86 27.12 -48.08 12.23
N GLN B 87 26.02 -47.72 11.56
CA GLN B 87 25.54 -46.35 11.53
C GLN B 87 24.05 -46.34 11.79
N ASN B 88 23.55 -45.23 12.31
CA ASN B 88 22.13 -45.11 12.61
C ASN B 88 21.32 -44.80 11.36
N GLN B 89 20.10 -45.33 11.30
CA GLN B 89 19.20 -45.10 10.19
C GLN B 89 17.81 -44.82 10.73
N CYS B 90 16.85 -44.69 9.83
CA CYS B 90 15.47 -44.36 10.19
C CYS B 90 14.49 -45.14 9.35
N VAL B 91 13.28 -45.30 9.88
CA VAL B 91 12.16 -45.88 9.16
C VAL B 91 10.98 -44.93 9.27
N ILE B 92 10.50 -44.43 8.14
CA ILE B 92 9.44 -43.43 8.11
C ILE B 92 8.18 -44.06 7.54
N ILE B 93 7.08 -43.93 8.27
CA ILE B 93 5.77 -44.44 7.85
C ILE B 93 4.85 -43.25 7.60
N SER B 94 4.11 -43.30 6.52
CA SER B 94 3.18 -42.25 6.13
C SER B 94 1.77 -42.82 6.00
N GLY B 95 0.85 -41.99 5.54
CA GLY B 95 -0.53 -42.38 5.33
C GLY B 95 -1.48 -41.45 6.07
N GLU B 96 -2.76 -41.69 5.84
CA GLU B 96 -3.84 -40.90 6.44
C GLU B 96 -4.34 -41.56 7.71
N SER B 97 -5.19 -40.83 8.44
CA SER B 97 -5.80 -41.37 9.63
C SER B 97 -6.76 -42.50 9.27
N GLY B 98 -6.81 -43.53 10.12
CA GLY B 98 -7.63 -44.69 9.87
C GLY B 98 -7.01 -45.73 8.97
N SER B 99 -5.78 -45.52 8.51
CA SER B 99 -5.09 -46.46 7.65
C SER B 99 -4.29 -47.49 8.43
N GLY B 100 -4.37 -47.48 9.76
CA GLY B 100 -3.63 -48.43 10.57
C GLY B 100 -2.17 -48.11 10.76
N LYS B 101 -1.76 -46.86 10.53
CA LYS B 101 -0.37 -46.49 10.69
C LYS B 101 0.10 -46.64 12.14
N THR B 102 -0.75 -46.25 13.10
CA THR B 102 -0.40 -46.43 14.51
C THR B 102 -0.29 -47.92 14.84
N GLU B 103 -1.25 -48.72 14.36
CA GLU B 103 -1.18 -50.16 14.57
C GLU B 103 0.02 -50.78 13.86
N ALA B 104 0.36 -50.27 12.68
CA ALA B 104 1.54 -50.76 11.98
C ALA B 104 2.81 -50.45 12.76
N THR B 105 2.89 -49.25 13.35
CA THR B 105 4.05 -48.91 14.17
C THR B 105 4.12 -49.80 15.41
N LYS B 106 2.96 -50.07 16.03
CA LYS B 106 2.96 -50.97 17.19
C LYS B 106 3.41 -52.37 16.79
N LEU B 107 2.97 -52.85 15.63
CA LEU B 107 3.36 -54.18 15.16
C LEU B 107 4.86 -54.24 14.87
N ILE B 108 5.40 -53.22 14.22
CA ILE B 108 6.84 -53.23 13.94
C ILE B 108 7.63 -53.11 15.23
N LEU B 109 7.11 -52.38 16.22
CA LEU B 109 7.78 -52.26 17.51
C LEU B 109 7.82 -53.60 18.23
N ARG B 110 6.69 -54.31 18.26
CA ARG B 110 6.69 -55.62 18.92
C ARG B 110 7.53 -56.63 18.14
N CYS B 111 7.61 -56.47 16.81
CA CYS B 111 8.48 -57.33 16.02
C CYS B 111 9.94 -57.10 16.38
N LEU B 112 10.38 -55.85 16.43
CA LEU B 112 11.78 -55.58 16.78
C LEU B 112 12.05 -55.87 18.25
N ALA B 113 11.01 -55.91 19.08
CA ALA B 113 11.20 -56.31 20.47
C ALA B 113 11.35 -57.83 20.60
N ALA B 114 10.62 -58.60 19.79
CA ALA B 114 10.64 -60.05 19.90
C ALA B 114 11.71 -60.71 19.06
N MET B 115 12.50 -59.94 18.29
CA MET B 115 13.51 -60.55 17.43
C MET B 115 14.68 -61.13 18.21
N ASN B 116 14.83 -60.77 19.48
CA ASN B 116 15.93 -61.24 20.30
C ASN B 116 15.41 -62.03 21.49
N GLN B 117 16.34 -62.58 22.27
CA GLN B 117 16.01 -63.36 23.46
C GLN B 117 15.83 -62.49 24.69
N ARG B 118 15.98 -61.17 24.58
CA ARG B 118 15.81 -60.25 25.69
C ARG B 118 14.35 -59.85 25.90
N ARG B 119 13.41 -60.64 25.41
CA ARG B 119 11.99 -60.34 25.58
C ARG B 119 11.52 -60.43 27.03
N ASP B 120 12.32 -61.01 27.92
CA ASP B 120 11.97 -61.14 29.33
C ASP B 120 12.23 -59.87 30.13
N VAL B 121 12.46 -58.74 29.46
CA VAL B 121 12.76 -57.47 30.13
C VAL B 121 11.55 -56.56 29.96
N MET B 122 11.11 -55.95 31.06
CA MET B 122 9.87 -55.18 31.05
C MET B 122 10.01 -53.86 30.30
N GLN B 123 11.23 -53.32 30.16
CA GLN B 123 11.40 -52.03 29.50
C GLN B 123 10.95 -52.05 28.04
N GLN B 124 10.95 -53.22 27.40
CA GLN B 124 10.46 -53.34 26.03
C GLN B 124 8.96 -53.10 25.92
N ILE B 125 8.22 -53.28 27.01
CA ILE B 125 6.78 -53.05 27.02
C ILE B 125 6.41 -51.72 27.68
N LYS B 126 7.26 -51.19 28.55
CA LYS B 126 6.96 -49.91 29.20
C LYS B 126 6.91 -48.77 28.19
N ILE B 127 7.66 -48.86 27.09
CA ILE B 127 7.57 -47.86 26.04
C ILE B 127 6.21 -47.94 25.35
N LEU B 128 5.70 -49.16 25.16
CA LEU B 128 4.40 -49.32 24.52
C LEU B 128 3.23 -48.95 25.43
N GLU B 129 3.37 -49.10 26.74
CA GLU B 129 2.27 -48.76 27.65
C GLU B 129 2.21 -47.26 27.92
N ALA B 130 3.24 -46.50 27.56
CA ALA B 130 3.23 -45.06 27.69
C ALA B 130 2.80 -44.39 26.38
N THR B 131 2.35 -45.22 25.44
CA THR B 131 1.92 -44.74 24.13
C THR B 131 0.54 -44.09 24.18
N PRO B 132 -0.49 -44.69 24.77
CA PRO B 132 -1.85 -44.12 24.62
C PRO B 132 -1.97 -42.67 25.04
N LEU B 133 -1.09 -42.19 25.91
CA LEU B 133 -1.14 -40.80 26.31
C LEU B 133 -0.86 -39.91 25.11
N LEU B 134 0.05 -40.35 24.23
CA LEU B 134 0.48 -39.53 23.10
C LEU B 134 -0.66 -39.30 22.10
N GLU B 135 -1.35 -40.38 21.69
CA GLU B 135 -2.45 -40.16 20.75
C GLU B 135 -3.70 -39.65 21.46
N ALA B 136 -3.78 -39.83 22.79
CA ALA B 136 -4.79 -39.07 23.53
C ALA B 136 -4.55 -37.56 23.47
N PHE B 137 -3.30 -37.12 23.61
CA PHE B 137 -2.92 -35.72 23.44
C PHE B 137 -2.91 -35.28 21.98
N GLY B 138 -2.96 -36.22 21.04
CA GLY B 138 -2.75 -35.87 19.65
C GLY B 138 -3.91 -36.04 18.71
N ASN B 139 -4.96 -36.74 19.14
CA ASN B 139 -6.12 -36.99 18.28
C ASN B 139 -7.20 -35.96 18.52
N ALA B 140 -7.71 -35.38 17.43
CA ALA B 140 -8.85 -34.49 17.46
C ALA B 140 -9.79 -34.85 16.33
N LYS B 141 -11.07 -34.51 16.50
CA LYS B 141 -12.07 -34.83 15.49
C LYS B 141 -11.78 -34.08 14.20
N THR B 142 -11.87 -34.79 13.08
CA THR B 142 -11.63 -34.23 11.75
C THR B 142 -12.72 -34.69 10.82
N VAL B 143 -12.99 -33.89 9.79
CA VAL B 143 -14.05 -34.19 8.84
C VAL B 143 -13.83 -35.52 8.13
N ARG B 144 -12.58 -35.94 7.96
CA ARG B 144 -12.29 -37.21 7.34
C ARG B 144 -12.24 -38.37 8.33
N ASN B 145 -11.86 -38.10 9.58
CA ASN B 145 -11.76 -39.15 10.59
C ASN B 145 -11.91 -38.52 11.96
N ASP B 146 -12.75 -39.15 12.81
CA ASP B 146 -12.92 -38.66 14.17
C ASP B 146 -11.67 -38.88 15.03
N ASN B 147 -10.82 -39.82 14.65
CA ASN B 147 -9.58 -40.12 15.37
C ASN B 147 -8.43 -39.86 14.39
N SER B 148 -7.98 -38.61 14.33
CA SER B 148 -6.92 -38.19 13.42
C SER B 148 -5.78 -37.60 14.22
N SER B 149 -4.57 -38.11 14.00
CA SER B 149 -3.38 -37.60 14.68
C SER B 149 -2.93 -36.30 14.02
N ARG B 150 -2.88 -35.23 14.80
CA ARG B 150 -2.48 -33.91 14.30
C ARG B 150 -1.13 -33.49 14.84
N PHE B 151 -0.20 -34.43 14.96
CA PHE B 151 1.14 -34.12 15.46
C PHE B 151 2.13 -35.10 14.85
N GLY B 152 3.40 -34.69 14.83
CA GLY B 152 4.48 -35.53 14.33
C GLY B 152 5.12 -36.30 15.47
N LYS B 153 5.21 -37.61 15.29
CA LYS B 153 5.74 -38.51 16.32
C LYS B 153 7.10 -39.04 15.89
N PHE B 154 8.08 -38.92 16.78
CA PHE B 154 9.43 -39.39 16.51
C PHE B 154 9.90 -40.23 17.69
N VAL B 155 10.34 -41.45 17.42
CA VAL B 155 10.83 -42.36 18.44
C VAL B 155 12.20 -42.88 18.01
N GLU B 156 13.16 -42.85 18.93
CA GLU B 156 14.54 -43.22 18.66
C GLU B 156 14.99 -44.20 19.73
N ILE B 157 15.08 -45.48 19.36
CA ILE B 157 15.37 -46.56 20.30
C ILE B 157 16.74 -47.13 19.98
N PHE B 158 17.61 -47.18 20.98
CA PHE B 158 18.95 -47.72 20.80
C PHE B 158 18.93 -49.24 20.90
N LEU B 159 19.65 -49.90 19.98
CA LEU B 159 19.79 -51.35 19.97
C LEU B 159 21.26 -51.68 19.79
N GLU B 160 21.89 -52.19 20.85
CA GLU B 160 23.31 -52.57 20.82
C GLU B 160 23.41 -54.08 20.70
N GLY B 161 23.72 -54.56 19.50
CA GLY B 161 23.86 -55.99 19.27
C GLY B 161 22.59 -56.76 19.52
N GLY B 162 21.43 -56.18 19.19
CA GLY B 162 20.15 -56.80 19.44
C GLY B 162 19.55 -56.50 20.79
N VAL B 163 20.32 -55.97 21.73
CA VAL B 163 19.80 -55.62 23.05
C VAL B 163 19.17 -54.24 22.98
N ILE B 164 17.88 -54.17 23.27
CA ILE B 164 17.14 -52.90 23.19
C ILE B 164 17.51 -52.02 24.38
N CYS B 165 18.21 -50.92 24.10
CA CYS B 165 18.59 -49.96 25.13
C CYS B 165 17.46 -48.96 25.34
N GLY B 166 17.76 -47.83 25.98
CA GLY B 166 16.74 -46.84 26.26
C GLY B 166 16.15 -46.24 25.00
N ALA B 167 14.89 -45.85 25.10
CA ALA B 167 14.14 -45.29 23.97
C ALA B 167 13.84 -43.83 24.24
N ILE B 168 14.12 -42.98 23.26
CA ILE B 168 13.88 -41.54 23.34
C ILE B 168 12.81 -41.18 22.33
N THR B 169 11.72 -40.59 22.81
CA THR B 169 10.63 -40.15 21.97
C THR B 169 10.58 -38.62 21.93
N SER B 170 10.20 -38.09 20.77
CA SER B 170 10.16 -36.65 20.58
C SER B 170 9.07 -36.30 19.59
N GLN B 171 8.65 -35.04 19.64
CA GLN B 171 7.62 -34.51 18.75
C GLN B 171 8.18 -33.28 18.02
N TYR B 172 7.84 -33.16 16.74
CA TYR B 172 8.34 -32.08 15.91
C TYR B 172 7.24 -31.13 15.47
N LEU B 173 6.18 -31.63 14.85
CA LEU B 173 5.10 -30.80 14.34
C LEU B 173 3.88 -30.91 15.26
N LEU B 174 3.23 -29.77 15.51
CA LEU B 174 2.03 -29.74 16.33
C LEU B 174 1.17 -28.56 15.87
N GLU B 175 -0.13 -28.82 15.66
CA GLU B 175 -1.05 -27.79 15.21
C GLU B 175 -1.46 -26.93 16.41
N LYS B 176 -0.60 -25.97 16.73
CA LYS B 176 -0.86 -25.06 17.84
C LYS B 176 -2.07 -24.17 17.60
N SER B 177 -2.45 -23.97 16.33
CA SER B 177 -3.63 -23.15 16.04
C SER B 177 -4.93 -23.86 16.40
N ARG B 178 -4.94 -25.19 16.36
CA ARG B 178 -6.14 -25.94 16.72
C ARG B 178 -6.49 -25.82 18.20
N ILE B 179 -5.56 -25.38 19.04
CA ILE B 179 -5.84 -25.20 20.46
C ILE B 179 -6.91 -24.12 20.66
N VAL B 180 -6.80 -23.03 19.92
CA VAL B 180 -7.71 -21.90 20.09
C VAL B 180 -8.79 -21.83 19.02
N PHE B 181 -8.52 -22.26 17.79
CA PHE B 181 -9.48 -22.14 16.70
C PHE B 181 -9.70 -23.50 16.07
N GLN B 182 -10.96 -23.82 15.80
CA GLN B 182 -11.34 -25.08 15.18
C GLN B 182 -12.22 -24.82 13.96
N ALA B 183 -12.09 -25.69 12.96
CA ALA B 183 -12.92 -25.59 11.78
C ALA B 183 -14.37 -25.96 12.10
N LYS B 184 -15.26 -25.67 11.16
CA LYS B 184 -16.67 -25.99 11.34
C LYS B 184 -16.85 -27.50 11.45
N ASN B 185 -17.73 -27.91 12.37
CA ASN B 185 -18.02 -29.33 12.61
C ASN B 185 -16.76 -30.11 12.95
N GLU B 186 -15.89 -29.50 13.76
CA GLU B 186 -14.68 -30.16 14.23
C GLU B 186 -14.47 -29.85 15.70
N ARG B 187 -13.77 -30.74 16.38
CA ARG B 187 -13.55 -30.64 17.82
C ARG B 187 -12.09 -30.32 18.12
N ASN B 188 -11.84 -29.97 19.39
CA ASN B 188 -10.49 -29.80 19.89
C ASN B 188 -9.91 -31.17 20.23
N TYR B 189 -8.78 -31.18 20.93
CA TYR B 189 -8.20 -32.44 21.38
C TYR B 189 -9.13 -33.10 22.39
N HIS B 190 -9.13 -34.44 22.37
CA HIS B 190 -10.09 -35.20 23.18
C HIS B 190 -9.88 -35.02 24.68
N ILE B 191 -8.69 -34.58 25.10
CA ILE B 191 -8.41 -34.49 26.53
C ILE B 191 -9.26 -33.41 27.19
N PHE B 192 -9.56 -32.33 26.45
CA PHE B 192 -10.39 -31.28 27.04
C PHE B 192 -11.79 -31.79 27.35
N TYR B 193 -12.33 -32.66 26.50
CA TYR B 193 -13.64 -33.25 26.78
C TYR B 193 -13.53 -34.35 27.83
N GLU B 194 -12.41 -35.07 27.85
CA GLU B 194 -12.23 -36.13 28.84
C GLU B 194 -12.12 -35.56 30.25
N LEU B 195 -11.49 -34.40 30.40
CA LEU B 195 -11.47 -33.73 31.71
C LEU B 195 -12.88 -33.36 32.16
N LEU B 196 -13.72 -32.90 31.23
CA LEU B 196 -15.12 -32.64 31.56
C LEU B 196 -15.82 -33.92 31.99
N ALA B 197 -15.59 -35.02 31.27
CA ALA B 197 -16.35 -36.24 31.50
C ALA B 197 -15.95 -36.94 32.79
N GLY B 198 -14.65 -37.20 32.96
CA GLY B 198 -14.18 -38.06 34.03
C GLY B 198 -13.74 -37.39 35.32
N LEU B 199 -13.78 -36.07 35.41
CA LEU B 199 -13.35 -35.40 36.63
C LEU B 199 -14.34 -35.68 37.76
N PRO B 200 -13.84 -35.85 38.98
CA PRO B 200 -14.73 -35.99 40.14
C PRO B 200 -15.57 -34.74 40.36
N ALA B 201 -16.74 -34.93 40.96
CA ALA B 201 -17.67 -33.82 41.16
C ALA B 201 -17.07 -32.75 42.07
N GLN B 202 -16.38 -33.16 43.14
CA GLN B 202 -15.78 -32.18 44.04
C GLN B 202 -14.72 -31.34 43.34
N LEU B 203 -13.88 -31.98 42.51
CA LEU B 203 -12.90 -31.22 41.75
C LEU B 203 -13.56 -30.34 40.71
N ARG B 204 -14.66 -30.81 40.11
CA ARG B 204 -15.38 -30.00 39.15
C ARG B 204 -15.94 -28.74 39.79
N GLN B 205 -16.54 -28.87 40.98
CA GLN B 205 -17.10 -27.70 41.64
C GLN B 205 -16.01 -26.81 42.24
N ALA B 206 -14.84 -27.38 42.56
CA ALA B 206 -13.73 -26.56 43.04
C ALA B 206 -13.08 -25.78 41.91
N PHE B 207 -13.10 -26.32 40.69
CA PHE B 207 -12.49 -25.67 39.54
C PHE B 207 -13.50 -24.99 38.62
N SER B 208 -14.79 -25.23 38.84
CA SER B 208 -15.86 -24.68 38.01
C SER B 208 -15.65 -25.04 36.53
N LEU B 209 -15.66 -26.35 36.27
CA LEU B 209 -15.41 -26.88 34.94
C LEU B 209 -16.65 -27.48 34.29
N GLN B 210 -17.83 -26.92 34.56
CA GLN B 210 -19.07 -27.40 33.98
C GLN B 210 -19.56 -26.53 32.82
N GLU B 211 -18.73 -25.61 32.33
CA GLU B 211 -19.12 -24.64 31.31
C GLU B 211 -18.57 -24.99 29.93
N ALA B 212 -18.56 -26.28 29.57
CA ALA B 212 -18.05 -26.68 28.27
C ALA B 212 -18.85 -26.04 27.14
N GLU B 213 -20.18 -25.98 27.28
CA GLU B 213 -21.00 -25.28 26.30
C GLU B 213 -20.74 -23.78 26.29
N THR B 214 -20.12 -23.24 27.32
CA THR B 214 -19.77 -21.83 27.38
C THR B 214 -18.32 -21.55 26.98
N TYR B 215 -17.43 -22.53 27.15
CA TYR B 215 -16.02 -22.33 26.82
C TYR B 215 -15.86 -22.01 25.34
N TYR B 216 -15.24 -20.86 25.05
CA TYR B 216 -15.07 -20.42 23.67
C TYR B 216 -14.13 -21.35 22.90
N TYR B 217 -13.23 -22.05 23.60
CA TYR B 217 -12.22 -22.86 22.94
C TYR B 217 -12.71 -24.26 22.59
N LEU B 218 -13.96 -24.59 22.89
CA LEU B 218 -14.47 -25.94 22.64
C LEU B 218 -15.71 -25.94 21.77
N ASN B 219 -16.44 -24.82 21.75
CA ASN B 219 -17.70 -24.72 21.03
C ASN B 219 -17.53 -24.11 19.64
N GLN B 220 -16.30 -23.94 19.17
CA GLN B 220 -16.09 -23.35 17.85
C GLN B 220 -16.70 -24.21 16.76
N GLY B 221 -16.53 -25.52 16.83
CA GLY B 221 -17.12 -26.41 15.85
C GLY B 221 -18.60 -26.66 16.05
N GLY B 222 -19.15 -26.31 17.21
CA GLY B 222 -20.55 -26.54 17.47
C GLY B 222 -20.95 -27.99 17.56
N ASN B 223 -20.00 -28.88 17.89
CA ASN B 223 -20.24 -30.32 17.93
C ASN B 223 -19.55 -30.88 19.16
N CYS B 224 -20.29 -31.02 20.25
CA CYS B 224 -19.78 -31.59 21.49
C CYS B 224 -20.52 -32.86 21.90
N GLU B 225 -21.48 -33.32 21.10
CA GLU B 225 -22.23 -34.52 21.42
C GLU B 225 -21.46 -35.80 21.19
N ILE B 226 -20.38 -35.77 20.40
CA ILE B 226 -19.54 -36.95 20.21
C ILE B 226 -18.67 -37.23 21.41
N ALA B 227 -18.56 -36.29 22.35
CA ALA B 227 -17.75 -36.47 23.54
C ALA B 227 -18.31 -37.55 24.47
N GLY B 228 -19.53 -38.01 24.25
CA GLY B 228 -20.11 -39.06 25.06
C GLY B 228 -19.77 -40.48 24.62
N LYS B 229 -18.93 -40.64 23.59
CA LYS B 229 -18.59 -41.96 23.06
C LYS B 229 -17.44 -42.56 23.88
N SER B 230 -17.81 -43.03 25.08
CA SER B 230 -16.89 -43.75 25.97
C SER B 230 -15.66 -42.91 26.32
N ASP B 231 -15.82 -41.59 26.39
CA ASP B 231 -14.70 -40.73 26.76
C ASP B 231 -14.39 -40.77 28.25
N ALA B 232 -15.39 -41.02 29.10
CA ALA B 232 -15.12 -41.20 30.52
C ALA B 232 -14.32 -42.46 30.77
N ASP B 233 -14.66 -43.54 30.07
CA ASP B 233 -13.89 -44.78 30.18
C ASP B 233 -12.47 -44.58 29.66
N ASP B 234 -12.32 -43.84 28.56
CA ASP B 234 -11.00 -43.53 28.04
C ASP B 234 -10.21 -42.69 29.04
N PHE B 235 -10.86 -41.75 29.70
CA PHE B 235 -10.21 -40.95 30.74
C PHE B 235 -9.72 -41.83 31.88
N ARG B 236 -10.57 -42.74 32.36
CA ARG B 236 -10.17 -43.63 33.44
C ARG B 236 -9.02 -44.53 33.02
N ARG B 237 -9.07 -45.06 31.79
CA ARG B 237 -7.99 -45.90 31.28
C ARG B 237 -6.69 -45.12 31.18
N LEU B 238 -6.77 -43.87 30.71
CA LEU B 238 -5.57 -43.04 30.58
C LEU B 238 -4.95 -42.74 31.94
N LEU B 239 -5.81 -42.42 32.92
CA LEU B 239 -5.29 -42.19 34.27
C LEU B 239 -4.66 -43.44 34.85
N ALA B 240 -5.27 -44.61 34.63
CA ALA B 240 -4.67 -45.85 35.11
C ALA B 240 -3.31 -46.08 34.46
N ALA B 241 -3.23 -45.89 33.15
CA ALA B 241 -1.98 -46.11 32.44
C ALA B 241 -0.88 -45.15 32.87
N MET B 242 -1.24 -43.88 33.11
CA MET B 242 -0.22 -42.92 33.52
C MET B 242 0.15 -43.09 34.98
N GLU B 243 -0.76 -43.67 35.79
CA GLU B 243 -0.39 -44.04 37.15
C GLU B 243 0.52 -45.25 37.16
N VAL B 244 0.41 -46.10 36.13
CA VAL B 244 1.37 -47.19 35.97
C VAL B 244 2.78 -46.63 35.82
N LEU B 245 2.91 -45.51 35.12
CA LEU B 245 4.19 -44.82 34.98
C LEU B 245 4.70 -44.25 36.30
N GLY B 246 3.86 -44.17 37.32
CA GLY B 246 4.28 -43.63 38.61
C GLY B 246 4.16 -42.13 38.74
N PHE B 247 3.33 -41.49 37.92
CA PHE B 247 3.18 -40.04 37.97
C PHE B 247 2.40 -39.65 39.22
N THR B 248 2.99 -38.77 40.04
CA THR B 248 2.45 -38.49 41.36
C THR B 248 1.11 -37.77 41.27
N SER B 249 0.26 -38.01 42.28
CA SER B 249 -1.09 -37.48 42.28
C SER B 249 -1.10 -35.96 42.34
N GLU B 250 -0.19 -35.37 43.10
CA GLU B 250 -0.12 -33.91 43.17
C GLU B 250 0.22 -33.31 41.81
N ASP B 251 1.11 -33.97 41.07
CA ASP B 251 1.42 -33.49 39.72
C ASP B 251 0.22 -33.66 38.79
N GLN B 252 -0.58 -34.70 38.99
CA GLN B 252 -1.82 -34.84 38.23
C GLN B 252 -2.78 -33.69 38.53
N ASP B 253 -2.89 -33.32 39.81
CA ASP B 253 -3.73 -32.18 40.18
C ASP B 253 -3.21 -30.90 39.56
N SER B 254 -1.89 -30.72 39.53
CA SER B 254 -1.31 -29.55 38.88
C SER B 254 -1.63 -29.54 37.39
N ILE B 255 -1.53 -30.69 36.73
CA ILE B 255 -1.85 -30.77 35.31
C ILE B 255 -3.31 -30.41 35.07
N PHE B 256 -4.21 -30.92 35.92
CA PHE B 256 -5.62 -30.60 35.80
C PHE B 256 -5.87 -29.12 36.00
N ARG B 257 -5.17 -28.51 36.97
CA ARG B 257 -5.31 -27.08 37.20
C ARG B 257 -4.86 -26.26 35.99
N ILE B 258 -3.73 -26.65 35.39
CA ILE B 258 -3.24 -25.92 34.23
C ILE B 258 -4.20 -26.06 33.06
N LEU B 259 -4.73 -27.26 32.84
CA LEU B 259 -5.70 -27.46 31.77
C LEU B 259 -6.98 -26.66 32.01
N ALA B 260 -7.43 -26.61 33.27
CA ALA B 260 -8.62 -25.82 33.60
C ALA B 260 -8.37 -24.34 33.35
N SER B 261 -7.17 -23.86 33.70
CA SER B 261 -6.84 -22.46 33.43
C SER B 261 -6.79 -22.19 31.93
N ILE B 262 -6.24 -23.11 31.15
CA ILE B 262 -6.19 -22.94 29.71
C ILE B 262 -7.61 -22.86 29.14
N LEU B 263 -8.50 -23.74 29.60
CA LEU B 263 -9.89 -23.69 29.16
C LEU B 263 -10.57 -22.40 29.59
N HIS B 264 -10.32 -21.93 30.81
CA HIS B 264 -10.95 -20.71 31.30
C HIS B 264 -10.42 -19.47 30.60
N LEU B 265 -9.22 -19.56 30.03
CA LEU B 265 -8.66 -18.42 29.30
C LEU B 265 -9.56 -18.01 28.13
N GLY B 266 -10.32 -18.95 27.58
CA GLY B 266 -11.28 -18.62 26.54
C GLY B 266 -12.48 -17.84 27.03
N ASN B 267 -12.69 -17.78 28.34
CA ASN B 267 -13.80 -17.02 28.91
C ASN B 267 -13.45 -15.55 29.14
N VAL B 268 -12.22 -15.14 28.82
CA VAL B 268 -11.86 -13.74 28.96
C VAL B 268 -12.47 -12.96 27.81
N TYR B 269 -13.20 -11.90 28.13
CA TYR B 269 -13.89 -11.07 27.14
C TYR B 269 -13.22 -9.71 27.07
N PHE B 270 -12.93 -9.26 25.85
CA PHE B 270 -12.35 -7.95 25.61
C PHE B 270 -13.33 -7.08 24.84
N GLU B 271 -13.42 -5.81 25.23
CA GLU B 271 -14.37 -4.89 24.64
C GLU B 271 -13.70 -3.54 24.38
N LYS B 272 -14.29 -2.78 23.46
CA LYS B 272 -13.71 -1.53 22.98
C LYS B 272 -14.08 -0.43 23.96
N HIS B 273 -13.15 -0.09 24.86
CA HIS B 273 -13.36 0.93 25.87
C HIS B 273 -12.46 2.12 25.60
N GLU B 274 -13.05 3.30 25.46
CA GLU B 274 -12.32 4.53 25.19
C GLU B 274 -11.58 4.95 26.45
N THR B 275 -10.26 4.69 26.48
CA THR B 275 -9.48 5.02 27.66
C THR B 275 -9.01 6.46 27.65
N ASP B 276 -8.14 6.81 26.71
CA ASP B 276 -7.58 8.16 26.65
C ASP B 276 -7.93 8.88 25.34
N ALA B 277 -7.64 8.27 24.19
CA ALA B 277 -7.90 8.92 22.91
C ALA B 277 -8.57 7.94 21.94
N GLN B 278 -8.48 6.65 22.24
CA GLN B 278 -9.07 5.62 21.39
C GLN B 278 -9.54 4.47 22.28
N GLU B 279 -10.47 3.68 21.73
CA GLU B 279 -10.94 2.51 22.44
C GLU B 279 -9.84 1.46 22.48
N VAL B 280 -9.53 0.95 23.66
CA VAL B 280 -8.34 0.12 23.85
C VAL B 280 -8.70 -1.29 24.30
N ALA B 281 -9.25 -1.41 25.51
CA ALA B 281 -9.50 -2.73 26.09
C ALA B 281 -10.32 -2.57 27.36
N SER B 282 -11.11 -3.61 27.64
CA SER B 282 -11.88 -3.68 28.88
C SER B 282 -12.25 -5.14 29.12
N VAL B 283 -12.61 -5.44 30.37
CA VAL B 283 -13.02 -6.77 30.79
C VAL B 283 -14.39 -6.67 31.45
N VAL B 284 -15.31 -7.55 31.05
CA VAL B 284 -16.64 -7.54 31.65
C VAL B 284 -16.57 -7.93 33.12
N SER B 285 -15.85 -9.01 33.43
CA SER B 285 -15.74 -9.50 34.80
C SER B 285 -14.35 -10.07 35.02
N ALA B 286 -13.76 -9.74 36.17
CA ALA B 286 -12.47 -10.27 36.55
C ALA B 286 -12.56 -11.61 37.26
N ARG B 287 -13.78 -12.14 37.45
CA ARG B 287 -13.93 -13.42 38.12
C ARG B 287 -13.23 -14.54 37.36
N GLU B 288 -13.38 -14.57 36.03
CA GLU B 288 -12.65 -15.54 35.23
C GLU B 288 -11.14 -15.30 35.32
N ILE B 289 -10.72 -14.03 35.31
CA ILE B 289 -9.30 -13.71 35.44
C ILE B 289 -8.78 -14.17 36.80
N GLN B 290 -9.55 -13.92 37.86
CA GLN B 290 -9.13 -14.35 39.19
C GLN B 290 -9.05 -15.87 39.28
N ALA B 291 -10.01 -16.57 38.67
CA ALA B 291 -9.98 -18.03 38.67
C ALA B 291 -8.76 -18.55 37.92
N VAL B 292 -8.44 -17.94 36.77
CA VAL B 292 -7.27 -18.33 36.02
C VAL B 292 -6.01 -18.11 36.84
N ALA B 293 -5.91 -16.96 37.52
CA ALA B 293 -4.75 -16.67 38.34
C ALA B 293 -4.62 -17.65 39.50
N GLU B 294 -5.74 -17.98 40.16
CA GLU B 294 -5.69 -18.87 41.31
C GLU B 294 -5.41 -20.31 40.90
N LEU B 295 -5.81 -20.71 39.69
CA LEU B 295 -5.53 -22.07 39.24
C LEU B 295 -4.03 -22.32 39.13
N LEU B 296 -3.29 -21.35 38.62
CA LEU B 296 -1.83 -21.40 38.59
C LEU B 296 -1.18 -20.72 39.79
N GLN B 297 -1.99 -20.16 40.68
CA GLN B 297 -1.51 -19.48 41.89
C GLN B 297 -0.51 -18.39 41.51
N VAL B 298 -1.01 -17.42 40.73
CA VAL B 298 -0.22 -16.30 40.25
C VAL B 298 -0.98 -15.01 40.58
N SER B 299 -0.24 -13.91 40.67
CA SER B 299 -0.84 -12.63 41.01
C SER B 299 -1.81 -12.20 39.91
N PRO B 300 -3.10 -11.97 40.24
CA PRO B 300 -4.04 -11.53 39.21
C PRO B 300 -3.70 -10.18 38.59
N GLU B 301 -3.15 -9.25 39.38
CA GLU B 301 -2.81 -7.94 38.85
C GLU B 301 -1.74 -8.05 37.76
N GLY B 302 -0.74 -8.89 37.98
CA GLY B 302 0.29 -9.10 36.96
C GLY B 302 -0.27 -9.68 35.68
N LEU B 303 -1.14 -10.68 35.80
CA LEU B 303 -1.74 -11.27 34.61
C LEU B 303 -2.59 -10.25 33.86
N GLN B 304 -3.38 -9.46 34.58
CA GLN B 304 -4.18 -8.42 33.92
C GLN B 304 -3.29 -7.40 33.23
N LYS B 305 -2.20 -7.00 33.89
CA LYS B 305 -1.26 -6.07 33.27
C LYS B 305 -0.66 -6.65 32.00
N ALA B 306 -0.31 -7.94 32.03
CA ALA B 306 0.32 -8.56 30.87
C ALA B 306 -0.66 -8.74 29.71
N ILE B 307 -1.94 -9.02 30.00
CA ILE B 307 -2.89 -9.31 28.94
C ILE B 307 -3.50 -8.02 28.39
N THR B 308 -3.51 -6.96 29.19
CA THR B 308 -4.12 -5.70 28.76
C THR B 308 -3.11 -4.65 28.34
N PHE B 309 -1.85 -4.78 28.74
CA PHE B 309 -0.84 -3.79 28.43
C PHE B 309 0.40 -4.47 27.86
N LYS B 310 0.99 -3.86 26.84
CA LYS B 310 2.26 -4.30 26.29
C LYS B 310 3.36 -3.42 26.88
N VAL B 311 4.34 -4.05 27.53
CA VAL B 311 5.37 -3.34 28.27
C VAL B 311 6.68 -3.39 27.49
N THR B 312 7.29 -2.23 27.30
CA THR B 312 8.62 -2.12 26.74
C THR B 312 9.53 -1.46 27.77
N GLU B 313 10.76 -1.98 27.89
CA GLU B 313 11.65 -1.51 28.93
C GLU B 313 13.09 -1.62 28.45
N THR B 314 13.96 -0.89 29.15
CA THR B 314 15.38 -0.86 28.85
C THR B 314 16.13 -0.68 30.16
N ILE B 315 17.41 -0.30 30.07
CA ILE B 315 18.21 -0.10 31.27
C ILE B 315 17.61 1.01 32.14
N ARG B 316 17.16 2.09 31.51
CA ARG B 316 16.71 3.26 32.25
C ARG B 316 15.21 3.23 32.56
N GLU B 317 14.38 2.93 31.57
CA GLU B 317 12.94 3.16 31.68
C GLU B 317 12.16 1.87 31.46
N LYS B 318 10.93 1.88 31.98
CA LYS B 318 9.95 0.81 31.75
C LYS B 318 8.62 1.48 31.47
N ILE B 319 8.06 1.24 30.28
CA ILE B 319 6.87 1.93 29.82
C ILE B 319 5.82 0.91 29.41
N PHE B 320 4.58 1.14 29.83
CA PHE B 320 3.45 0.28 29.48
C PHE B 320 2.70 0.89 28.31
N THR B 321 2.43 0.08 27.29
CA THR B 321 1.71 0.53 26.11
C THR B 321 0.36 -0.17 26.04
N PRO B 322 -0.75 0.56 26.04
CA PRO B 322 -2.06 -0.09 25.94
C PRO B 322 -2.21 -0.84 24.62
N LEU B 323 -2.95 -1.94 24.67
CA LEU B 323 -3.11 -2.83 23.53
C LEU B 323 -4.56 -2.82 23.04
N THR B 324 -4.72 -2.83 21.73
CA THR B 324 -6.04 -2.84 21.11
C THR B 324 -6.75 -4.16 21.37
N VAL B 325 -8.02 -4.23 20.98
CA VAL B 325 -8.82 -5.42 21.25
C VAL B 325 -8.26 -6.62 20.51
N GLU B 326 -7.97 -6.46 19.22
CA GLU B 326 -7.47 -7.59 18.42
C GLU B 326 -6.13 -8.07 18.93
N SER B 327 -5.22 -7.15 19.27
CA SER B 327 -3.92 -7.56 19.79
C SER B 327 -4.05 -8.25 21.14
N ALA B 328 -4.95 -7.76 22.00
CA ALA B 328 -5.17 -8.39 23.29
C ALA B 328 -5.70 -9.80 23.12
N VAL B 329 -6.66 -9.99 22.21
CA VAL B 329 -7.21 -11.32 21.95
C VAL B 329 -6.12 -12.24 21.40
N ASP B 330 -5.29 -11.72 20.50
CA ASP B 330 -4.21 -12.52 19.93
C ASP B 330 -3.22 -12.96 21.00
N ALA B 331 -2.87 -12.06 21.91
CA ALA B 331 -1.97 -12.43 23.01
C ALA B 331 -2.62 -13.45 23.94
N ARG B 332 -3.91 -13.27 24.24
CA ARG B 332 -4.62 -14.21 25.09
C ARG B 332 -4.68 -15.60 24.46
N ASP B 333 -4.77 -15.66 23.14
CA ASP B 333 -4.74 -16.95 22.47
C ASP B 333 -3.33 -17.54 22.45
N ALA B 334 -2.32 -16.69 22.24
CA ALA B 334 -0.95 -17.18 22.12
C ALA B 334 -0.42 -17.70 23.44
N ILE B 335 -0.81 -17.07 24.56
CA ILE B 335 -0.36 -17.58 25.86
C ILE B 335 -0.91 -18.98 26.10
N ALA B 336 -2.18 -19.22 25.75
CA ALA B 336 -2.74 -20.56 25.87
C ALA B 336 -2.04 -21.54 24.94
N LYS B 337 -1.72 -21.08 23.71
CA LYS B 337 -1.02 -21.94 22.77
C LYS B 337 0.32 -22.39 23.33
N VAL B 338 1.12 -21.44 23.83
CA VAL B 338 2.44 -21.78 24.33
C VAL B 338 2.32 -22.61 25.61
N LEU B 339 1.29 -22.35 26.43
CA LEU B 339 1.08 -23.16 27.63
C LEU B 339 0.82 -24.62 27.26
N TYR B 340 -0.07 -24.87 26.31
CA TYR B 340 -0.38 -26.23 25.91
C TYR B 340 0.84 -26.91 25.27
N ALA B 341 1.54 -26.18 24.38
CA ALA B 341 2.69 -26.76 23.72
C ALA B 341 3.78 -27.13 24.72
N LEU B 342 4.04 -26.26 25.69
CA LEU B 342 5.06 -26.55 26.68
C LEU B 342 4.62 -27.63 27.66
N LEU B 343 3.32 -27.73 27.95
CA LEU B 343 2.83 -28.87 28.71
C LEU B 343 3.10 -30.18 28.00
N PHE B 344 2.82 -30.22 26.69
CA PHE B 344 3.09 -31.43 25.92
C PHE B 344 4.58 -31.75 25.89
N GLY B 345 5.42 -30.72 25.74
CA GLY B 345 6.85 -30.94 25.77
C GLY B 345 7.34 -31.48 27.11
N TRP B 346 6.83 -30.90 28.21
CA TRP B 346 7.21 -31.40 29.54
C TRP B 346 6.76 -32.83 29.74
N LEU B 347 5.54 -33.16 29.30
CA LEU B 347 5.04 -34.52 29.52
C LEU B 347 5.82 -35.54 28.68
N ILE B 348 6.15 -35.20 27.44
CA ILE B 348 6.97 -36.12 26.65
C ILE B 348 8.37 -36.24 27.23
N THR B 349 8.91 -35.15 27.79
CA THR B 349 10.20 -35.23 28.45
C THR B 349 10.13 -36.14 29.68
N ARG B 350 9.04 -36.04 30.45
CA ARG B 350 8.87 -36.92 31.61
C ARG B 350 8.77 -38.39 31.17
N VAL B 351 8.05 -38.65 30.09
CA VAL B 351 7.95 -40.02 29.59
C VAL B 351 9.32 -40.54 29.17
N ASN B 352 10.10 -39.71 28.47
CA ASN B 352 11.43 -40.12 28.07
C ASN B 352 12.36 -40.31 29.27
N ALA B 353 12.15 -39.53 30.34
CA ALA B 353 13.01 -39.63 31.52
C ALA B 353 12.66 -40.84 32.38
N LEU B 354 11.40 -41.24 32.41
CA LEU B 354 11.00 -42.40 33.22
C LEU B 354 11.73 -43.66 32.76
N VAL B 355 11.80 -43.87 31.45
CA VAL B 355 12.61 -44.97 30.91
C VAL B 355 14.06 -44.51 30.85
N SER B 356 14.95 -45.30 31.42
CA SER B 356 16.36 -44.88 31.54
C SER B 356 17.03 -44.89 30.17
N PRO B 357 17.55 -43.75 29.69
CA PRO B 357 18.27 -43.75 28.42
C PRO B 357 19.70 -44.23 28.59
N LYS B 358 20.18 -44.98 27.61
CA LYS B 358 21.53 -45.52 27.63
C LYS B 358 22.43 -44.71 26.70
N GLN B 359 23.65 -45.20 26.51
CA GLN B 359 24.68 -44.47 25.78
C GLN B 359 24.40 -44.48 24.28
N ASP B 360 25.32 -43.92 23.50
CA ASP B 360 25.15 -43.80 22.05
C ASP B 360 25.61 -45.08 21.36
N THR B 361 24.64 -45.93 21.04
CA THR B 361 24.85 -47.18 20.31
C THR B 361 24.07 -47.15 19.00
N LEU B 362 24.04 -48.29 18.33
CA LEU B 362 23.23 -48.42 17.12
C LEU B 362 21.75 -48.28 17.45
N SER B 363 21.02 -47.64 16.56
CA SER B 363 19.61 -47.36 16.82
C SER B 363 18.83 -47.31 15.52
N ILE B 364 17.53 -47.54 15.63
CA ILE B 364 16.59 -47.42 14.52
C ILE B 364 15.52 -46.39 14.92
N ALA B 365 15.27 -45.43 14.04
CA ALA B 365 14.34 -44.35 14.30
C ALA B 365 13.06 -44.56 13.49
N ILE B 366 11.92 -44.28 14.11
CA ILE B 366 10.62 -44.43 13.47
C ILE B 366 9.88 -43.10 13.56
N LEU B 367 9.39 -42.62 12.42
CA LEU B 367 8.60 -41.40 12.34
C LEU B 367 7.17 -41.74 11.97
N ASP B 368 6.23 -41.36 12.83
CA ASP B 368 4.80 -41.52 12.56
C ASP B 368 4.31 -40.17 12.02
N ILE B 369 4.37 -40.01 10.71
CA ILE B 369 4.04 -38.75 10.05
C ILE B 369 2.78 -38.96 9.22
N TYR B 370 1.76 -38.16 9.50
CA TYR B 370 0.55 -38.19 8.69
C TYR B 370 0.83 -37.72 7.27
N GLY B 371 0.08 -38.26 6.32
CA GLY B 371 0.28 -38.00 4.91
C GLY B 371 -0.41 -36.74 4.43
N PHE B 372 -0.60 -36.67 3.11
CA PHE B 372 -1.23 -35.51 2.51
C PHE B 372 -2.66 -35.37 2.98
N GLU B 373 -3.09 -34.11 3.16
CA GLU B 373 -4.45 -33.79 3.57
C GLU B 373 -5.03 -32.77 2.61
N ASP B 374 -6.30 -32.97 2.24
CA ASP B 374 -6.99 -32.08 1.31
C ASP B 374 -8.47 -32.09 1.67
N LEU B 375 -8.90 -31.06 2.40
CA LEU B 375 -10.29 -30.93 2.80
C LEU B 375 -11.04 -30.09 1.76
N SER B 376 -12.31 -29.80 2.03
CA SER B 376 -13.08 -28.95 1.13
C SER B 376 -12.59 -27.51 1.19
N PHE B 377 -12.29 -27.00 2.39
CA PHE B 377 -11.79 -25.65 2.59
C PHE B 377 -10.45 -25.75 3.31
N ASN B 378 -9.37 -25.50 2.58
CA ASN B 378 -8.02 -25.66 3.11
C ASN B 378 -7.56 -24.35 3.76
N SER B 379 -7.21 -24.43 5.04
CA SER B 379 -6.77 -23.29 5.82
C SER B 379 -5.25 -23.30 5.99
N PHE B 380 -4.75 -22.42 6.86
CA PHE B 380 -3.32 -22.34 7.11
C PHE B 380 -2.76 -23.66 7.62
N GLU B 381 -3.53 -24.36 8.46
CA GLU B 381 -3.09 -25.65 8.95
C GLU B 381 -2.84 -26.62 7.80
N GLN B 382 -3.77 -26.67 6.85
CA GLN B 382 -3.59 -27.52 5.68
C GLN B 382 -2.38 -27.10 4.86
N LEU B 383 -2.10 -25.79 4.80
CA LEU B 383 -0.89 -25.33 4.11
C LEU B 383 0.36 -25.86 4.79
N CYS B 384 0.39 -25.83 6.13
CA CYS B 384 1.54 -26.40 6.84
C CYS B 384 1.68 -27.89 6.59
N ILE B 385 0.56 -28.61 6.60
CA ILE B 385 0.59 -30.05 6.34
C ILE B 385 1.14 -30.32 4.94
N ASN B 386 0.69 -29.54 3.96
CA ASN B 386 1.15 -29.71 2.59
C ASN B 386 2.63 -29.39 2.46
N TYR B 387 3.12 -28.37 3.17
CA TYR B 387 4.54 -28.05 3.12
C TYR B 387 5.38 -29.18 3.71
N ALA B 388 4.96 -29.72 4.85
CA ALA B 388 5.67 -30.84 5.44
C ALA B 388 5.65 -32.06 4.53
N ASN B 389 4.50 -32.35 3.93
CA ASN B 389 4.41 -33.48 3.00
C ASN B 389 5.24 -33.22 1.74
N GLU B 390 5.37 -31.96 1.33
CA GLU B 390 6.24 -31.64 0.19
C GLU B 390 7.70 -31.94 0.52
N ASN B 391 8.14 -31.59 1.73
CA ASN B 391 9.51 -31.93 2.12
C ASN B 391 9.71 -33.44 2.18
N LEU B 392 8.74 -34.15 2.76
CA LEU B 392 8.83 -35.61 2.82
C LEU B 392 8.84 -36.22 1.43
N GLN B 393 8.05 -35.68 0.52
CA GLN B 393 8.03 -36.17 -0.86
C GLN B 393 9.31 -35.83 -1.59
N TYR B 394 9.96 -34.72 -1.25
CA TYR B 394 11.28 -34.42 -1.80
C TYR B 394 12.30 -35.47 -1.37
N LEU B 395 12.27 -35.84 -0.08
CA LEU B 395 13.15 -36.91 0.37
C LEU B 395 12.84 -38.23 -0.33
N PHE B 396 11.54 -38.52 -0.49
CA PHE B 396 11.13 -39.74 -1.19
C PHE B 396 11.63 -39.73 -2.63
N ASN B 397 11.52 -38.59 -3.31
CA ASN B 397 11.99 -38.47 -4.68
C ASN B 397 13.50 -38.65 -4.77
N LYS B 398 14.23 -38.08 -3.81
CA LYS B 398 15.68 -38.27 -3.79
C LYS B 398 16.03 -39.75 -3.66
N ILE B 399 15.39 -40.45 -2.72
CA ILE B 399 15.70 -41.87 -2.52
C ILE B 399 15.29 -42.69 -3.75
N VAL B 400 14.13 -42.39 -4.34
CA VAL B 400 13.67 -43.12 -5.51
C VAL B 400 14.61 -42.89 -6.69
N PHE B 401 15.06 -41.65 -6.88
CA PHE B 401 15.99 -41.35 -7.96
C PHE B 401 17.32 -42.06 -7.73
N GLN B 402 17.80 -42.12 -6.50
CA GLN B 402 19.02 -42.85 -6.21
C GLN B 402 18.87 -44.33 -6.55
N GLU B 403 17.74 -44.93 -6.17
CA GLU B 403 17.51 -46.34 -6.46
C GLU B 403 17.41 -46.58 -7.96
N GLU B 404 16.72 -45.70 -8.68
CA GLU B 404 16.63 -45.84 -10.13
C GLU B 404 18.00 -45.67 -10.77
N GLN B 405 18.82 -44.76 -10.25
CA GLN B 405 20.17 -44.57 -10.78
C GLN B 405 21.03 -45.81 -10.57
N GLU B 406 20.94 -46.43 -9.40
CA GLU B 406 21.73 -47.64 -9.18
C GLU B 406 21.21 -48.80 -10.03
N GLU B 407 19.90 -48.87 -10.25
CA GLU B 407 19.35 -49.85 -11.19
C GLU B 407 19.92 -49.63 -12.60
N TYR B 408 19.91 -48.39 -13.08
CA TYR B 408 20.46 -48.10 -14.39
C TYR B 408 21.94 -48.44 -14.47
N ILE B 409 22.70 -48.12 -13.41
CA ILE B 409 24.12 -48.44 -13.38
C ILE B 409 24.33 -49.94 -13.48
N ARG B 410 23.53 -50.71 -12.73
CA ARG B 410 23.59 -52.17 -12.87
C ARG B 410 23.20 -52.60 -14.28
N GLU B 411 22.38 -51.80 -14.97
CA GLU B 411 22.03 -52.10 -16.36
C GLU B 411 23.10 -51.61 -17.33
N GLN B 412 23.43 -50.32 -17.29
CA GLN B 412 24.44 -49.76 -18.18
C GLN B 412 25.10 -48.57 -17.51
N MET B 413 26.36 -48.34 -17.87
CA MET B 413 27.15 -47.30 -17.22
C MET B 413 26.98 -45.93 -17.88
N ASP B 414 26.26 -45.85 -19.00
CA ASP B 414 26.11 -44.59 -19.71
C ASP B 414 24.90 -43.79 -19.25
N TRP B 415 24.27 -44.16 -18.14
CA TRP B 415 23.12 -43.43 -17.61
C TRP B 415 23.50 -42.42 -16.53
N ARG B 416 24.79 -42.20 -16.30
CA ARG B 416 25.22 -41.27 -15.25
C ARG B 416 24.81 -39.83 -15.54
N GLU B 417 24.71 -39.44 -16.80
CA GLU B 417 24.35 -38.08 -17.18
C GLU B 417 22.84 -37.88 -17.32
N ILE B 418 22.03 -38.73 -16.70
CA ILE B 418 20.57 -38.63 -16.76
C ILE B 418 20.07 -38.09 -15.43
N ALA B 419 19.37 -36.96 -15.48
CA ALA B 419 18.85 -36.32 -14.28
C ALA B 419 17.44 -35.81 -14.55
N PHE B 420 16.66 -35.66 -13.48
CA PHE B 420 15.30 -35.19 -13.57
C PHE B 420 15.05 -34.12 -12.51
N ALA B 421 13.88 -33.50 -12.59
CA ALA B 421 13.50 -32.48 -11.63
C ALA B 421 13.40 -33.07 -10.22
N ASP B 422 13.81 -32.30 -9.23
CA ASP B 422 13.87 -32.76 -7.85
C ASP B 422 12.95 -31.94 -6.94
N ASN B 423 11.85 -31.44 -7.50
CA ASN B 423 10.77 -30.81 -6.74
C ASN B 423 11.24 -29.54 -6.00
N GLN B 424 12.42 -29.01 -6.37
CA GLN B 424 12.93 -27.84 -5.69
C GLN B 424 12.04 -26.60 -5.80
N PRO B 425 11.50 -26.23 -6.98
CA PRO B 425 10.69 -25.00 -7.03
C PRO B 425 9.48 -25.02 -6.10
N CYS B 426 8.85 -26.20 -5.91
CA CYS B 426 7.69 -26.26 -5.03
C CYS B 426 8.05 -25.88 -3.60
N ILE B 427 9.20 -26.36 -3.11
CA ILE B 427 9.64 -25.99 -1.78
C ILE B 427 10.07 -24.53 -1.74
N ASN B 428 10.82 -24.09 -2.76
CA ASN B 428 11.34 -22.72 -2.78
C ASN B 428 10.24 -21.67 -2.87
N LEU B 429 9.07 -22.02 -3.43
CA LEU B 429 7.97 -21.07 -3.50
C LEU B 429 7.48 -20.65 -2.12
N ILE B 430 7.69 -21.47 -1.10
CA ILE B 430 7.18 -21.20 0.23
C ILE B 430 8.31 -20.92 1.22
N SER B 431 9.45 -21.60 1.07
CA SER B 431 10.50 -21.55 2.07
C SER B 431 11.54 -20.46 1.83
N LEU B 432 11.65 -19.96 0.60
CA LEU B 432 12.68 -18.96 0.30
C LEU B 432 12.40 -17.66 1.04
N LYS B 433 13.45 -17.09 1.62
CA LYS B 433 13.28 -15.92 2.48
C LYS B 433 12.74 -14.69 1.75
N PRO B 434 13.28 -14.26 0.61
CA PRO B 434 12.82 -12.98 0.03
C PRO B 434 11.36 -12.98 -0.39
N TYR B 435 10.89 -14.01 -1.09
CA TYR B 435 9.53 -14.00 -1.61
C TYR B 435 8.85 -15.35 -1.40
N GLY B 436 9.00 -15.92 -0.21
CA GLY B 436 8.21 -17.09 0.14
C GLY B 436 6.87 -16.71 0.72
N ILE B 437 5.88 -17.58 0.49
CA ILE B 437 4.52 -17.30 0.94
C ILE B 437 4.48 -17.20 2.46
N LEU B 438 5.10 -18.17 3.15
CA LEU B 438 5.16 -18.12 4.60
C LEU B 438 5.98 -16.93 5.07
N ARG B 439 7.09 -16.64 4.38
CA ARG B 439 7.90 -15.48 4.74
C ARG B 439 7.13 -14.18 4.52
N ILE B 440 6.38 -14.11 3.42
CA ILE B 440 5.56 -12.92 3.16
C ILE B 440 4.52 -12.74 4.25
N LEU B 441 3.87 -13.83 4.66
CA LEU B 441 2.89 -13.76 5.73
C LEU B 441 3.53 -13.33 7.04
N ASP B 442 4.71 -13.86 7.34
CA ASP B 442 5.42 -13.49 8.57
C ASP B 442 5.77 -12.01 8.56
N GLY B 443 6.24 -11.49 7.43
CA GLY B 443 6.51 -10.06 7.32
C GLY B 443 5.26 -9.22 7.46
N GLN B 444 4.16 -9.67 6.85
CA GLN B 444 2.90 -8.94 6.92
C GLN B 444 2.29 -8.99 8.31
N CYS B 445 2.69 -9.95 9.15
CA CYS B 445 2.12 -10.05 10.49
C CYS B 445 2.39 -8.80 11.31
N CYS B 446 3.60 -8.26 11.23
CA CYS B 446 3.99 -7.10 12.01
C CYS B 446 3.66 -5.78 11.31
N PHE B 447 3.13 -5.83 10.09
CA PHE B 447 2.83 -4.60 9.36
C PHE B 447 1.71 -3.82 10.07
N PRO B 448 1.77 -2.49 10.06
CA PRO B 448 0.77 -1.69 10.78
C PRO B 448 -0.67 -1.96 10.39
N GLN B 449 -0.99 -1.76 9.11
CA GLN B 449 -2.34 -1.98 8.59
C GLN B 449 -2.29 -3.19 7.65
N ALA B 450 -2.45 -4.37 8.23
CA ALA B 450 -2.39 -5.63 7.48
C ALA B 450 -3.70 -6.38 7.68
N THR B 451 -4.39 -6.65 6.58
CA THR B 451 -5.59 -7.48 6.57
C THR B 451 -5.34 -8.73 5.75
N ASP B 452 -6.34 -9.62 5.76
CA ASP B 452 -6.25 -10.84 4.97
C ASP B 452 -6.17 -10.54 3.48
N HIS B 453 -6.89 -9.52 3.03
CA HIS B 453 -6.96 -9.19 1.61
C HIS B 453 -5.65 -8.63 1.06
N THR B 454 -4.93 -7.82 1.85
CA THR B 454 -3.65 -7.27 1.38
C THR B 454 -2.63 -8.38 1.15
N PHE B 455 -2.70 -9.44 1.94
CA PHE B 455 -1.84 -10.60 1.74
C PHE B 455 -2.07 -11.21 0.37
N LEU B 456 -3.32 -11.23 -0.08
CA LEU B 456 -3.62 -11.73 -1.43
C LEU B 456 -2.91 -10.90 -2.49
N GLN B 457 -2.99 -9.58 -2.38
CA GLN B 457 -2.35 -8.72 -3.38
C GLN B 457 -0.84 -8.89 -3.36
N LYS B 458 -0.25 -8.99 -2.16
CA LYS B 458 1.19 -9.17 -2.07
C LYS B 458 1.62 -10.48 -2.71
N CYS B 459 0.90 -11.57 -2.43
CA CYS B 459 1.24 -12.85 -3.01
C CYS B 459 1.05 -12.83 -4.53
N HIS B 460 -0.04 -12.22 -4.99
CA HIS B 460 -0.33 -12.21 -6.42
C HIS B 460 0.73 -11.44 -7.20
N TYR B 461 1.15 -10.29 -6.68
CA TYR B 461 2.18 -9.53 -7.40
C TYR B 461 3.55 -10.19 -7.27
N HIS B 462 3.93 -10.63 -6.07
CA HIS B 462 5.28 -11.14 -5.87
C HIS B 462 5.52 -12.42 -6.67
N HIS B 463 4.53 -13.30 -6.73
CA HIS B 463 4.67 -14.57 -7.46
C HIS B 463 4.23 -14.44 -8.91
N GLY B 464 2.99 -14.03 -9.15
CA GLY B 464 2.50 -13.76 -10.48
C GLY B 464 2.53 -14.93 -11.45
N ALA B 465 3.43 -14.85 -12.44
CA ALA B 465 3.48 -15.82 -13.53
C ALA B 465 4.29 -17.06 -13.17
N ASN B 466 4.43 -17.38 -11.90
CA ASN B 466 5.10 -18.60 -11.50
C ASN B 466 4.32 -19.81 -11.99
N PRO B 467 4.98 -20.79 -12.62
CA PRO B 467 4.23 -21.94 -13.16
C PRO B 467 3.46 -22.72 -12.10
N LEU B 468 3.99 -22.84 -10.89
CA LEU B 468 3.31 -23.56 -9.83
C LEU B 468 2.24 -22.72 -9.13
N TYR B 469 2.21 -21.41 -9.36
CA TYR B 469 1.21 -20.54 -8.76
C TYR B 469 0.04 -20.38 -9.70
N SER B 470 -1.17 -20.61 -9.20
CA SER B 470 -2.39 -20.56 -10.00
C SER B 470 -3.28 -19.44 -9.45
N LYS B 471 -3.22 -18.28 -10.08
CA LYS B 471 -4.10 -17.18 -9.70
C LYS B 471 -5.54 -17.53 -10.04
N PRO B 472 -6.47 -17.32 -9.12
CA PRO B 472 -7.89 -17.57 -9.43
C PRO B 472 -8.39 -16.62 -10.51
N LYS B 473 -9.21 -17.16 -11.40
CA LYS B 473 -9.77 -16.36 -12.49
C LYS B 473 -10.68 -15.26 -11.94
N MET B 474 -11.49 -15.60 -10.96
CA MET B 474 -12.45 -14.64 -10.41
C MET B 474 -11.90 -14.01 -9.13
N PRO B 475 -12.30 -12.78 -8.82
CA PRO B 475 -11.78 -12.11 -7.62
C PRO B 475 -12.30 -12.71 -6.33
N LEU B 476 -11.78 -13.88 -5.96
CA LEU B 476 -12.14 -14.55 -4.73
C LEU B 476 -10.97 -14.53 -3.75
N PRO B 477 -11.24 -14.45 -2.44
CA PRO B 477 -10.15 -14.39 -1.45
C PRO B 477 -9.48 -15.74 -1.23
N GLU B 478 -8.78 -16.21 -2.25
CA GLU B 478 -8.09 -17.50 -2.19
C GLU B 478 -7.08 -17.58 -3.32
N PHE B 479 -6.26 -18.62 -3.28
CA PHE B 479 -5.32 -18.91 -4.35
C PHE B 479 -5.12 -20.43 -4.41
N THR B 480 -4.38 -20.87 -5.42
CA THR B 480 -4.18 -22.29 -5.65
C THR B 480 -2.71 -22.58 -5.93
N ILE B 481 -2.17 -23.61 -5.30
CA ILE B 481 -0.80 -24.04 -5.48
C ILE B 481 -0.80 -25.43 -6.07
N LYS B 482 -0.01 -25.63 -7.13
CA LYS B 482 0.07 -26.93 -7.82
C LYS B 482 1.18 -27.75 -7.17
N HIS B 483 0.79 -28.65 -6.27
CA HIS B 483 1.74 -29.55 -5.63
C HIS B 483 1.96 -30.77 -6.54
N TYR B 484 2.72 -31.75 -6.04
CA TYR B 484 2.92 -32.98 -6.79
C TYR B 484 1.64 -33.80 -6.90
N ALA B 485 0.67 -33.57 -6.02
CA ALA B 485 -0.62 -34.27 -6.04
C ALA B 485 -1.67 -33.51 -6.84
N GLY B 486 -1.29 -32.44 -7.52
CA GLY B 486 -2.23 -31.63 -8.28
C GLY B 486 -2.51 -30.30 -7.62
N LYS B 487 -3.31 -29.50 -8.31
CA LYS B 487 -3.65 -28.18 -7.81
C LYS B 487 -4.51 -28.27 -6.55
N VAL B 488 -4.15 -27.51 -5.53
CA VAL B 488 -4.87 -27.46 -4.27
C VAL B 488 -5.13 -26.00 -3.93
N THR B 489 -6.40 -25.66 -3.72
CA THR B 489 -6.77 -24.30 -3.37
C THR B 489 -6.61 -24.06 -1.88
N TYR B 490 -6.50 -22.78 -1.51
CA TYR B 490 -6.37 -22.38 -0.12
C TYR B 490 -7.19 -21.12 0.10
N GLN B 491 -8.29 -21.25 0.85
CA GLN B 491 -9.13 -20.10 1.16
C GLN B 491 -8.47 -19.28 2.26
N VAL B 492 -8.16 -18.02 1.95
CA VAL B 492 -7.43 -17.15 2.88
C VAL B 492 -8.47 -16.53 3.82
N HIS B 493 -8.46 -16.96 5.08
CA HIS B 493 -9.33 -16.37 6.09
C HIS B 493 -8.70 -16.59 7.45
N LYS B 494 -8.52 -15.50 8.21
CA LYS B 494 -7.97 -15.55 9.56
C LYS B 494 -6.56 -16.14 9.59
N PHE B 495 -5.79 -15.91 8.52
CA PHE B 495 -4.37 -16.25 8.58
C PHE B 495 -3.63 -15.33 9.55
N LEU B 496 -3.92 -14.03 9.48
CA LEU B 496 -3.29 -13.08 10.40
C LEU B 496 -3.68 -13.34 11.85
N ASP B 497 -4.88 -13.88 12.08
CA ASP B 497 -5.31 -14.23 13.42
C ASP B 497 -4.75 -15.57 13.88
N LYS B 498 -4.18 -16.36 12.96
CA LYS B 498 -3.59 -17.66 13.30
C LYS B 498 -2.08 -17.61 13.38
N ASN B 499 -1.44 -16.80 12.54
CA ASN B 499 0.02 -16.77 12.46
C ASN B 499 0.57 -15.61 13.29
N HIS B 500 0.52 -15.80 14.61
CA HIS B 500 1.02 -14.80 15.54
C HIS B 500 1.22 -15.44 16.90
N ASP B 501 2.45 -15.41 17.42
CA ASP B 501 2.73 -15.90 18.76
C ASP B 501 3.18 -14.79 19.69
N GLN B 502 4.27 -14.09 19.37
CA GLN B 502 4.74 -12.91 20.10
C GLN B 502 4.59 -13.00 21.61
N VAL B 503 5.20 -14.01 22.23
CA VAL B 503 5.17 -14.14 23.68
C VAL B 503 6.19 -13.17 24.28
N ARG B 504 5.73 -12.31 25.18
CA ARG B 504 6.59 -11.26 25.71
C ARG B 504 7.39 -11.78 26.90
N GLN B 505 8.43 -11.02 27.25
CA GLN B 505 9.32 -11.41 28.35
C GLN B 505 8.63 -11.26 29.70
N ASP B 506 7.77 -10.26 29.85
CA ASP B 506 7.08 -10.07 31.13
C ASP B 506 6.14 -11.23 31.42
N VAL B 507 5.47 -11.77 30.39
CA VAL B 507 4.61 -12.93 30.60
C VAL B 507 5.42 -14.12 31.08
N LEU B 508 6.59 -14.34 30.48
CA LEU B 508 7.46 -15.42 30.93
C LEU B 508 7.97 -15.22 32.34
N ASP B 509 8.30 -13.97 32.72
CA ASP B 509 8.80 -13.68 34.06
C ASP B 509 7.72 -13.74 35.13
N LEU B 510 6.47 -13.49 34.77
CA LEU B 510 5.40 -13.57 35.76
C LEU B 510 5.15 -15.00 36.24
N PHE B 511 5.22 -15.97 35.34
CA PHE B 511 4.87 -17.34 35.69
C PHE B 511 5.95 -18.05 36.50
N VAL B 512 7.22 -17.65 36.37
CA VAL B 512 8.28 -18.28 37.17
C VAL B 512 8.24 -17.85 38.62
N HIS B 513 7.38 -16.90 38.98
CA HIS B 513 7.18 -16.49 40.36
C HIS B 513 6.02 -17.23 41.01
N SER B 514 5.38 -18.15 40.30
CA SER B 514 4.29 -18.94 40.87
C SER B 514 4.82 -19.91 41.90
N ARG B 515 3.96 -20.27 42.84
CA ARG B 515 4.31 -21.18 43.93
C ARG B 515 4.18 -22.65 43.54
N THR B 516 3.79 -22.95 42.31
CA THR B 516 3.79 -24.31 41.80
C THR B 516 5.14 -24.61 41.15
N ARG B 517 5.76 -25.72 41.58
CA ARG B 517 7.10 -26.05 41.09
C ARG B 517 7.10 -26.40 39.60
N VAL B 518 6.06 -27.09 39.14
CA VAL B 518 6.08 -27.66 37.78
C VAL B 518 6.18 -26.56 36.74
N VAL B 519 5.24 -25.60 36.78
CA VAL B 519 5.19 -24.57 35.75
C VAL B 519 6.40 -23.64 35.86
N ALA B 520 6.80 -23.31 37.09
CA ALA B 520 7.97 -22.44 37.26
C ALA B 520 9.22 -23.08 36.68
N HIS B 521 9.47 -24.35 37.01
CA HIS B 521 10.63 -25.04 36.46
C HIS B 521 10.55 -25.17 34.95
N LEU B 522 9.37 -25.50 34.43
CA LEU B 522 9.22 -25.69 32.99
C LEU B 522 9.48 -24.39 32.23
N PHE B 523 8.93 -23.27 32.73
CA PHE B 523 9.16 -21.98 32.09
C PHE B 523 10.60 -21.52 32.25
N SER B 524 11.23 -21.81 33.38
CA SER B 524 12.65 -21.48 33.53
C SER B 524 13.49 -22.25 32.51
N SER B 525 13.18 -23.53 32.32
CA SER B 525 13.90 -24.32 31.31
C SER B 525 13.64 -23.79 29.90
N HIS B 526 12.40 -23.39 29.62
CA HIS B 526 12.07 -22.83 28.31
C HIS B 526 12.84 -21.54 28.06
N ALA B 527 12.93 -20.67 29.06
CA ALA B 527 13.70 -19.45 28.93
C ALA B 527 15.20 -19.74 28.76
N ALA B 528 15.71 -20.73 29.50
CA ALA B 528 17.13 -21.07 29.39
C ALA B 528 17.47 -21.61 28.01
N GLN B 529 16.63 -22.49 27.45
CA GLN B 529 16.93 -23.08 26.16
C GLN B 529 16.75 -22.07 25.02
N THR B 530 15.97 -21.03 25.24
CA THR B 530 15.74 -20.02 24.21
C THR B 530 16.10 -18.62 24.73
N TYR B 545 16.65 -16.84 19.35
CA TYR B 545 16.45 -17.17 17.95
C TYR B 545 15.14 -16.54 17.45
N LYS B 546 14.89 -16.63 16.15
CA LYS B 546 13.72 -16.02 15.51
C LYS B 546 12.58 -17.04 15.51
N ALA B 547 11.79 -17.04 16.58
CA ALA B 547 10.59 -17.87 16.67
C ALA B 547 9.38 -16.98 16.94
N HIS B 548 9.29 -15.87 16.22
CA HIS B 548 8.29 -14.85 16.52
C HIS B 548 6.87 -15.37 16.29
N THR B 549 6.65 -16.10 15.20
CA THR B 549 5.31 -16.50 14.78
C THR B 549 5.25 -18.01 14.65
N VAL B 550 4.03 -18.51 14.38
CA VAL B 550 3.80 -19.95 14.29
C VAL B 550 4.50 -20.52 13.07
N ALA B 551 4.48 -19.81 11.95
CA ALA B 551 5.10 -20.31 10.72
C ALA B 551 6.61 -20.48 10.91
N ALA B 552 7.25 -19.53 11.59
CA ALA B 552 8.68 -19.64 11.84
C ALA B 552 9.00 -20.87 12.70
N LYS B 553 8.19 -21.11 13.73
CA LYS B 553 8.40 -22.28 14.57
C LYS B 553 8.21 -23.57 13.79
N PHE B 554 7.18 -23.62 12.94
CA PHE B 554 6.92 -24.82 12.14
C PHE B 554 8.08 -25.07 11.18
N GLN B 555 8.57 -24.02 10.52
CA GLN B 555 9.69 -24.17 9.60
C GLN B 555 10.95 -24.61 10.34
N GLN B 556 11.18 -24.05 11.54
CA GLN B 556 12.34 -24.45 12.32
C GLN B 556 12.25 -25.91 12.75
N SER B 557 11.06 -26.36 13.15
CA SER B 557 10.89 -27.76 13.53
C SER B 557 11.12 -28.68 12.34
N LEU B 558 10.60 -28.32 11.17
CA LEU B 558 10.81 -29.13 9.98
C LEU B 558 12.29 -29.17 9.59
N LEU B 559 12.97 -28.02 9.70
CA LEU B 559 14.41 -27.99 9.42
C LEU B 559 15.18 -28.85 10.40
N ASP B 560 14.80 -28.83 11.68
CA ASP B 560 15.44 -29.69 12.66
C ASP B 560 15.22 -31.16 12.32
N LEU B 561 14.01 -31.51 11.90
CA LEU B 561 13.75 -32.90 11.53
C LEU B 561 14.59 -33.31 10.33
N VAL B 562 14.70 -32.45 9.32
CA VAL B 562 15.45 -32.84 8.13
C VAL B 562 16.96 -32.92 8.44
N GLU B 563 17.46 -32.03 9.29
CA GLU B 563 18.89 -32.09 9.64
C GLU B 563 19.16 -33.22 10.63
N LYS B 564 18.11 -33.78 11.24
CA LYS B 564 18.27 -35.03 11.98
C LYS B 564 18.24 -36.23 11.05
N MET B 565 17.48 -36.13 9.95
CA MET B 565 17.21 -37.29 9.10
C MET B 565 18.26 -37.50 8.01
N GLU B 566 18.85 -36.43 7.48
CA GLU B 566 19.50 -36.53 6.17
C GLU B 566 20.68 -37.49 6.18
N ARG B 567 21.33 -37.66 7.33
CA ARG B 567 22.56 -38.43 7.42
C ARG B 567 22.31 -39.90 7.76
N CYS B 568 21.13 -40.42 7.40
CA CYS B 568 20.79 -41.79 7.73
C CYS B 568 20.48 -42.61 6.49
N ASN B 569 20.05 -41.95 5.41
CA ASN B 569 19.54 -42.61 4.22
C ASN B 569 18.47 -43.62 4.62
N PRO B 570 17.31 -43.14 5.08
CA PRO B 570 16.31 -44.03 5.68
C PRO B 570 15.52 -44.79 4.61
N LEU B 571 14.61 -45.63 5.09
CA LEU B 571 13.67 -46.35 4.23
C LEU B 571 12.25 -46.05 4.70
N PHE B 572 11.36 -45.88 3.73
CA PHE B 572 9.98 -45.48 4.00
C PHE B 572 9.03 -46.64 3.75
N VAL B 573 7.85 -46.57 4.36
CA VAL B 573 6.74 -47.48 4.09
C VAL B 573 5.47 -46.65 4.02
N ARG B 574 4.59 -47.00 3.09
CA ARG B 574 3.41 -46.21 2.79
C ARG B 574 2.16 -46.98 3.19
N CYS B 575 1.18 -46.28 3.75
CA CYS B 575 -0.10 -46.85 4.11
C CYS B 575 -1.19 -46.21 3.27
N LEU B 576 -2.22 -46.99 2.97
CA LEU B 576 -3.32 -46.55 2.12
C LEU B 576 -4.65 -46.95 2.73
N LYS B 577 -5.69 -46.22 2.34
CA LYS B 577 -7.06 -46.52 2.74
C LYS B 577 -7.84 -47.01 1.53
N PRO B 578 -8.09 -48.31 1.40
CA PRO B 578 -8.83 -48.80 0.23
C PRO B 578 -10.24 -48.27 0.12
N ASN B 579 -10.84 -47.82 1.22
CA ASN B 579 -12.18 -47.25 1.19
C ASN B 579 -12.22 -46.00 2.05
N HIS B 580 -13.16 -45.11 1.72
CA HIS B 580 -13.29 -43.85 2.46
C HIS B 580 -13.71 -44.10 3.90
N LYS B 581 -14.61 -45.07 4.13
CA LYS B 581 -15.01 -45.45 5.47
C LYS B 581 -14.77 -46.94 5.67
N LYS B 582 -15.25 -47.46 6.80
CA LYS B 582 -14.96 -48.83 7.23
C LYS B 582 -15.73 -49.81 6.35
N GLU B 583 -15.19 -50.06 5.16
CA GLU B 583 -15.70 -51.08 4.25
C GLU B 583 -14.62 -52.12 4.00
N PRO B 584 -14.67 -53.27 4.66
CA PRO B 584 -13.61 -54.28 4.49
C PRO B 584 -13.69 -54.97 3.13
N GLY B 585 -12.55 -55.05 2.45
CA GLY B 585 -12.47 -55.81 1.22
C GLY B 585 -13.11 -55.17 0.01
N LEU B 586 -13.32 -53.86 0.03
CA LEU B 586 -13.91 -53.14 -1.10
C LEU B 586 -12.88 -52.20 -1.70
N PHE B 587 -12.60 -52.40 -2.99
CA PHE B 587 -11.63 -51.60 -3.72
C PHE B 587 -12.30 -50.97 -4.93
N GLU B 588 -12.11 -49.66 -5.10
CA GLU B 588 -12.70 -48.90 -6.18
C GLU B 588 -11.64 -47.99 -6.79
N PRO B 589 -11.72 -47.73 -8.11
CA PRO B 589 -10.64 -47.02 -8.80
C PRO B 589 -10.40 -45.59 -8.33
N ASP B 590 -11.47 -44.84 -8.02
CA ASP B 590 -11.31 -43.44 -7.65
C ASP B 590 -10.53 -43.28 -6.35
N VAL B 591 -10.83 -44.13 -5.36
CA VAL B 591 -10.09 -44.08 -4.10
C VAL B 591 -8.64 -44.48 -4.33
N MET B 592 -8.41 -45.46 -5.19
CA MET B 592 -7.03 -45.85 -5.52
C MET B 592 -6.27 -44.68 -6.12
N MET B 593 -6.88 -43.96 -7.06
CA MET B 593 -6.22 -42.82 -7.68
C MET B 593 -5.97 -41.71 -6.66
N ALA B 594 -6.95 -41.44 -5.80
CA ALA B 594 -6.78 -40.40 -4.79
C ALA B 594 -5.65 -40.74 -3.83
N GLN B 595 -5.57 -41.99 -3.37
CA GLN B 595 -4.51 -42.40 -2.46
C GLN B 595 -3.15 -42.36 -3.15
N LEU B 596 -3.11 -42.79 -4.43
CA LEU B 596 -1.85 -42.75 -5.16
C LEU B 596 -1.35 -41.32 -5.34
N ARG B 597 -2.26 -40.39 -5.65
CA ARG B 597 -1.87 -38.99 -5.78
C ARG B 597 -1.42 -38.42 -4.45
N TYR B 598 -2.14 -38.74 -3.36
CA TYR B 598 -1.79 -38.21 -2.06
C TYR B 598 -0.45 -38.72 -1.56
N SER B 599 -0.16 -40.01 -1.77
CA SER B 599 1.06 -40.61 -1.25
C SER B 599 2.29 -40.32 -2.12
N GLY B 600 2.10 -39.75 -3.31
CA GLY B 600 3.23 -39.47 -4.17
C GLY B 600 3.87 -40.69 -4.79
N VAL B 601 3.15 -41.81 -4.86
CA VAL B 601 3.70 -43.03 -5.44
C VAL B 601 3.97 -42.84 -6.93
N LEU B 602 3.13 -42.07 -7.62
CA LEU B 602 3.28 -41.84 -9.05
C LEU B 602 4.55 -41.09 -9.40
N GLU B 603 5.22 -40.49 -8.43
CA GLU B 603 6.51 -39.86 -8.70
C GLU B 603 7.53 -40.89 -9.18
N THR B 604 7.39 -42.15 -8.76
CA THR B 604 8.29 -43.20 -9.22
C THR B 604 8.18 -43.38 -10.74
N VAL B 605 6.97 -43.56 -11.24
CA VAL B 605 6.81 -43.72 -12.69
C VAL B 605 7.11 -42.41 -13.41
N ARG B 606 6.87 -41.27 -12.76
CA ARG B 606 7.26 -40.00 -13.36
C ARG B 606 8.76 -39.93 -13.59
N ILE B 607 9.55 -40.36 -12.60
CA ILE B 607 11.00 -40.39 -12.76
C ILE B 607 11.41 -41.43 -13.78
N ARG B 608 10.77 -42.59 -13.77
CA ARG B 608 11.12 -43.66 -14.70
C ARG B 608 10.88 -43.26 -16.15
N LYS B 609 9.99 -42.30 -16.40
CA LYS B 609 9.73 -41.84 -17.77
C LYS B 609 10.18 -40.40 -17.94
N VAL B 614 10.27 -50.14 -19.89
CA VAL B 614 11.43 -49.27 -20.01
C VAL B 614 12.65 -50.10 -20.42
N ARG B 615 12.63 -51.38 -20.08
CA ARG B 615 13.72 -52.30 -20.37
C ARG B 615 13.22 -53.56 -21.06
N LEU B 616 12.36 -53.38 -22.07
CA LEU B 616 11.74 -54.52 -22.74
C LEU B 616 12.70 -55.12 -23.76
N PRO B 617 13.04 -56.40 -23.65
CA PRO B 617 13.80 -57.06 -24.73
C PRO B 617 12.94 -57.25 -25.97
N PHE B 618 13.49 -56.89 -27.11
CA PHE B 618 12.76 -56.96 -28.37
C PHE B 618 12.58 -58.39 -28.87
N GLN B 619 13.23 -59.37 -28.24
CA GLN B 619 13.09 -60.76 -28.68
C GLN B 619 11.65 -61.24 -28.54
N VAL B 620 11.00 -60.88 -27.42
CA VAL B 620 9.62 -61.30 -27.21
C VAL B 620 8.71 -60.68 -28.26
N PHE B 621 8.90 -59.39 -28.55
CA PHE B 621 8.08 -58.73 -29.57
C PHE B 621 8.30 -59.36 -30.94
N ILE B 622 9.56 -59.69 -31.26
CA ILE B 622 9.85 -60.27 -32.57
C ILE B 622 9.23 -61.66 -32.69
N ASP B 623 9.38 -62.48 -31.65
CA ASP B 623 8.90 -63.86 -31.69
C ASP B 623 7.39 -63.97 -31.56
N ARG B 624 6.72 -62.98 -30.96
CA ARG B 624 5.28 -63.03 -30.80
C ARG B 624 4.54 -62.97 -32.13
N TYR B 625 5.09 -62.28 -33.12
CA TYR B 625 4.48 -62.16 -34.44
C TYR B 625 5.19 -63.04 -35.47
N ARG B 626 5.62 -64.23 -35.05
CA ARG B 626 6.37 -65.11 -35.95
C ARG B 626 5.50 -65.59 -37.11
N CYS B 627 4.23 -65.86 -36.86
CA CYS B 627 3.35 -66.43 -37.87
C CYS B 627 2.52 -65.40 -38.62
N LEU B 628 2.33 -64.21 -38.06
CA LEU B 628 1.49 -63.22 -38.71
C LEU B 628 2.31 -62.30 -39.62
N VAL B 629 3.25 -61.56 -39.04
CA VAL B 629 4.13 -60.72 -39.84
C VAL B 629 5.11 -61.56 -40.65
N ALA B 630 5.50 -62.69 -40.08
CA ALA B 630 6.45 -63.61 -40.74
C ALA B 630 7.84 -63.02 -40.88
N LEU B 631 8.19 -62.08 -40.01
CA LEU B 631 9.54 -61.54 -40.02
C LEU B 631 10.42 -62.66 -39.49
N LYS B 632 11.69 -62.68 -39.89
CA LYS B 632 12.53 -63.79 -39.48
C LYS B 632 12.61 -63.84 -37.97
N LEU B 633 12.40 -65.01 -37.40
CA LEU B 633 12.50 -65.16 -35.96
C LEU B 633 13.90 -65.61 -35.61
N ASN B 634 14.69 -65.84 -36.65
CA ASN B 634 16.02 -66.39 -36.51
C ASN B 634 17.06 -65.28 -36.44
N VAL B 635 17.09 -64.54 -35.34
CA VAL B 635 18.11 -63.52 -35.15
C VAL B 635 19.27 -64.16 -34.39
N PRO B 636 20.40 -64.43 -35.04
CA PRO B 636 21.52 -65.07 -34.31
C PRO B 636 22.06 -64.22 -33.19
N ALA B 637 22.08 -62.90 -33.35
CA ALA B 637 22.62 -61.98 -32.35
C ALA B 637 21.60 -60.86 -32.14
N ASP B 638 20.98 -60.84 -30.96
CA ASP B 638 19.96 -59.85 -30.63
C ASP B 638 20.64 -58.64 -30.02
N GLY B 639 20.91 -57.62 -30.85
CA GLY B 639 21.62 -56.44 -30.41
C GLY B 639 21.09 -55.19 -31.10
N ASP B 640 22.02 -54.37 -31.58
CA ASP B 640 21.70 -53.05 -32.12
C ASP B 640 21.08 -53.14 -33.52
N MET B 641 21.27 -54.25 -34.23
CA MET B 641 20.82 -54.33 -35.61
C MET B 641 19.31 -54.24 -35.73
N CYS B 642 18.57 -54.83 -34.77
CA CYS B 642 17.11 -54.80 -34.86
C CYS B 642 16.58 -53.38 -34.72
N VAL B 643 17.04 -52.64 -33.71
CA VAL B 643 16.57 -51.28 -33.51
C VAL B 643 17.07 -50.37 -34.63
N SER B 644 18.26 -50.66 -35.17
CA SER B 644 18.74 -49.88 -36.31
C SER B 644 17.86 -50.10 -37.55
N LEU B 645 17.44 -51.35 -37.78
CA LEU B 645 16.53 -51.63 -38.88
C LEU B 645 15.18 -50.94 -38.67
N LEU B 646 14.68 -50.95 -37.44
CA LEU B 646 13.44 -50.24 -37.14
C LEU B 646 13.58 -48.75 -37.40
N SER B 647 14.72 -48.18 -37.01
CA SER B 647 14.97 -46.76 -37.28
C SER B 647 15.03 -46.47 -38.77
N ARG B 648 15.70 -47.34 -39.54
CA ARG B 648 15.80 -47.12 -40.98
C ARG B 648 14.45 -47.27 -41.67
N LEU B 649 13.56 -48.09 -41.12
CA LEU B 649 12.24 -48.26 -41.71
C LEU B 649 11.20 -47.26 -41.20
N CYS B 650 11.47 -46.57 -40.09
CA CYS B 650 10.48 -45.66 -39.52
C CYS B 650 11.03 -44.33 -39.05
N THR B 651 12.28 -44.00 -39.38
CA THR B 651 12.91 -42.72 -39.03
C THR B 651 12.83 -42.48 -37.52
N VAL B 652 13.43 -43.40 -36.76
CA VAL B 652 13.41 -43.31 -35.31
C VAL B 652 14.50 -42.35 -34.84
N THR B 653 14.15 -41.49 -33.89
CA THR B 653 15.04 -40.43 -33.45
C THR B 653 16.23 -41.00 -32.67
N PRO B 654 17.37 -40.28 -32.66
CA PRO B 654 18.52 -40.71 -31.84
C PRO B 654 18.21 -40.86 -30.36
N ASP B 655 17.04 -40.37 -29.93
CA ASP B 655 16.65 -40.47 -28.53
C ASP B 655 16.46 -41.92 -28.07
N MET B 656 16.37 -42.87 -29.00
CA MET B 656 16.13 -44.27 -28.70
C MET B 656 17.44 -45.06 -28.64
N TYR B 657 18.48 -44.44 -28.12
CA TYR B 657 19.83 -44.98 -28.11
C TYR B 657 20.26 -45.20 -26.67
N ARG B 658 21.56 -45.47 -26.49
CA ARG B 658 22.13 -45.85 -25.19
C ARG B 658 21.51 -47.15 -24.70
N VAL B 659 21.28 -48.08 -25.62
CA VAL B 659 20.71 -49.38 -25.29
C VAL B 659 21.74 -50.22 -24.55
N GLY B 660 21.29 -50.97 -23.54
CA GLY B 660 22.18 -51.83 -22.80
C GLY B 660 22.47 -53.12 -23.54
N ILE B 661 22.43 -54.25 -22.84
CA ILE B 661 22.68 -55.54 -23.50
C ILE B 661 21.55 -55.86 -24.48
N SER B 662 20.33 -56.05 -23.95
CA SER B 662 19.16 -56.26 -24.80
C SER B 662 17.94 -55.53 -24.25
N LYS B 663 18.11 -54.51 -23.42
CA LYS B 663 17.01 -53.87 -22.70
C LYS B 663 17.23 -52.37 -22.75
N LEU B 664 16.54 -51.65 -21.85
CA LEU B 664 16.61 -50.19 -21.75
C LEU B 664 16.03 -49.52 -22.99
N PHE B 665 14.80 -49.90 -23.34
CA PHE B 665 14.05 -49.29 -24.44
C PHE B 665 12.88 -48.51 -23.86
N LEU B 666 12.90 -47.18 -24.02
CA LEU B 666 11.80 -46.36 -23.52
C LEU B 666 10.52 -46.61 -24.31
N LYS B 667 10.65 -46.91 -25.61
CA LYS B 667 9.53 -47.30 -26.46
C LYS B 667 8.46 -46.21 -26.53
N GLU B 668 8.89 -45.01 -26.90
CA GLU B 668 7.95 -43.93 -27.17
C GLU B 668 7.40 -44.02 -28.59
N HIS B 669 8.28 -44.23 -29.58
CA HIS B 669 7.84 -44.40 -30.96
C HIS B 669 7.10 -45.72 -31.16
N LEU B 670 7.34 -46.71 -30.28
CA LEU B 670 6.65 -47.99 -30.40
C LEU B 670 5.15 -47.84 -30.22
N HIS B 671 4.72 -46.85 -29.43
CA HIS B 671 3.29 -46.63 -29.21
C HIS B 671 2.56 -46.34 -30.51
N GLN B 672 3.18 -45.59 -31.41
CA GLN B 672 2.60 -45.34 -32.73
C GLN B 672 3.05 -46.33 -33.78
N LEU B 673 4.16 -47.04 -33.55
CA LEU B 673 4.65 -48.05 -34.49
C LEU B 673 3.84 -49.34 -34.43
N LEU B 674 3.26 -49.66 -33.27
CA LEU B 674 2.58 -50.95 -33.12
C LEU B 674 1.37 -51.04 -34.05
N GLU B 675 0.54 -49.99 -34.09
CA GLU B 675 -0.60 -50.03 -34.99
C GLU B 675 -0.17 -49.90 -36.45
N SER B 676 0.91 -49.15 -36.71
CA SER B 676 1.41 -49.02 -38.07
C SER B 676 1.82 -50.38 -38.63
N MET B 677 2.49 -51.19 -37.82
CA MET B 677 2.84 -52.53 -38.28
C MET B 677 1.67 -53.51 -38.19
N ARG B 678 0.69 -53.25 -37.34
CA ARG B 678 -0.45 -54.16 -37.21
C ARG B 678 -1.42 -54.04 -38.37
N GLU B 679 -1.71 -52.82 -38.82
CA GLU B 679 -2.79 -52.63 -39.79
C GLU B 679 -2.51 -53.30 -41.14
N ARG B 680 -1.27 -53.24 -41.64
CA ARG B 680 -1.00 -53.82 -42.95
C ARG B 680 -1.13 -55.34 -42.94
N VAL B 681 -0.84 -55.98 -41.81
CA VAL B 681 -1.01 -57.44 -41.71
C VAL B 681 -2.48 -57.79 -41.72
N GLN B 682 -3.30 -57.04 -40.97
CA GLN B 682 -4.73 -57.33 -40.91
C GLN B 682 -5.44 -56.99 -42.22
N ASN B 683 -4.89 -56.03 -42.98
CA ASN B 683 -5.53 -55.66 -44.25
C ASN B 683 -5.48 -56.75 -45.29
N ARG B 684 -4.62 -57.76 -45.10
CA ARG B 684 -4.56 -58.86 -46.07
C ARG B 684 -5.85 -59.65 -46.12
N ALA B 685 -6.47 -59.91 -44.97
CA ALA B 685 -7.72 -60.65 -44.92
C ALA B 685 -8.88 -59.80 -45.45
N ASP C 1 -29.53 -23.32 -23.56
CA ASP C 1 -30.58 -22.71 -22.76
C ASP C 1 -30.52 -21.19 -22.83
N GLU C 2 -31.12 -20.54 -21.84
CA GLU C 2 -31.12 -19.08 -21.78
C GLU C 2 -29.74 -18.60 -21.38
N THR C 3 -29.05 -17.91 -22.30
CA THR C 3 -27.69 -17.46 -22.03
C THR C 3 -27.63 -16.18 -21.21
N THR C 4 -28.76 -15.47 -21.07
CA THR C 4 -28.85 -14.23 -20.29
C THR C 4 -27.81 -13.22 -20.77
N ALA C 5 -27.99 -12.80 -22.02
CA ALA C 5 -27.06 -11.89 -22.66
C ALA C 5 -26.88 -10.61 -21.85
N LEU C 6 -25.64 -10.20 -21.67
CA LEU C 6 -25.33 -9.02 -20.87
C LEU C 6 -25.59 -7.74 -21.66
N VAL C 7 -25.83 -6.66 -20.92
CA VAL C 7 -25.95 -5.32 -21.48
C VAL C 7 -25.04 -4.42 -20.66
N CYS C 8 -23.98 -3.91 -21.29
CA CYS C 8 -22.98 -3.10 -20.61
C CYS C 8 -22.90 -1.74 -21.31
N ASP C 9 -23.73 -0.80 -20.84
CA ASP C 9 -23.74 0.56 -21.39
C ASP C 9 -22.47 1.30 -21.01
N ASN C 10 -21.59 1.54 -21.99
CA ASN C 10 -20.33 2.24 -21.76
C ASN C 10 -20.50 3.68 -22.21
N GLY C 11 -21.04 4.51 -21.32
CA GLY C 11 -21.22 5.92 -21.61
C GLY C 11 -19.96 6.73 -21.42
N SER C 12 -20.07 8.03 -21.71
CA SER C 12 -18.93 8.92 -21.52
C SER C 12 -18.60 9.10 -20.05
N GLY C 13 -19.60 9.09 -19.19
CA GLY C 13 -19.38 9.21 -17.75
C GLY C 13 -19.49 7.89 -17.04
N LEU C 14 -20.64 7.64 -16.41
CA LEU C 14 -20.86 6.39 -15.69
C LEU C 14 -21.02 5.23 -16.66
N VAL C 15 -20.88 4.02 -16.13
CA VAL C 15 -21.02 2.79 -16.89
C VAL C 15 -22.08 1.92 -16.22
N LYS C 16 -23.05 1.48 -17.01
CA LYS C 16 -24.15 0.66 -16.51
C LYS C 16 -24.02 -0.74 -17.09
N ALA C 17 -24.05 -1.75 -16.22
CA ALA C 17 -23.96 -3.14 -16.63
C ALA C 17 -24.99 -3.97 -15.87
N GLY C 18 -25.39 -5.08 -16.48
CA GLY C 18 -26.37 -5.95 -15.86
C GLY C 18 -26.79 -7.04 -16.82
N PHE C 19 -27.80 -7.79 -16.40
CA PHE C 19 -28.34 -8.90 -17.17
C PHE C 19 -29.63 -8.50 -17.86
N ALA C 20 -29.89 -9.13 -19.00
CA ALA C 20 -31.12 -8.86 -19.74
C ALA C 20 -32.32 -9.43 -19.00
N GLY C 21 -33.44 -8.71 -19.07
CA GLY C 21 -34.66 -9.14 -18.41
C GLY C 21 -34.97 -8.32 -17.18
N ASP C 22 -33.94 -7.99 -16.40
CA ASP C 22 -34.14 -7.17 -15.22
C ASP C 22 -34.46 -5.73 -15.61
N ASP C 23 -35.04 -4.99 -14.66
CA ASP C 23 -35.48 -3.62 -14.89
C ASP C 23 -34.54 -2.59 -14.28
N ALA C 24 -33.33 -2.99 -13.90
CA ALA C 24 -32.40 -2.05 -13.29
C ALA C 24 -30.98 -2.56 -13.49
N PRO C 25 -30.02 -1.67 -13.77
CA PRO C 25 -28.63 -2.12 -13.92
C PRO C 25 -28.08 -2.64 -12.61
N ARG C 26 -27.19 -3.64 -12.72
CA ARG C 26 -26.59 -4.26 -11.54
C ARG C 26 -25.26 -3.64 -11.16
N ALA C 27 -24.78 -2.64 -11.89
CA ALA C 27 -23.48 -2.04 -11.62
C ALA C 27 -23.45 -0.63 -12.19
N VAL C 28 -23.35 0.37 -11.32
CA VAL C 28 -23.21 1.77 -11.71
C VAL C 28 -21.97 2.32 -11.03
N PHE C 29 -21.04 2.86 -11.81
CA PHE C 29 -19.82 3.43 -11.29
C PHE C 29 -19.17 4.26 -12.38
N PRO C 30 -18.48 5.35 -12.02
CA PRO C 30 -17.79 6.16 -13.03
C PRO C 30 -16.71 5.36 -13.74
N SER C 31 -16.51 5.67 -15.02
CA SER C 31 -15.48 5.03 -15.84
C SER C 31 -14.22 5.89 -15.79
N ILE C 32 -13.45 5.72 -14.73
CA ILE C 32 -12.26 6.52 -14.48
C ILE C 32 -11.09 5.58 -14.21
N VAL C 33 -9.98 5.80 -14.91
CA VAL C 33 -8.74 5.08 -14.68
C VAL C 33 -7.76 6.05 -14.04
N GLY C 34 -7.35 5.75 -12.82
CA GLY C 34 -6.45 6.62 -12.07
C GLY C 34 -5.11 5.95 -11.82
N ARG C 35 -4.06 6.76 -11.82
CA ARG C 35 -2.71 6.29 -11.57
C ARG C 35 -2.06 7.13 -10.48
N PRO C 36 -1.34 6.51 -9.55
CA PRO C 36 -0.67 7.29 -8.49
C PRO C 36 0.38 8.22 -9.07
N ARG C 37 0.50 9.39 -8.44
CA ARG C 37 1.45 10.41 -8.89
C ARG C 37 2.53 10.74 -7.87
N HIS C 38 2.30 10.50 -6.58
CA HIS C 38 3.27 10.88 -5.56
C HIS C 38 4.30 9.77 -5.39
N GLN C 39 5.30 10.04 -4.55
CA GLN C 39 6.40 9.11 -4.31
C GLN C 39 6.07 8.24 -3.09
N GLY C 40 5.92 6.95 -3.31
CA GLY C 40 5.66 6.04 -2.21
C GLY C 40 6.90 5.83 -1.36
N VAL C 41 6.69 5.82 -0.05
CA VAL C 41 7.78 5.65 0.91
C VAL C 41 7.62 4.38 1.74
N MET C 42 6.39 4.05 2.13
CA MET C 42 6.15 2.84 2.91
C MET C 42 6.35 1.61 2.03
N VAL C 43 7.01 0.60 2.59
CA VAL C 43 7.29 -0.64 1.86
C VAL C 43 6.04 -1.50 1.89
N GLY C 44 5.58 -1.92 0.72
CA GLY C 44 4.41 -2.76 0.59
C GLY C 44 3.14 -2.03 0.22
N MET C 45 3.15 -0.70 0.18
CA MET C 45 1.97 0.08 -0.15
C MET C 45 1.90 0.47 -1.61
N GLY C 46 2.87 0.05 -2.42
CA GLY C 46 2.86 0.34 -3.84
C GLY C 46 2.34 -0.81 -4.66
N GLN C 47 2.98 -1.06 -5.81
CA GLN C 47 2.65 -2.15 -6.72
C GLN C 47 1.20 -2.07 -7.22
N LYS C 48 0.62 -0.87 -7.23
CA LYS C 48 -0.74 -0.64 -7.71
C LYS C 48 -0.68 0.52 -8.68
N ASP C 49 -0.45 0.22 -9.95
CA ASP C 49 -0.25 1.25 -10.98
C ASP C 49 -1.54 1.69 -11.65
N SER C 50 -2.69 1.12 -11.27
CA SER C 50 -3.95 1.47 -11.92
C SER C 50 -5.11 1.14 -10.98
N TYR C 51 -5.81 2.18 -10.52
CA TYR C 51 -7.05 2.02 -9.78
C TYR C 51 -8.20 2.30 -10.75
N VAL C 52 -9.07 1.31 -10.93
CA VAL C 52 -10.11 1.35 -11.96
C VAL C 52 -11.47 1.30 -11.28
N GLY C 53 -12.36 2.22 -11.66
CA GLY C 53 -13.73 2.19 -11.21
C GLY C 53 -14.03 3.00 -9.97
N ASP C 54 -14.89 2.49 -9.10
CA ASP C 54 -15.31 3.24 -7.92
C ASP C 54 -14.21 3.29 -6.87
N GLU C 55 -13.31 2.30 -6.85
CA GLU C 55 -12.21 2.31 -5.89
C GLU C 55 -11.24 3.45 -6.14
N ALA C 56 -11.24 4.02 -7.35
CA ALA C 56 -10.41 5.18 -7.67
C ALA C 56 -11.11 6.50 -7.36
N GLN C 57 -12.32 6.45 -6.79
CA GLN C 57 -13.05 7.66 -6.43
C GLN C 57 -12.78 8.10 -4.99
N SER C 58 -12.43 7.18 -4.10
CA SER C 58 -12.12 7.51 -2.72
C SER C 58 -10.65 7.85 -2.50
N LYS C 59 -9.75 7.23 -3.26
CA LYS C 59 -8.32 7.50 -3.16
C LYS C 59 -7.84 8.53 -4.17
N ARG C 60 -8.74 9.40 -4.65
CA ARG C 60 -8.41 10.34 -5.71
C ARG C 60 -7.46 11.45 -5.25
N GLY C 61 -7.19 11.56 -3.95
CA GLY C 61 -6.31 12.61 -3.46
C GLY C 61 -4.86 12.39 -3.83
N ILE C 62 -4.49 11.19 -4.30
CA ILE C 62 -3.11 10.90 -4.66
C ILE C 62 -3.06 10.34 -6.07
N LEU C 63 -4.19 10.35 -6.76
CA LEU C 63 -4.28 9.81 -8.11
C LEU C 63 -4.57 10.92 -9.12
N THR C 64 -4.31 10.63 -10.39
CA THR C 64 -4.64 11.50 -11.50
C THR C 64 -5.75 10.81 -12.29
N LEU C 65 -6.94 11.39 -12.29
CA LEU C 65 -8.11 10.77 -12.90
C LEU C 65 -8.16 11.11 -14.37
N LYS C 66 -8.13 10.10 -15.23
CA LYS C 66 -8.17 10.27 -16.67
C LYS C 66 -9.40 9.54 -17.22
N TYR C 67 -10.23 10.27 -17.95
CA TYR C 67 -11.36 9.65 -18.63
C TYR C 67 -10.90 9.02 -19.94
N PRO C 68 -11.09 7.71 -20.15
CA PRO C 68 -10.70 7.11 -21.43
C PRO C 68 -11.65 7.43 -22.57
N ILE C 69 -12.81 8.02 -22.28
CA ILE C 69 -13.80 8.37 -23.29
C ILE C 69 -14.09 9.86 -23.18
N GLU C 70 -13.93 10.57 -24.28
CA GLU C 70 -14.26 11.99 -24.34
C GLU C 70 -15.06 12.27 -25.62
N HIC C 71 -16.15 13.01 -25.48
CA HIC C 71 -17.01 13.36 -26.61
C HIC C 71 -17.65 12.13 -27.26
O HIC C 71 -18.40 12.21 -28.24
CB HIC C 71 -16.31 14.13 -27.74
CG HIC C 71 -15.93 15.50 -27.34
ND1 HIC C 71 -14.98 16.30 -28.00
CD2 HIC C 71 -16.45 16.22 -26.24
CE1 HIC C 71 -14.94 17.46 -27.33
NE2 HIC C 71 -15.83 17.46 -26.24
CZ HIC C 71 -16.05 18.52 -25.31
N GLY C 72 -17.34 10.97 -26.72
CA GLY C 72 -17.99 9.73 -27.09
C GLY C 72 -17.10 8.85 -27.93
N ILE C 73 -15.96 9.39 -28.34
CA ILE C 73 -14.95 8.65 -29.10
C ILE C 73 -13.94 8.09 -28.11
N ILE C 74 -13.69 6.79 -28.19
CA ILE C 74 -12.73 6.13 -27.29
C ILE C 74 -11.34 6.51 -27.74
N THR C 75 -10.70 7.43 -27.00
CA THR C 75 -9.37 7.91 -27.35
C THR C 75 -8.25 7.13 -26.68
N ASN C 76 -8.57 6.23 -25.76
CA ASN C 76 -7.57 5.43 -25.06
C ASN C 76 -8.09 4.01 -24.93
N TRP C 77 -7.33 3.04 -25.42
CA TRP C 77 -7.77 1.66 -25.50
C TRP C 77 -7.16 0.76 -24.42
N ASP C 78 -5.90 0.99 -24.05
CA ASP C 78 -5.26 0.15 -23.05
C ASP C 78 -5.97 0.23 -21.69
N ASP C 79 -6.52 1.38 -21.36
CA ASP C 79 -7.28 1.54 -20.13
C ASP C 79 -8.77 1.25 -20.30
N MET C 80 -9.30 1.42 -21.51
CA MET C 80 -10.67 0.99 -21.76
C MET C 80 -10.81 -0.52 -21.63
N GLU C 81 -9.80 -1.26 -22.09
CA GLU C 81 -9.78 -2.70 -21.88
C GLU C 81 -9.74 -3.03 -20.39
N LYS C 82 -8.97 -2.27 -19.62
CA LYS C 82 -8.94 -2.47 -18.18
C LYS C 82 -10.30 -2.22 -17.56
N ILE C 83 -10.99 -1.16 -18.00
CA ILE C 83 -12.31 -0.85 -17.48
C ILE C 83 -13.30 -1.97 -17.80
N TRP C 84 -13.26 -2.48 -19.03
CA TRP C 84 -14.15 -3.58 -19.40
C TRP C 84 -13.85 -4.83 -18.59
N HIS C 85 -12.56 -5.14 -18.41
CA HIS C 85 -12.17 -6.30 -17.61
C HIS C 85 -12.66 -6.16 -16.18
N HIS C 86 -12.51 -4.97 -15.61
CA HIS C 86 -13.05 -4.72 -14.27
C HIS C 86 -14.56 -4.94 -14.24
N THR C 87 -15.28 -4.29 -15.15
CA THR C 87 -16.74 -4.35 -15.17
C THR C 87 -17.23 -5.78 -15.27
N PHE C 88 -16.56 -6.61 -16.06
CA PHE C 88 -16.97 -8.00 -16.15
C PHE C 88 -16.56 -8.77 -14.90
N TYR C 89 -15.26 -8.94 -14.67
CA TYR C 89 -14.78 -9.87 -13.66
C TYR C 89 -14.98 -9.32 -12.24
N ASN C 90 -14.38 -8.15 -11.95
CA ASN C 90 -14.36 -7.68 -10.58
C ASN C 90 -15.72 -7.14 -10.13
N GLU C 91 -16.66 -6.96 -11.04
CA GLU C 91 -17.96 -6.39 -10.70
C GLU C 91 -19.09 -7.38 -10.91
N LEU C 92 -19.23 -7.96 -12.11
CA LEU C 92 -20.35 -8.86 -12.36
C LEU C 92 -20.03 -10.31 -12.03
N ARG C 93 -18.74 -10.66 -11.92
CA ARG C 93 -18.30 -12.00 -11.58
C ARG C 93 -18.88 -13.05 -12.53
N VAL C 94 -18.95 -12.71 -13.81
CA VAL C 94 -19.42 -13.62 -14.85
C VAL C 94 -18.39 -13.63 -15.98
N ALA C 95 -18.02 -14.83 -16.42
CA ALA C 95 -17.07 -14.96 -17.51
C ALA C 95 -17.76 -14.72 -18.84
N PRO C 96 -17.31 -13.76 -19.65
CA PRO C 96 -17.95 -13.50 -20.94
C PRO C 96 -17.70 -14.56 -22.01
N GLU C 97 -17.02 -15.66 -21.68
CA GLU C 97 -16.79 -16.72 -22.65
C GLU C 97 -18.05 -17.49 -23.00
N GLU C 98 -19.12 -17.35 -22.22
CA GLU C 98 -20.37 -18.07 -22.50
C GLU C 98 -21.59 -17.18 -22.34
N HIS C 99 -21.41 -15.87 -22.49
CA HIS C 99 -22.51 -14.92 -22.37
C HIS C 99 -22.42 -13.89 -23.49
N PRO C 100 -23.46 -13.74 -24.29
CA PRO C 100 -23.47 -12.66 -25.29
C PRO C 100 -23.50 -11.30 -24.62
N THR C 101 -22.93 -10.31 -25.32
CA THR C 101 -22.87 -8.95 -24.81
C THR C 101 -23.47 -7.99 -25.82
N LEU C 102 -24.17 -6.98 -25.31
CA LEU C 102 -24.81 -5.96 -26.14
C LEU C 102 -24.27 -4.60 -25.72
N LEU C 103 -23.68 -3.88 -26.67
CA LEU C 103 -23.05 -2.60 -26.41
C LEU C 103 -23.97 -1.44 -26.81
N THR C 104 -23.66 -0.28 -26.26
CA THR C 104 -24.33 0.97 -26.63
C THR C 104 -23.28 1.91 -27.20
N GLU C 105 -23.69 2.69 -28.20
CA GLU C 105 -22.72 3.45 -28.99
C GLU C 105 -23.43 4.61 -29.66
N ALA C 106 -22.69 5.71 -29.81
CA ALA C 106 -23.26 6.96 -30.29
C ALA C 106 -23.60 6.89 -31.77
N PRO C 107 -24.55 7.72 -32.23
CA PRO C 107 -24.98 7.64 -33.64
C PRO C 107 -23.89 7.94 -34.65
N LEU C 108 -23.24 9.09 -34.54
CA LEU C 108 -22.32 9.58 -35.58
C LEU C 108 -20.86 9.49 -35.17
N ASN C 109 -20.47 8.44 -34.44
CA ASN C 109 -19.08 8.26 -34.07
C ASN C 109 -18.29 7.67 -35.24
N PRO C 110 -16.96 7.82 -35.23
CA PRO C 110 -16.15 7.22 -36.30
C PRO C 110 -16.28 5.71 -36.35
N LYS C 111 -16.15 5.17 -37.57
CA LYS C 111 -16.30 3.74 -37.78
C LYS C 111 -15.17 2.95 -37.13
N ALA C 112 -13.96 3.53 -37.09
CA ALA C 112 -12.83 2.84 -36.48
C ALA C 112 -13.09 2.54 -35.01
N ASN C 113 -13.86 3.39 -34.32
CA ASN C 113 -14.22 3.12 -32.94
C ASN C 113 -14.97 1.80 -32.81
N ARG C 114 -16.02 1.63 -33.61
CA ARG C 114 -16.80 0.40 -33.56
C ARG C 114 -15.97 -0.80 -33.99
N GLU C 115 -15.14 -0.63 -35.02
CA GLU C 115 -14.32 -1.75 -35.49
C GLU C 115 -13.34 -2.21 -34.42
N LYS C 116 -12.68 -1.26 -33.75
CA LYS C 116 -11.74 -1.62 -32.70
C LYS C 116 -12.46 -2.20 -31.49
N MET C 117 -13.64 -1.69 -31.18
CA MET C 117 -14.44 -2.24 -30.08
C MET C 117 -14.79 -3.70 -30.36
N THR C 118 -15.22 -3.99 -31.58
CA THR C 118 -15.55 -5.35 -31.98
C THR C 118 -14.31 -6.25 -31.91
N GLN C 119 -13.17 -5.76 -32.40
CA GLN C 119 -11.94 -6.54 -32.34
C GLN C 119 -11.56 -6.85 -30.90
N ILE C 120 -11.66 -5.86 -30.01
CA ILE C 120 -11.29 -6.07 -28.62
C ILE C 120 -12.21 -7.09 -27.97
N MET C 121 -13.51 -6.98 -28.19
CA MET C 121 -14.43 -7.84 -27.47
C MET C 121 -14.57 -9.23 -28.07
N PHE C 122 -14.12 -9.46 -29.30
CA PHE C 122 -14.02 -10.83 -29.79
C PHE C 122 -12.66 -11.48 -29.57
N GLU C 123 -11.56 -10.74 -29.67
CA GLU C 123 -10.26 -11.39 -29.51
C GLU C 123 -9.89 -11.59 -28.05
N THR C 124 -9.93 -10.54 -27.23
CA THR C 124 -9.48 -10.64 -25.85
C THR C 124 -10.47 -11.44 -25.00
N PHE C 125 -11.70 -10.95 -24.88
CA PHE C 125 -12.68 -11.57 -24.00
C PHE C 125 -13.29 -12.85 -24.57
N ASN C 126 -13.17 -13.06 -25.88
CA ASN C 126 -13.69 -14.26 -26.55
C ASN C 126 -15.20 -14.42 -26.28
N VAL C 127 -15.92 -13.32 -26.48
CA VAL C 127 -17.38 -13.34 -26.31
C VAL C 127 -18.01 -14.10 -27.47
N PRO C 128 -18.91 -15.06 -27.22
CA PRO C 128 -19.48 -15.83 -28.34
C PRO C 128 -20.25 -14.99 -29.34
N ALA C 129 -20.94 -13.94 -28.91
CA ALA C 129 -21.75 -13.14 -29.81
C ALA C 129 -21.89 -11.74 -29.25
N MET C 130 -21.83 -10.75 -30.14
CA MET C 130 -21.86 -9.34 -29.74
C MET C 130 -22.71 -8.55 -30.73
N TYR C 131 -23.33 -7.49 -30.23
CA TYR C 131 -24.12 -6.59 -31.06
C TYR C 131 -23.92 -5.16 -30.56
N VAL C 132 -24.05 -4.22 -31.50
CA VAL C 132 -23.93 -2.80 -31.19
C VAL C 132 -25.21 -2.10 -31.62
N ALA C 133 -25.78 -1.31 -30.73
CA ALA C 133 -27.02 -0.59 -30.99
C ALA C 133 -26.80 0.90 -30.78
N ILE C 134 -27.83 1.68 -31.10
CA ILE C 134 -27.81 3.13 -30.94
C ILE C 134 -28.59 3.48 -29.67
N GLN C 135 -28.02 4.36 -28.85
CA GLN C 135 -28.60 4.67 -27.55
C GLN C 135 -29.99 5.30 -27.68
N ALA C 136 -30.22 6.08 -28.74
CA ALA C 136 -31.51 6.75 -28.89
C ALA C 136 -32.64 5.75 -29.10
N VAL C 137 -32.40 4.71 -29.91
CA VAL C 137 -33.43 3.71 -30.17
C VAL C 137 -33.78 2.96 -28.89
N LEU C 138 -32.76 2.58 -28.11
CA LEU C 138 -33.01 1.91 -26.84
C LEU C 138 -33.76 2.81 -25.87
N SER C 139 -33.41 4.11 -25.85
CA SER C 139 -34.14 5.05 -25.01
C SER C 139 -35.60 5.14 -25.43
N LEU C 140 -35.85 5.11 -26.74
CA LEU C 140 -37.24 5.14 -27.22
C LEU C 140 -37.98 3.87 -26.84
N TYR C 141 -37.30 2.72 -26.90
CA TYR C 141 -37.88 1.50 -26.33
C TYR C 141 -38.25 1.69 -24.87
N ALA C 142 -37.37 2.30 -24.08
CA ALA C 142 -37.61 2.47 -22.66
C ALA C 142 -38.82 3.35 -22.36
N SER C 143 -39.26 4.16 -23.32
CA SER C 143 -40.39 5.05 -23.11
C SER C 143 -41.73 4.41 -23.48
N GLY C 144 -41.73 3.17 -23.94
CA GLY C 144 -42.97 2.49 -24.28
C GLY C 144 -43.71 3.07 -25.46
N ARG C 145 -43.00 3.40 -26.53
CA ARG C 145 -43.63 3.93 -27.74
C ARG C 145 -42.76 3.59 -28.94
N THR C 146 -43.29 3.87 -30.14
CA THR C 146 -42.58 3.58 -31.38
C THR C 146 -42.54 4.80 -32.31
N THR C 147 -42.79 6.00 -31.78
CA THR C 147 -42.81 7.20 -32.60
C THR C 147 -42.46 8.40 -31.73
N GLY C 148 -41.40 9.11 -32.09
CA GLY C 148 -41.01 10.30 -31.35
C GLY C 148 -39.61 10.71 -31.71
N ILE C 149 -39.25 11.91 -31.27
CA ILE C 149 -37.91 12.45 -31.44
C ILE C 149 -37.17 12.28 -30.11
N VAL C 150 -36.08 11.52 -30.14
CA VAL C 150 -35.34 11.20 -28.94
C VAL C 150 -34.19 12.18 -28.78
N LEU C 151 -34.15 12.88 -27.65
CA LEU C 151 -33.06 13.80 -27.32
C LEU C 151 -32.29 13.19 -26.16
N ASP C 152 -31.18 12.55 -26.48
CA ASP C 152 -30.32 11.94 -25.47
C ASP C 152 -29.04 12.78 -25.35
N SER C 153 -28.72 13.17 -24.11
CA SER C 153 -27.55 14.03 -23.88
C SER C 153 -26.85 13.50 -22.64
N GLY C 154 -25.80 12.69 -22.85
CA GLY C 154 -25.04 12.15 -21.75
C GLY C 154 -23.94 13.09 -21.31
N ASP C 155 -22.71 12.58 -21.24
CA ASP C 155 -21.56 13.39 -20.85
C ASP C 155 -20.65 13.75 -22.01
N GLY C 156 -20.89 13.22 -23.21
CA GLY C 156 -20.03 13.51 -24.33
C GLY C 156 -20.72 13.97 -25.60
N VAL C 157 -22.02 13.67 -25.73
CA VAL C 157 -22.78 13.96 -26.94
C VAL C 157 -24.15 14.51 -26.58
N THR C 158 -24.82 15.08 -27.58
CA THR C 158 -26.20 15.51 -27.45
C THR C 158 -26.82 15.38 -28.84
N HIS C 159 -27.51 14.27 -29.08
CA HIS C 159 -27.94 13.89 -30.42
C HIS C 159 -29.46 13.76 -30.48
N ASN C 160 -30.04 14.22 -31.59
CA ASN C 160 -31.46 14.09 -31.85
C ASN C 160 -31.67 13.04 -32.94
N VAL C 161 -32.46 12.01 -32.62
CA VAL C 161 -32.75 10.94 -33.57
C VAL C 161 -34.25 10.77 -33.69
N PRO C 162 -34.88 11.36 -34.72
CA PRO C 162 -36.33 11.21 -34.88
C PRO C 162 -36.67 9.85 -35.47
N ILE C 163 -37.65 9.18 -34.87
CA ILE C 163 -38.11 7.86 -35.29
C ILE C 163 -39.63 7.93 -35.46
N TYR C 164 -40.13 7.38 -36.57
CA TYR C 164 -41.55 7.34 -36.86
C TYR C 164 -41.95 5.92 -37.22
N GLU C 165 -42.82 5.33 -36.39
CA GLU C 165 -43.39 4.01 -36.64
C GLU C 165 -42.31 2.96 -36.87
N GLY C 166 -41.22 3.09 -36.12
CA GLY C 166 -40.12 2.16 -36.21
C GLY C 166 -39.17 2.38 -37.36
N TYR C 167 -39.34 3.45 -38.13
CA TYR C 167 -38.48 3.77 -39.26
C TYR C 167 -37.64 4.99 -38.92
N ALA C 168 -36.33 4.86 -39.04
CA ALA C 168 -35.41 5.94 -38.73
C ALA C 168 -35.30 6.91 -39.91
N LEU C 169 -34.82 8.11 -39.61
CA LEU C 169 -34.62 9.16 -40.60
C LEU C 169 -33.17 9.62 -40.51
N PRO C 170 -32.25 8.94 -41.20
CA PRO C 170 -30.82 9.29 -41.07
C PRO C 170 -30.49 10.69 -41.55
N HIS C 171 -31.30 11.29 -42.41
CA HIS C 171 -31.03 12.63 -42.93
C HIS C 171 -31.42 13.73 -41.95
N ALA C 172 -32.07 13.39 -40.84
CA ALA C 172 -32.49 14.37 -39.85
C ALA C 172 -31.76 14.24 -38.52
N ILE C 173 -30.75 13.37 -38.43
CA ILE C 173 -30.00 13.18 -37.20
C ILE C 173 -28.98 14.31 -37.08
N MET C 174 -29.08 15.07 -36.00
CA MET C 174 -28.12 16.12 -35.68
C MET C 174 -27.47 15.81 -34.33
N ARG C 175 -26.13 15.82 -34.32
CA ARG C 175 -25.36 15.52 -33.12
C ARG C 175 -24.63 16.79 -32.67
N LEU C 176 -24.68 17.06 -31.37
CA LEU C 176 -24.04 18.23 -30.79
C LEU C 176 -23.05 17.78 -29.74
N ASP C 177 -21.87 18.41 -29.72
CA ASP C 177 -20.79 18.04 -28.82
C ASP C 177 -20.79 18.85 -27.52
N LEU C 178 -21.95 19.37 -27.14
CA LEU C 178 -22.12 20.08 -25.87
C LEU C 178 -22.87 19.16 -24.91
N ALA C 179 -22.24 18.83 -23.79
CA ALA C 179 -22.78 17.83 -22.88
C ALA C 179 -22.37 18.18 -21.46
N GLY C 180 -22.49 17.22 -20.56
CA GLY C 180 -22.24 17.47 -19.14
C GLY C 180 -20.82 17.89 -18.84
N ARG C 181 -19.84 17.36 -19.58
CA ARG C 181 -18.45 17.71 -19.31
C ARG C 181 -18.19 19.20 -19.53
N ASP C 182 -18.74 19.76 -20.61
CA ASP C 182 -18.59 21.19 -20.85
C ASP C 182 -19.32 22.01 -19.78
N LEU C 183 -20.46 21.51 -19.30
CA LEU C 183 -21.15 22.20 -18.21
C LEU C 183 -20.30 22.21 -16.94
N THR C 184 -19.65 21.08 -16.64
CA THR C 184 -18.77 21.01 -15.47
C THR C 184 -17.60 21.97 -15.62
N ASP C 185 -16.99 22.01 -16.81
CA ASP C 185 -15.89 22.93 -17.04
C ASP C 185 -16.32 24.39 -16.93
N TYR C 186 -17.49 24.74 -17.47
CA TYR C 186 -18.00 26.10 -17.35
C TYR C 186 -18.32 26.47 -15.90
N LEU C 187 -18.88 25.53 -15.14
CA LEU C 187 -19.10 25.79 -13.72
C LEU C 187 -17.79 25.99 -12.98
N MET C 188 -16.78 25.20 -13.32
CA MET C 188 -15.47 25.35 -12.69
C MET C 188 -14.86 26.71 -13.02
N LYS C 189 -15.00 27.17 -14.26
CA LYS C 189 -14.47 28.47 -14.65
C LYS C 189 -15.31 29.63 -14.14
N ILE C 190 -16.59 29.41 -13.81
CA ILE C 190 -17.43 30.49 -13.32
C ILE C 190 -17.42 30.58 -11.79
N LEU C 191 -17.03 29.51 -11.11
CA LEU C 191 -16.93 29.56 -9.65
C LEU C 191 -15.77 30.46 -9.20
N THR C 192 -14.78 30.66 -10.06
CA THR C 192 -13.66 31.53 -9.71
C THR C 192 -14.07 32.99 -9.59
N GLU C 193 -15.25 33.37 -10.08
CA GLU C 193 -15.73 34.74 -9.92
C GLU C 193 -15.95 35.07 -8.44
N ARG C 194 -16.43 34.10 -7.67
CA ARG C 194 -16.66 34.31 -6.25
C ARG C 194 -15.42 34.04 -5.39
N GLY C 195 -14.36 33.50 -5.98
CA GLY C 195 -13.11 33.26 -5.27
C GLY C 195 -12.78 31.80 -5.05
N TYR C 196 -13.57 30.87 -5.56
CA TYR C 196 -13.33 29.44 -5.36
C TYR C 196 -12.57 28.89 -6.56
N SER C 197 -11.43 28.25 -6.30
CA SER C 197 -10.56 27.73 -7.34
C SER C 197 -10.48 26.22 -7.23
N PHE C 198 -10.63 25.54 -8.37
CA PHE C 198 -10.56 24.08 -8.44
C PHE C 198 -9.67 23.73 -9.63
N VAL C 199 -8.38 23.51 -9.36
CA VAL C 199 -7.37 23.41 -10.42
C VAL C 199 -7.09 21.97 -10.82
N THR C 200 -6.90 21.07 -9.85
CA THR C 200 -6.50 19.71 -10.17
C THR C 200 -7.72 18.85 -10.50
N THR C 201 -7.45 17.67 -11.08
CA THR C 201 -8.52 16.77 -11.50
C THR C 201 -9.33 16.23 -10.34
N ALA C 202 -8.78 16.22 -9.13
CA ALA C 202 -9.52 15.73 -7.98
C ALA C 202 -10.68 16.63 -7.61
N GLU C 203 -10.58 17.93 -7.86
CA GLU C 203 -11.66 18.86 -7.59
C GLU C 203 -12.71 18.91 -8.70
N ARG C 204 -12.41 18.33 -9.86
CA ARG C 204 -13.43 18.22 -10.90
C ARG C 204 -14.62 17.38 -10.41
N GLU C 205 -14.34 16.35 -9.62
CA GLU C 205 -15.43 15.56 -9.04
C GLU C 205 -16.25 16.38 -8.06
N ILE C 206 -15.61 17.25 -7.28
CA ILE C 206 -16.34 18.13 -6.37
C ILE C 206 -17.24 19.08 -7.17
N VAL C 207 -16.72 19.64 -8.26
CA VAL C 207 -17.51 20.53 -9.09
C VAL C 207 -18.69 19.77 -9.70
N ARG C 208 -18.45 18.56 -10.17
CA ARG C 208 -19.52 17.75 -10.75
C ARG C 208 -20.59 17.42 -9.72
N ASP C 209 -20.18 17.09 -8.49
CA ASP C 209 -21.16 16.81 -7.45
C ASP C 209 -21.96 18.05 -7.08
N ILE C 210 -21.31 19.22 -7.05
CA ILE C 210 -22.02 20.47 -6.80
C ILE C 210 -23.07 20.69 -7.89
N LYS C 211 -22.67 20.47 -9.15
CA LYS C 211 -23.61 20.61 -10.26
C LYS C 211 -24.78 19.65 -10.12
N GLU C 212 -24.50 18.40 -9.74
CA GLU C 212 -25.56 17.42 -9.60
C GLU C 212 -26.53 17.79 -8.50
N LYS C 213 -26.04 18.30 -7.36
CA LYS C 213 -26.89 18.54 -6.21
C LYS C 213 -27.61 19.88 -6.23
N LEU C 214 -26.95 20.96 -6.66
CA LEU C 214 -27.51 22.29 -6.45
C LEU C 214 -27.98 22.98 -7.72
N CYS C 215 -27.51 22.56 -8.89
CA CYS C 215 -27.85 23.27 -10.12
C CYS C 215 -29.30 23.01 -10.52
N TYR C 216 -29.88 23.98 -11.22
CA TYR C 216 -31.24 23.88 -11.73
C TYR C 216 -31.37 24.82 -12.92
N VAL C 217 -32.41 24.61 -13.72
CA VAL C 217 -32.64 25.38 -14.93
C VAL C 217 -33.71 26.43 -14.66
N ALA C 218 -33.38 27.69 -14.93
CA ALA C 218 -34.33 28.77 -14.76
C ALA C 218 -35.40 28.71 -15.85
N LEU C 219 -36.57 29.26 -15.53
CA LEU C 219 -37.63 29.35 -16.53
C LEU C 219 -37.39 30.53 -17.47
N ASP C 220 -37.32 31.74 -16.92
CA ASP C 220 -36.95 32.94 -17.67
C ASP C 220 -35.58 33.39 -17.17
N PHE C 221 -34.60 33.42 -18.08
CA PHE C 221 -33.23 33.68 -17.68
C PHE C 221 -33.04 35.13 -17.23
N GLU C 222 -33.57 36.08 -18.00
CA GLU C 222 -33.40 37.49 -17.67
C GLU C 222 -34.13 37.84 -16.38
N ASN C 223 -35.31 37.24 -16.15
CA ASN C 223 -36.05 37.53 -14.93
C ASN C 223 -35.27 37.11 -13.69
N GLU C 224 -34.65 35.92 -13.73
CA GLU C 224 -33.86 35.49 -12.57
C GLU C 224 -32.53 36.23 -12.49
N MET C 225 -31.98 36.67 -13.63
CA MET C 225 -30.82 37.56 -13.57
C MET C 225 -31.14 38.84 -12.82
N ALA C 226 -32.31 39.42 -13.09
CA ALA C 226 -32.75 40.59 -12.35
C ALA C 226 -33.02 40.27 -10.88
N THR C 227 -33.61 39.10 -10.61
CA THR C 227 -33.98 38.75 -9.24
C THR C 227 -32.75 38.51 -8.38
N ALA C 228 -31.71 37.86 -8.92
CA ALA C 228 -30.56 37.47 -8.13
C ALA C 228 -29.81 38.68 -7.57
N ALA C 229 -29.68 39.74 -8.37
CA ALA C 229 -28.98 40.94 -7.93
C ALA C 229 -29.78 41.76 -6.92
N SER C 230 -31.05 41.43 -6.69
CA SER C 230 -31.89 42.18 -5.77
C SER C 230 -32.33 41.38 -4.56
N SER C 231 -31.87 40.14 -4.40
CA SER C 231 -32.28 39.31 -3.27
C SER C 231 -31.24 38.23 -3.05
N SER C 232 -31.34 37.58 -1.89
CA SER C 232 -30.44 36.49 -1.52
C SER C 232 -31.17 35.17 -1.32
N SER C 233 -32.42 35.06 -1.78
CA SER C 233 -33.18 33.83 -1.58
C SER C 233 -32.66 32.68 -2.44
N LEU C 234 -32.05 32.98 -3.59
CA LEU C 234 -31.56 31.92 -4.47
C LEU C 234 -30.23 31.34 -4.00
N GLU C 235 -29.55 31.98 -3.06
CA GLU C 235 -28.25 31.51 -2.61
C GLU C 235 -28.40 30.25 -1.77
N LYS C 236 -27.56 29.26 -2.06
CA LYS C 236 -27.51 28.01 -1.31
C LYS C 236 -26.05 27.65 -1.05
N SER C 237 -25.82 26.82 -0.05
CA SER C 237 -24.48 26.51 0.42
C SER C 237 -24.19 25.01 0.29
N TYR C 238 -22.94 24.70 0.01
CA TYR C 238 -22.46 23.32 -0.08
C TYR C 238 -21.16 23.21 0.70
N GLU C 239 -20.89 22.02 1.23
CA GLU C 239 -19.73 21.78 2.08
C GLU C 239 -18.72 20.94 1.33
N LEU C 240 -17.51 21.46 1.19
CA LEU C 240 -16.40 20.70 0.61
C LEU C 240 -15.98 19.59 1.58
N PRO C 241 -15.30 18.56 1.10
CA PRO C 241 -14.83 17.50 2.00
C PRO C 241 -13.59 17.88 2.81
N ASP C 242 -13.50 19.11 3.31
CA ASP C 242 -12.45 19.52 4.23
C ASP C 242 -12.96 20.35 5.39
N GLY C 243 -14.24 20.71 5.39
CA GLY C 243 -14.85 21.48 6.47
C GLY C 243 -15.33 22.86 6.09
N GLN C 244 -14.71 23.50 5.10
CA GLN C 244 -15.11 24.85 4.72
C GLN C 244 -16.35 24.82 3.84
N VAL C 245 -17.24 25.78 4.05
CA VAL C 245 -18.54 25.82 3.38
C VAL C 245 -18.53 26.99 2.40
N ILE C 246 -18.90 26.71 1.15
CA ILE C 246 -19.00 27.72 0.11
C ILE C 246 -20.46 28.09 -0.09
N THR C 247 -20.70 29.28 -0.61
CA THR C 247 -22.04 29.74 -0.95
C THR C 247 -22.08 30.08 -2.43
N ILE C 248 -23.11 29.59 -3.12
CA ILE C 248 -23.27 29.78 -4.55
C ILE C 248 -24.54 30.58 -4.79
N GLY C 249 -24.42 31.67 -5.54
CA GLY C 249 -25.56 32.53 -5.81
C GLY C 249 -26.24 32.23 -7.13
N ASN C 250 -26.08 33.13 -8.10
CA ASN C 250 -26.73 32.99 -9.41
C ASN C 250 -25.96 32.05 -10.34
N GLU C 251 -24.97 31.33 -9.83
CA GLU C 251 -24.25 30.33 -10.63
C GLU C 251 -24.97 28.99 -10.66
N ARG C 252 -26.09 28.85 -9.95
CA ARG C 252 -26.83 27.60 -9.98
C ARG C 252 -27.53 27.41 -11.33
N PHE C 253 -28.15 28.46 -11.86
CA PHE C 253 -28.86 28.36 -13.13
C PHE C 253 -28.12 28.97 -14.30
N ARG C 254 -27.00 29.66 -14.05
CA ARG C 254 -26.17 30.15 -15.14
C ARG C 254 -25.27 29.07 -15.72
N CYS C 255 -25.12 27.94 -15.04
CA CYS C 255 -24.35 26.81 -15.54
C CYS C 255 -25.13 26.02 -16.59
N PRO C 256 -26.37 25.56 -16.34
CA PRO C 256 -27.07 24.79 -17.35
C PRO C 256 -27.69 25.63 -18.46
N GLU C 257 -27.64 26.95 -18.37
CA GLU C 257 -28.11 27.80 -19.45
C GLU C 257 -27.25 27.67 -20.70
N THR C 258 -26.04 27.11 -20.57
CA THR C 258 -25.20 26.88 -21.73
C THR C 258 -25.87 25.92 -22.71
N LEU C 259 -26.69 24.99 -22.21
CA LEU C 259 -27.41 24.07 -23.08
C LEU C 259 -28.42 24.80 -23.97
N PHE C 260 -28.82 26.01 -23.59
CA PHE C 260 -29.75 26.78 -24.39
C PHE C 260 -29.12 27.99 -25.08
N GLN C 261 -28.00 28.48 -24.57
CA GLN C 261 -27.22 29.55 -25.19
C GLN C 261 -25.77 29.14 -25.24
N PRO C 262 -25.40 28.26 -26.18
CA PRO C 262 -24.04 27.72 -26.22
C PRO C 262 -22.99 28.74 -26.61
N SER C 263 -23.39 29.99 -26.83
CA SER C 263 -22.43 31.06 -27.07
C SER C 263 -21.61 31.40 -25.83
N PHE C 264 -22.01 30.91 -24.66
CA PHE C 264 -21.28 31.20 -23.44
C PHE C 264 -19.87 30.60 -23.48
N ILE C 265 -19.74 29.37 -23.98
CA ILE C 265 -18.47 28.68 -24.00
C ILE C 265 -17.81 28.77 -25.38
N GLY C 266 -18.24 29.70 -26.22
CA GLY C 266 -17.65 29.90 -27.52
C GLY C 266 -18.28 29.12 -28.66
N MET C 267 -19.17 28.18 -28.36
CA MET C 267 -19.84 27.42 -29.42
C MET C 267 -20.78 28.32 -30.20
N GLU C 268 -20.84 28.12 -31.51
CA GLU C 268 -21.70 28.95 -32.35
C GLU C 268 -23.08 28.34 -32.52
N SER C 269 -23.17 27.01 -32.51
CA SER C 269 -24.45 26.33 -32.72
C SER C 269 -25.44 26.71 -31.62
N ALA C 270 -26.71 26.79 -32.01
CA ALA C 270 -27.76 27.17 -31.10
C ALA C 270 -28.04 26.07 -30.09
N GLY C 271 -28.84 26.39 -29.08
CA GLY C 271 -29.18 25.46 -28.03
C GLY C 271 -30.00 24.28 -28.53
N ILE C 272 -30.21 23.33 -27.63
CA ILE C 272 -30.96 22.12 -27.99
C ILE C 272 -32.41 22.44 -28.29
N HIS C 273 -32.94 23.51 -27.70
CA HIS C 273 -34.34 23.88 -27.92
C HIS C 273 -34.59 24.20 -29.39
N GLU C 274 -33.64 24.86 -30.05
CA GLU C 274 -33.77 25.15 -31.47
C GLU C 274 -33.23 24.02 -32.34
N THR C 275 -32.28 23.24 -31.82
CA THR C 275 -31.78 22.09 -32.57
C THR C 275 -32.89 21.06 -32.78
N THR C 276 -33.71 20.81 -31.75
CA THR C 276 -34.83 19.89 -31.91
C THR C 276 -35.82 20.40 -32.94
N TYR C 277 -36.10 21.71 -32.94
CA TYR C 277 -37.02 22.29 -33.90
C TYR C 277 -36.51 22.15 -35.33
N ASN C 278 -35.21 22.44 -35.53
CA ASN C 278 -34.61 22.29 -36.84
C ASN C 278 -34.53 20.83 -37.28
N SER C 279 -34.37 19.90 -36.35
CA SER C 279 -34.37 18.48 -36.71
C SER C 279 -35.77 18.01 -37.08
N ILE C 280 -36.79 18.54 -36.40
CA ILE C 280 -38.16 18.19 -36.71
C ILE C 280 -38.55 18.71 -38.09
N MET C 281 -38.16 19.95 -38.41
CA MET C 281 -38.49 20.46 -39.75
C MET C 281 -37.49 20.05 -40.82
N LYS C 282 -36.70 19.00 -40.59
CA LYS C 282 -35.97 18.34 -41.66
C LYS C 282 -36.65 17.06 -42.12
N CYS C 283 -37.75 16.67 -41.48
CA CYS C 283 -38.49 15.48 -41.85
C CYS C 283 -39.60 15.85 -42.84
N ASP C 284 -40.53 14.94 -43.06
CA ASP C 284 -41.63 15.16 -43.99
C ASP C 284 -42.69 16.06 -43.34
N ILE C 285 -43.83 16.21 -43.99
CA ILE C 285 -44.87 17.12 -43.51
C ILE C 285 -45.92 16.44 -42.65
N ASP C 286 -46.39 15.25 -43.03
CA ASP C 286 -47.42 14.55 -42.28
C ASP C 286 -46.88 13.80 -41.08
N ILE C 287 -45.63 14.05 -40.68
CA ILE C 287 -45.03 13.39 -39.54
C ILE C 287 -44.93 14.30 -38.32
N ARG C 288 -44.80 15.62 -38.52
CA ARG C 288 -44.66 16.55 -37.40
C ARG C 288 -45.84 16.50 -36.45
N LYS C 289 -47.01 16.06 -36.92
CA LYS C 289 -48.18 15.87 -36.07
C LYS C 289 -47.86 15.01 -34.85
N ASP C 290 -47.05 13.97 -35.02
CA ASP C 290 -46.67 13.08 -33.94
C ASP C 290 -45.37 13.50 -33.27
N LEU C 291 -44.43 14.05 -34.04
CA LEU C 291 -43.14 14.46 -33.46
C LEU C 291 -43.31 15.59 -32.46
N TYR C 292 -44.17 16.58 -32.74
CA TYR C 292 -44.41 17.63 -31.77
C TYR C 292 -45.11 17.12 -30.51
N ALA C 293 -45.71 15.94 -30.55
CA ALA C 293 -46.45 15.41 -29.41
C ALA C 293 -45.73 14.29 -28.69
N ASN C 294 -44.57 13.86 -29.18
CA ASN C 294 -43.83 12.73 -28.61
C ASN C 294 -42.36 13.09 -28.41
N ASN C 295 -42.11 14.26 -27.83
CA ASN C 295 -40.75 14.75 -27.63
C ASN C 295 -40.13 14.05 -26.41
N VAL C 296 -39.71 12.81 -26.63
CA VAL C 296 -39.09 12.01 -25.57
C VAL C 296 -37.63 12.44 -25.42
N MET C 297 -37.20 12.66 -24.18
CA MET C 297 -35.83 13.00 -23.87
C MET C 297 -35.28 12.06 -22.81
N SER C 298 -33.96 11.90 -22.80
CA SER C 298 -33.28 11.02 -21.85
C SER C 298 -31.90 11.59 -21.59
N GLY C 299 -31.04 10.80 -20.97
CA GLY C 299 -29.71 11.23 -20.63
C GLY C 299 -29.63 11.85 -19.24
N GLY C 300 -28.41 11.85 -18.70
CA GLY C 300 -28.21 12.36 -17.35
C GLY C 300 -28.47 13.84 -17.23
N THR C 301 -28.00 14.62 -18.21
CA THR C 301 -28.04 16.07 -18.14
C THR C 301 -29.45 16.65 -18.27
N THR C 302 -30.48 15.82 -18.33
CA THR C 302 -31.84 16.29 -18.51
C THR C 302 -32.68 16.18 -17.25
N MET C 303 -32.08 15.96 -16.08
CA MET C 303 -32.81 15.97 -14.83
C MET C 303 -32.60 17.25 -14.03
N TYR C 304 -32.00 18.27 -14.63
CA TYR C 304 -31.95 19.57 -13.97
C TYR C 304 -33.38 20.08 -13.81
N PRO C 305 -33.82 20.39 -12.59
CA PRO C 305 -35.25 20.68 -12.36
C PRO C 305 -35.66 21.96 -13.06
N GLY C 306 -36.63 21.85 -13.98
CA GLY C 306 -37.11 22.96 -14.76
C GLY C 306 -36.82 22.85 -16.24
N ILE C 307 -36.07 21.83 -16.67
CA ILE C 307 -35.73 21.70 -18.08
C ILE C 307 -36.95 21.35 -18.91
N ALA C 308 -37.82 20.46 -18.40
CA ALA C 308 -38.99 20.04 -19.14
C ALA C 308 -40.01 21.15 -19.32
N ASP C 309 -39.88 22.25 -18.57
CA ASP C 309 -40.77 23.39 -18.74
C ASP C 309 -40.20 24.43 -19.69
N ARG C 310 -38.92 24.78 -19.52
CA ARG C 310 -38.29 25.74 -20.43
C ARG C 310 -38.22 25.18 -21.85
N MET C 311 -37.88 23.90 -21.99
CA MET C 311 -37.83 23.29 -23.32
C MET C 311 -39.20 23.33 -23.98
N GLN C 312 -40.25 22.99 -23.23
CA GLN C 312 -41.59 23.02 -23.79
C GLN C 312 -41.99 24.44 -24.18
N LYS C 313 -41.68 25.42 -23.34
CA LYS C 313 -42.00 26.81 -23.67
C LYS C 313 -41.27 27.26 -24.92
N GLU C 314 -39.98 26.94 -25.04
CA GLU C 314 -39.22 27.35 -26.21
C GLU C 314 -39.75 26.70 -27.49
N ILE C 315 -40.06 25.41 -27.41
CA ILE C 315 -40.56 24.70 -28.59
C ILE C 315 -41.95 25.23 -28.98
N THR C 316 -42.79 25.53 -27.98
CA THR C 316 -44.10 26.11 -28.27
C THR C 316 -43.95 27.47 -28.93
N ALA C 317 -43.00 28.28 -28.46
CA ALA C 317 -42.74 29.56 -29.11
C ALA C 317 -42.28 29.38 -30.55
N LEU C 318 -41.42 28.38 -30.80
CA LEU C 318 -40.95 28.15 -32.15
C LEU C 318 -42.03 27.51 -33.03
N ALA C 319 -42.77 26.55 -32.47
CA ALA C 319 -43.76 25.82 -33.26
C ALA C 319 -44.98 26.70 -33.53
N PRO C 320 -45.76 26.35 -34.57
CA PRO C 320 -47.01 27.08 -34.82
C PRO C 320 -47.99 26.94 -33.66
N SER C 321 -48.85 27.96 -33.53
CA SER C 321 -49.74 28.05 -32.38
C SER C 321 -50.74 26.91 -32.34
N THR C 322 -51.29 26.54 -33.50
CA THR C 322 -52.37 25.55 -33.53
C THR C 322 -51.92 24.18 -33.03
N MET C 323 -50.62 23.88 -33.12
CA MET C 323 -50.13 22.57 -32.74
C MET C 323 -49.92 22.46 -31.24
N LYS C 324 -49.90 21.22 -30.76
CA LYS C 324 -49.74 20.91 -29.35
C LYS C 324 -48.37 20.29 -29.12
N ILE C 325 -47.65 20.79 -28.11
CA ILE C 325 -46.32 20.32 -27.76
C ILE C 325 -46.40 19.56 -26.44
N LYS C 326 -45.83 18.36 -26.41
CA LYS C 326 -45.79 17.54 -25.21
C LYS C 326 -44.37 17.06 -24.98
N ILE C 327 -43.94 17.07 -23.72
CA ILE C 327 -42.61 16.65 -23.32
C ILE C 327 -42.75 15.42 -22.43
N ILE C 328 -42.04 14.35 -22.78
CA ILE C 328 -42.05 13.11 -22.03
C ILE C 328 -40.78 13.08 -21.19
N ALA C 329 -40.93 13.12 -19.86
CA ALA C 329 -39.80 13.16 -18.94
C ALA C 329 -39.99 12.08 -17.87
N PRO C 330 -39.66 10.83 -18.20
CA PRO C 330 -39.75 9.77 -17.20
C PRO C 330 -38.73 10.02 -16.08
N PRO C 331 -39.05 9.59 -14.86
CA PRO C 331 -38.15 9.85 -13.72
C PRO C 331 -36.86 9.04 -13.73
N GLU C 332 -36.67 8.15 -14.70
CA GLU C 332 -35.50 7.28 -14.76
C GLU C 332 -34.76 7.45 -16.09
N ARG C 333 -34.55 8.70 -16.50
CA ARG C 333 -33.97 8.96 -17.82
C ARG C 333 -32.56 8.41 -17.95
N LYS C 334 -31.73 8.59 -16.91
CA LYS C 334 -30.33 8.20 -17.03
C LYS C 334 -30.16 6.68 -17.15
N TYR C 335 -31.14 5.89 -16.74
CA TYR C 335 -31.09 4.45 -16.91
C TYR C 335 -31.98 3.98 -18.06
N SER C 336 -32.55 4.90 -18.83
CA SER C 336 -33.44 4.52 -19.92
C SER C 336 -32.70 3.75 -21.00
N VAL C 337 -31.45 4.14 -21.27
CA VAL C 337 -30.67 3.42 -22.29
C VAL C 337 -30.46 1.97 -21.89
N TRP C 338 -30.11 1.73 -20.62
CA TRP C 338 -29.93 0.35 -20.16
C TRP C 338 -31.26 -0.39 -20.14
N ILE C 339 -32.35 0.28 -19.76
CA ILE C 339 -33.66 -0.37 -19.76
C ILE C 339 -34.02 -0.82 -21.17
N GLY C 340 -33.82 0.06 -22.16
CA GLY C 340 -34.09 -0.31 -23.54
C GLY C 340 -33.20 -1.42 -24.03
N GLY C 341 -31.92 -1.39 -23.64
CA GLY C 341 -31.03 -2.48 -24.02
C GLY C 341 -31.45 -3.81 -23.44
N SER C 342 -31.88 -3.81 -22.17
CA SER C 342 -32.37 -5.04 -21.54
C SER C 342 -33.65 -5.53 -22.21
N ILE C 343 -34.54 -4.61 -22.56
CA ILE C 343 -35.77 -5.00 -23.25
C ILE C 343 -35.46 -5.62 -24.60
N LEU C 344 -34.53 -5.01 -25.34
CA LEU C 344 -34.15 -5.55 -26.66
C LEU C 344 -33.50 -6.91 -26.53
N ALA C 345 -32.54 -7.05 -25.60
CA ALA C 345 -31.81 -8.31 -25.47
C ALA C 345 -32.68 -9.44 -24.96
N SER C 346 -33.82 -9.14 -24.34
CA SER C 346 -34.72 -10.16 -23.85
C SER C 346 -35.70 -10.66 -24.92
N LEU C 347 -35.73 -10.01 -26.08
CA LEU C 347 -36.64 -10.44 -27.14
C LEU C 347 -36.10 -11.69 -27.82
N SER C 348 -36.97 -12.69 -27.99
CA SER C 348 -36.57 -13.92 -28.65
C SER C 348 -36.38 -13.70 -30.15
N THR C 349 -37.10 -12.75 -30.73
CA THR C 349 -36.93 -12.45 -32.16
C THR C 349 -35.54 -11.89 -32.45
N PHE C 350 -34.99 -11.07 -31.56
CA PHE C 350 -33.68 -10.47 -31.76
C PHE C 350 -32.55 -11.51 -31.77
N GLN C 351 -32.80 -12.72 -31.26
CA GLN C 351 -31.75 -13.73 -31.16
C GLN C 351 -31.12 -14.04 -32.52
N GLN C 352 -31.84 -13.85 -33.61
CA GLN C 352 -31.30 -14.05 -34.95
C GLN C 352 -30.39 -12.91 -35.38
N MET C 353 -30.48 -11.74 -34.75
CA MET C 353 -29.75 -10.56 -35.18
C MET C 353 -28.37 -10.44 -34.52
N TRP C 354 -27.96 -11.43 -33.75
CA TRP C 354 -26.64 -11.40 -33.15
C TRP C 354 -25.55 -11.52 -34.21
N ILE C 355 -24.34 -11.14 -33.84
CA ILE C 355 -23.15 -11.37 -34.65
C ILE C 355 -22.37 -12.48 -33.96
N THR C 356 -22.55 -13.70 -34.43
CA THR C 356 -21.84 -14.82 -33.83
C THR C 356 -20.37 -14.80 -34.25
N LYS C 357 -19.56 -15.59 -33.54
CA LYS C 357 -18.12 -15.58 -33.76
C LYS C 357 -17.74 -16.06 -35.16
N GLN C 358 -18.53 -16.97 -35.74
CA GLN C 358 -18.21 -17.49 -37.05
C GLN C 358 -18.27 -16.40 -38.12
N GLU C 359 -19.30 -15.56 -38.07
CA GLU C 359 -19.43 -14.49 -39.06
C GLU C 359 -18.29 -13.50 -38.95
N TYR C 360 -17.90 -13.13 -37.72
CA TYR C 360 -16.76 -12.23 -37.55
C TYR C 360 -15.47 -12.88 -38.05
N ASP C 361 -15.29 -14.17 -37.78
CA ASP C 361 -14.09 -14.86 -38.22
C ASP C 361 -14.00 -14.90 -39.74
N GLU C 362 -15.13 -15.15 -40.41
CA GLU C 362 -15.15 -15.22 -41.86
C GLU C 362 -15.25 -13.86 -42.54
N ALA C 363 -15.52 -12.79 -41.79
CA ALA C 363 -15.66 -11.47 -42.38
C ALA C 363 -14.71 -10.42 -41.82
N GLY C 364 -14.39 -10.47 -40.54
CA GLY C 364 -13.52 -9.48 -39.94
C GLY C 364 -14.30 -8.38 -39.25
N PRO C 365 -13.58 -7.36 -38.75
CA PRO C 365 -14.26 -6.27 -38.03
C PRO C 365 -15.19 -5.45 -38.90
N SER C 366 -15.09 -5.55 -40.23
CA SER C 366 -15.94 -4.76 -41.12
C SER C 366 -17.40 -5.22 -41.10
N ILE C 367 -17.69 -6.37 -40.50
CA ILE C 367 -19.06 -6.89 -40.48
C ILE C 367 -19.99 -6.00 -39.66
N VAL C 368 -19.43 -5.15 -38.79
CA VAL C 368 -20.24 -4.26 -37.98
C VAL C 368 -21.02 -3.27 -38.84
N HIS C 369 -20.41 -2.77 -39.90
CA HIS C 369 -21.03 -1.77 -40.76
C HIS C 369 -22.19 -2.33 -41.59
N ARG C 370 -22.34 -3.65 -41.65
CA ARG C 370 -23.46 -4.26 -42.37
C ARG C 370 -24.48 -4.90 -41.44
N LYS C 371 -24.05 -5.55 -40.36
CA LYS C 371 -24.99 -6.27 -39.53
C LYS C 371 -25.58 -5.38 -38.43
N CYS C 372 -24.73 -4.66 -37.70
CA CYS C 372 -25.22 -3.87 -36.57
C CYS C 372 -26.10 -2.71 -37.03
N PHE C 373 -25.76 -2.08 -38.15
CA PHE C 373 -26.53 -0.96 -38.66
C PHE C 373 -26.41 -0.83 -40.17
N ASP D 1 -8.12 70.97 -19.52
CA ASP D 1 -6.94 70.70 -20.34
C ASP D 1 -6.51 69.24 -20.22
N GLU D 2 -5.24 68.97 -20.53
CA GLU D 2 -4.71 67.62 -20.45
C GLU D 2 -4.50 67.26 -18.98
N THR D 3 -5.28 66.28 -18.49
CA THR D 3 -5.20 65.90 -17.09
C THR D 3 -4.04 64.97 -16.79
N THR D 4 -3.40 64.39 -17.81
CA THR D 4 -2.26 63.49 -17.65
C THR D 4 -2.61 62.33 -16.71
N ALA D 5 -3.55 61.53 -17.16
CA ALA D 5 -4.06 60.42 -16.36
C ALA D 5 -2.94 59.48 -15.94
N LEU D 6 -2.93 59.12 -14.66
CA LEU D 6 -1.88 58.27 -14.12
C LEU D 6 -2.10 56.81 -14.49
N VAL D 7 -1.00 56.05 -14.50
CA VAL D 7 -1.04 54.60 -14.69
C VAL D 7 -0.21 54.00 -13.56
N CYS D 8 -0.86 53.27 -12.66
CA CYS D 8 -0.22 52.70 -11.48
C CYS D 8 -0.40 51.18 -11.51
N ASP D 9 0.52 50.49 -12.16
CA ASP D 9 0.49 49.03 -12.23
C ASP D 9 0.78 48.41 -10.87
N ASN D 10 -0.23 47.83 -10.25
CA ASN D 10 -0.10 47.21 -8.93
C ASN D 10 0.01 45.70 -9.13
N GLY D 11 1.23 45.23 -9.41
CA GLY D 11 1.49 43.82 -9.58
C GLY D 11 1.62 43.08 -8.27
N SER D 12 1.84 41.77 -8.38
CA SER D 12 2.02 40.95 -7.19
C SER D 12 3.35 41.26 -6.51
N GLY D 13 4.38 41.60 -7.28
CA GLY D 13 5.66 41.96 -6.73
C GLY D 13 5.90 43.46 -6.73
N LEU D 14 6.66 43.94 -7.71
CA LEU D 14 6.96 45.36 -7.81
C LEU D 14 5.72 46.13 -8.25
N VAL D 15 5.77 47.44 -8.04
CA VAL D 15 4.69 48.35 -8.43
C VAL D 15 5.26 49.42 -9.33
N LYS D 16 4.63 49.62 -10.49
CA LYS D 16 5.07 50.59 -11.47
C LYS D 16 4.04 51.71 -11.57
N ALA D 17 4.50 52.96 -11.44
CA ALA D 17 3.64 54.12 -11.51
C ALA D 17 4.29 55.19 -12.37
N GLY D 18 3.46 56.04 -12.96
CA GLY D 18 3.97 57.10 -13.81
C GLY D 18 2.84 57.82 -14.49
N PHE D 19 3.21 58.70 -15.41
CA PHE D 19 2.26 59.51 -16.17
C PHE D 19 2.06 58.94 -17.56
N ALA D 20 0.88 59.16 -18.11
CA ALA D 20 0.59 58.70 -19.46
C ALA D 20 1.36 59.52 -20.49
N GLY D 21 1.80 58.86 -21.56
CA GLY D 21 2.54 59.53 -22.60
C GLY D 21 4.02 59.18 -22.58
N ASP D 22 4.59 59.10 -21.38
CA ASP D 22 5.99 58.74 -21.25
C ASP D 22 6.19 57.26 -21.59
N ASP D 23 7.44 56.91 -21.89
CA ASP D 23 7.80 55.55 -22.31
C ASP D 23 8.48 54.75 -21.20
N ALA D 24 8.40 55.21 -19.95
CA ALA D 24 9.05 54.52 -18.85
C ALA D 24 8.36 54.86 -17.55
N PRO D 25 8.19 53.91 -16.64
CA PRO D 25 7.56 54.23 -15.35
C PRO D 25 8.44 55.15 -14.53
N ARG D 26 7.81 56.02 -13.75
CA ARG D 26 8.52 56.98 -12.91
C ARG D 26 8.76 56.47 -11.50
N ALA D 27 8.33 55.26 -11.17
CA ALA D 27 8.45 54.76 -9.81
C ALA D 27 8.41 53.24 -9.85
N VAL D 28 9.51 52.59 -9.49
CA VAL D 28 9.58 51.13 -9.38
C VAL D 28 10.10 50.80 -8.00
N PHE D 29 9.34 49.99 -7.25
CA PHE D 29 9.74 49.59 -5.91
C PHE D 29 8.86 48.43 -5.48
N PRO D 30 9.39 47.49 -4.69
CA PRO D 30 8.57 46.37 -4.22
C PRO D 30 7.39 46.85 -3.37
N SER D 31 6.28 46.12 -3.46
CA SER D 31 5.08 46.41 -2.69
C SER D 31 5.12 45.56 -1.42
N ILE D 32 5.84 46.06 -0.43
CA ILE D 32 6.05 45.35 0.83
C ILE D 32 5.72 46.29 1.99
N VAL D 33 4.88 45.80 2.90
CA VAL D 33 4.55 46.51 4.13
C VAL D 33 5.22 45.79 5.27
N GLY D 34 6.13 46.47 5.95
CA GLY D 34 6.91 45.87 7.04
C GLY D 34 6.58 46.53 8.37
N ARG D 35 6.61 45.74 9.43
CA ARG D 35 6.36 46.22 10.78
C ARG D 35 7.48 45.77 11.70
N PRO D 36 7.95 46.65 12.58
CA PRO D 36 9.02 46.25 13.51
C PRO D 36 8.56 45.14 14.45
N ARG D 37 9.48 44.25 14.78
CA ARG D 37 9.20 43.11 15.64
C ARG D 37 9.98 43.10 16.95
N HIS D 38 11.14 43.76 17.00
CA HIS D 38 11.96 43.73 18.21
C HIS D 38 11.49 44.79 19.20
N GLN D 39 12.11 44.79 20.37
CA GLN D 39 11.76 45.70 21.45
C GLN D 39 12.66 46.93 21.38
N GLY D 40 12.06 48.08 21.12
CA GLY D 40 12.82 49.32 21.08
C GLY D 40 13.23 49.76 22.48
N VAL D 41 14.47 50.22 22.59
CA VAL D 41 15.03 50.67 23.86
C VAL D 41 15.40 52.15 23.83
N MET D 42 15.94 52.64 22.71
CA MET D 42 16.30 54.04 22.61
C MET D 42 15.04 54.89 22.54
N VAL D 43 15.06 56.01 23.26
CA VAL D 43 13.91 56.92 23.30
C VAL D 43 13.94 57.78 22.05
N GLY D 44 12.83 57.80 21.31
CA GLY D 44 12.71 58.59 20.10
C GLY D 44 12.93 57.82 18.82
N MET D 45 13.34 56.56 18.88
CA MET D 45 13.58 55.75 17.69
C MET D 45 12.39 54.90 17.30
N GLY D 46 11.29 54.98 18.04
CA GLY D 46 10.09 54.22 17.71
C GLY D 46 9.06 55.05 16.95
N GLN D 47 7.79 54.87 17.29
CA GLN D 47 6.68 55.61 16.70
C GLN D 47 6.59 55.42 15.18
N LYS D 48 7.13 54.31 14.67
CA LYS D 48 7.09 53.98 13.25
C LYS D 48 6.58 52.54 13.14
N ASP D 49 5.26 52.39 13.05
CA ASP D 49 4.63 51.07 13.05
C ASP D 49 4.46 50.49 11.66
N SER D 50 4.90 51.18 10.61
CA SER D 50 4.72 50.68 9.25
C SER D 50 5.74 51.34 8.33
N TYR D 51 6.67 50.55 7.81
CA TYR D 51 7.59 50.99 6.77
C TYR D 51 7.08 50.44 5.44
N VAL D 52 6.78 51.33 4.50
CA VAL D 52 6.12 50.99 3.25
C VAL D 52 7.03 51.32 2.09
N GLY D 53 7.20 50.35 1.19
CA GLY D 53 7.94 50.58 -0.05
C GLY D 53 9.41 50.23 0.00
N ASP D 54 10.23 51.05 -0.66
CA ASP D 54 11.66 50.75 -0.75
C ASP D 54 12.38 51.02 0.57
N GLU D 55 11.85 51.92 1.39
CA GLU D 55 12.47 52.21 2.68
C GLU D 55 12.39 51.01 3.62
N ALA D 56 11.49 50.07 3.38
CA ALA D 56 11.38 48.84 4.15
C ALA D 56 12.26 47.73 3.62
N GLN D 57 13.05 48.01 2.57
CA GLN D 57 13.97 47.02 2.01
C GLN D 57 15.35 47.09 2.63
N SER D 58 15.78 48.23 3.14
CA SER D 58 17.07 48.37 3.78
C SER D 58 17.03 48.08 5.27
N LYS D 59 15.92 48.37 5.94
CA LYS D 59 15.76 48.11 7.36
C LYS D 59 15.08 46.78 7.63
N ARG D 60 15.15 45.84 6.69
CA ARG D 60 14.42 44.58 6.82
C ARG D 60 14.99 43.66 7.89
N GLY D 61 16.14 43.99 8.46
CA GLY D 61 16.72 43.14 9.49
C GLY D 61 15.97 43.16 10.81
N ILE D 62 15.06 44.11 10.98
CA ILE D 62 14.30 44.24 12.22
C ILE D 62 12.81 44.28 11.92
N LEU D 63 12.45 44.07 10.66
CA LEU D 63 11.07 44.13 10.23
C LEU D 63 10.60 42.75 9.76
N THR D 64 9.27 42.59 9.72
CA THR D 64 8.63 41.41 9.16
C THR D 64 7.94 41.83 7.87
N LEU D 65 8.42 41.33 6.74
CA LEU D 65 7.94 41.75 5.44
C LEU D 65 6.72 40.92 5.05
N LYS D 66 5.59 41.59 4.83
CA LYS D 66 4.34 40.95 4.46
C LYS D 66 3.89 41.48 3.11
N TYR D 67 3.66 40.59 2.16
CA TYR D 67 3.10 40.98 0.87
C TYR D 67 1.59 41.12 0.99
N PRO D 68 1.02 42.28 0.69
CA PRO D 68 -0.45 42.41 0.73
C PRO D 68 -1.16 41.74 -0.44
N ILE D 69 -0.42 41.33 -1.47
CA ILE D 69 -0.99 40.70 -2.65
C ILE D 69 -0.32 39.34 -2.84
N GLU D 70 -1.13 38.29 -2.90
CA GLU D 70 -0.63 36.95 -3.17
C GLU D 70 -1.50 36.28 -4.22
N HIC D 71 -0.88 35.67 -5.22
CA HIC D 71 -1.58 34.99 -6.30
C HIC D 71 -2.44 35.94 -7.14
O HIC D 71 -3.12 35.57 -8.10
CB HIC D 71 -2.52 33.85 -5.85
CG HIC D 71 -1.79 32.68 -5.32
ND1 HIC D 71 -2.35 31.68 -4.53
CD2 HIC D 71 -0.42 32.41 -5.54
CE1 HIC D 71 -1.35 30.82 -4.27
NE2 HIC D 71 -0.15 31.22 -4.86
CZ HIC D 71 1.11 30.55 -4.81
N GLY D 72 -2.41 37.21 -6.75
CA GLY D 72 -3.00 38.28 -7.55
C GLY D 72 -4.27 38.80 -6.92
N ILE D 73 -4.74 38.11 -5.88
CA ILE D 73 -5.90 38.51 -5.12
C ILE D 73 -5.44 39.34 -3.92
N ILE D 74 -6.00 40.53 -3.78
CA ILE D 74 -5.64 41.41 -2.67
C ILE D 74 -6.26 40.86 -1.39
N THR D 75 -5.43 40.22 -0.56
CA THR D 75 -5.90 39.61 0.67
C THR D 75 -5.82 40.53 1.88
N ASN D 76 -5.20 41.70 1.74
CA ASN D 76 -5.07 42.64 2.84
C ASN D 76 -5.30 44.05 2.30
N TRP D 77 -6.26 44.76 2.88
CA TRP D 77 -6.69 46.06 2.36
C TRP D 77 -6.16 47.24 3.16
N ASP D 78 -6.03 47.11 4.47
CA ASP D 78 -5.56 48.22 5.29
C ASP D 78 -4.13 48.62 4.94
N ASP D 79 -3.30 47.66 4.53
CA ASP D 79 -1.94 47.96 4.09
C ASP D 79 -1.86 48.24 2.60
N MET D 80 -2.76 47.68 1.80
CA MET D 80 -2.81 48.05 0.38
C MET D 80 -3.17 49.52 0.21
N GLU D 81 -4.08 50.02 1.05
CA GLU D 81 -4.38 51.45 1.04
C GLU D 81 -3.14 52.26 1.41
N LYS D 82 -2.36 51.78 2.39
CA LYS D 82 -1.12 52.45 2.74
C LYS D 82 -0.14 52.47 1.58
N ILE D 83 -0.04 51.35 0.86
CA ILE D 83 0.87 51.28 -0.29
C ILE D 83 0.43 52.26 -1.38
N TRP D 84 -0.87 52.32 -1.65
CA TRP D 84 -1.36 53.26 -2.66
C TRP D 84 -1.13 54.69 -2.24
N HIS D 85 -1.37 55.01 -0.96
CA HIS D 85 -1.12 56.35 -0.45
C HIS D 85 0.35 56.72 -0.58
N HIS D 86 1.24 55.79 -0.24
CA HIS D 86 2.67 56.02 -0.44
C HIS D 86 2.97 56.29 -1.90
N THR D 87 2.54 55.39 -2.79
CA THR D 87 2.84 55.49 -4.21
C THR D 87 2.39 56.83 -4.78
N PHE D 88 1.23 57.32 -4.35
CA PHE D 88 0.77 58.62 -4.84
C PHE D 88 1.56 59.75 -4.20
N TYR D 89 1.40 59.93 -2.87
CA TYR D 89 1.91 61.14 -2.22
C TYR D 89 3.42 61.09 -2.05
N ASN D 90 3.94 60.09 -1.36
CA ASN D 90 5.34 60.09 -0.99
C ASN D 90 6.26 59.79 -2.16
N GLU D 91 5.71 59.34 -3.29
CA GLU D 91 6.52 58.97 -4.45
C GLU D 91 6.27 59.87 -5.64
N LEU D 92 5.01 60.01 -6.09
CA LEU D 92 4.76 60.82 -7.28
C LEU D 92 4.49 62.28 -6.96
N ARG D 93 4.16 62.59 -5.70
CA ARG D 93 3.93 63.97 -5.26
C ARG D 93 2.85 64.65 -6.10
N VAL D 94 1.81 63.90 -6.44
CA VAL D 94 0.67 64.43 -7.19
C VAL D 94 -0.61 64.02 -6.46
N ALA D 95 -1.50 64.98 -6.26
CA ALA D 95 -2.77 64.71 -5.60
C ALA D 95 -3.73 64.05 -6.58
N PRO D 96 -4.26 62.87 -6.28
CA PRO D 96 -5.20 62.21 -7.19
C PRO D 96 -6.59 62.83 -7.24
N GLU D 97 -6.81 63.96 -6.57
CA GLU D 97 -8.11 64.62 -6.62
C GLU D 97 -8.40 65.27 -7.97
N GLU D 98 -7.37 65.44 -8.82
CA GLU D 98 -7.58 66.07 -10.12
C GLU D 98 -6.84 65.32 -11.23
N HIS D 99 -6.58 64.03 -11.03
CA HIS D 99 -5.88 63.22 -12.02
C HIS D 99 -6.59 61.87 -12.15
N PRO D 100 -7.01 61.48 -13.34
CA PRO D 100 -7.56 60.13 -13.53
C PRO D 100 -6.50 59.09 -13.34
N THR D 101 -6.93 57.90 -12.90
CA THR D 101 -6.03 56.79 -12.66
C THR D 101 -6.49 55.56 -13.43
N LEU D 102 -5.52 54.82 -13.94
CA LEU D 102 -5.77 53.60 -14.71
C LEU D 102 -5.07 52.44 -14.01
N LEU D 103 -5.84 51.42 -13.64
CA LEU D 103 -5.32 50.29 -12.90
C LEU D 103 -5.07 49.09 -13.82
N THR D 104 -4.26 48.16 -13.34
CA THR D 104 -4.02 46.90 -14.01
C THR D 104 -4.46 45.77 -13.09
N GLU D 105 -5.03 44.73 -13.68
CA GLU D 105 -5.71 43.71 -12.89
C GLU D 105 -5.77 42.42 -13.68
N ALA D 106 -5.72 41.30 -12.94
CA ALA D 106 -5.59 39.98 -13.55
C ALA D 106 -6.88 39.56 -14.24
N PRO D 107 -6.80 38.66 -15.23
CA PRO D 107 -8.01 38.27 -15.98
C PRO D 107 -9.10 37.62 -15.14
N LEU D 108 -8.77 36.54 -14.42
CA LEU D 108 -9.76 35.70 -13.76
C LEU D 108 -9.76 35.88 -12.24
N ASN D 109 -9.54 37.09 -11.74
CA ASN D 109 -9.60 37.34 -10.31
C ASN D 109 -11.05 37.48 -9.86
N PRO D 110 -11.31 37.30 -8.56
CA PRO D 110 -12.68 37.46 -8.05
C PRO D 110 -13.20 38.88 -8.26
N LYS D 111 -14.52 38.97 -8.44
CA LYS D 111 -15.16 40.25 -8.71
C LYS D 111 -15.09 41.18 -7.49
N ALA D 112 -15.15 40.61 -6.29
CA ALA D 112 -15.10 41.41 -5.08
C ALA D 112 -13.79 42.20 -5.00
N ASN D 113 -12.70 41.66 -5.54
CA ASN D 113 -11.45 42.40 -5.58
C ASN D 113 -11.59 43.70 -6.34
N ARG D 114 -12.13 43.63 -7.56
CA ARG D 114 -12.31 44.84 -8.37
C ARG D 114 -13.30 45.79 -7.72
N GLU D 115 -14.38 45.25 -7.15
CA GLU D 115 -15.38 46.12 -6.52
C GLU D 115 -14.79 46.88 -5.34
N LYS D 116 -14.02 46.19 -4.48
CA LYS D 116 -13.41 46.85 -3.34
C LYS D 116 -12.33 47.84 -3.79
N MET D 117 -11.58 47.48 -4.84
CA MET D 117 -10.59 48.41 -5.38
C MET D 117 -11.24 49.70 -5.86
N THR D 118 -12.35 49.57 -6.58
CA THR D 118 -13.11 50.73 -7.05
C THR D 118 -13.63 51.56 -5.88
N GLN D 119 -14.18 50.89 -4.87
CA GLN D 119 -14.68 51.61 -3.70
C GLN D 119 -13.57 52.38 -3.01
N ILE D 120 -12.40 51.75 -2.84
CA ILE D 120 -11.28 52.39 -2.17
C ILE D 120 -10.82 53.61 -2.95
N MET D 121 -10.68 53.47 -4.28
CA MET D 121 -10.08 54.55 -5.04
C MET D 121 -11.07 55.67 -5.37
N PHE D 122 -12.37 55.45 -5.24
CA PHE D 122 -13.31 56.57 -5.33
C PHE D 122 -13.64 57.21 -3.99
N GLU D 123 -13.75 56.45 -2.91
CA GLU D 123 -14.12 57.07 -1.65
C GLU D 123 -12.95 57.74 -0.94
N THR D 124 -11.84 57.02 -0.75
CA THR D 124 -10.74 57.57 0.02
C THR D 124 -9.98 58.64 -0.78
N PHE D 125 -9.42 58.26 -1.93
CA PHE D 125 -8.59 59.18 -2.69
C PHE D 125 -9.40 60.20 -3.48
N ASN D 126 -10.69 59.96 -3.70
CA ASN D 126 -11.57 60.88 -4.41
C ASN D 126 -11.03 61.17 -5.81
N VAL D 127 -10.66 60.10 -6.52
CA VAL D 127 -10.17 60.23 -7.89
C VAL D 127 -11.34 60.58 -8.81
N PRO D 128 -11.21 61.59 -9.67
CA PRO D 128 -12.35 61.96 -10.53
C PRO D 128 -12.81 60.86 -11.48
N ALA D 129 -11.89 60.04 -11.99
CA ALA D 129 -12.26 59.01 -12.94
C ALA D 129 -11.24 57.88 -12.88
N MET D 130 -11.74 56.64 -13.00
CA MET D 130 -10.91 55.47 -12.86
C MET D 130 -11.34 54.42 -13.87
N TYR D 131 -10.38 53.60 -14.30
CA TYR D 131 -10.64 52.51 -15.23
C TYR D 131 -9.76 51.32 -14.85
N VAL D 132 -10.25 50.12 -15.15
CA VAL D 132 -9.53 48.88 -14.89
C VAL D 132 -9.39 48.12 -16.19
N ALA D 133 -8.17 47.71 -16.50
CA ALA D 133 -7.87 46.98 -17.73
C ALA D 133 -7.23 45.65 -17.39
N ILE D 134 -7.02 44.84 -18.44
CA ILE D 134 -6.39 43.53 -18.31
C ILE D 134 -4.93 43.66 -18.74
N GLN D 135 -4.03 43.08 -17.94
CA GLN D 135 -2.60 43.24 -18.21
C GLN D 135 -2.18 42.66 -19.55
N ALA D 136 -2.82 41.58 -19.98
CA ALA D 136 -2.43 40.94 -21.24
C ALA D 136 -2.69 41.86 -22.44
N VAL D 137 -3.84 42.55 -22.45
CA VAL D 137 -4.16 43.44 -23.55
C VAL D 137 -3.17 44.59 -23.63
N LEU D 138 -2.82 45.17 -22.47
CA LEU D 138 -1.82 46.23 -22.44
C LEU D 138 -0.46 45.73 -22.90
N SER D 139 -0.08 44.52 -22.49
CA SER D 139 1.16 43.95 -22.96
C SER D 139 1.15 43.77 -24.47
N LEU D 140 0.01 43.36 -25.03
CA LEU D 140 -0.09 43.21 -26.48
C LEU D 140 0.03 44.56 -27.17
N TYR D 141 -0.58 45.61 -26.59
CA TYR D 141 -0.34 46.97 -27.08
C TYR D 141 1.14 47.29 -27.08
N ALA D 142 1.85 46.95 -26.01
CA ALA D 142 3.27 47.28 -25.90
C ALA D 142 4.12 46.60 -26.96
N SER D 143 3.63 45.53 -27.58
CA SER D 143 4.39 44.81 -28.59
C SER D 143 4.14 45.31 -30.01
N GLY D 144 3.32 46.34 -30.18
CA GLY D 144 3.07 46.90 -31.49
C GLY D 144 2.37 45.98 -32.46
N ARG D 145 1.33 45.28 -32.01
CA ARG D 145 0.56 44.41 -32.88
C ARG D 145 -0.86 44.29 -32.32
N THR D 146 -1.73 43.63 -33.11
CA THR D 146 -3.13 43.46 -32.73
C THR D 146 -3.57 42.01 -32.84
N THR D 147 -2.63 41.07 -32.90
CA THR D 147 -2.98 39.66 -33.05
C THR D 147 -1.86 38.81 -32.45
N GLY D 148 -2.20 37.98 -31.48
CA GLY D 148 -1.23 37.10 -30.87
C GLY D 148 -1.75 36.54 -29.57
N ILE D 149 -1.03 35.55 -29.06
CA ILE D 149 -1.32 34.94 -27.77
C ILE D 149 -0.35 35.51 -26.75
N VAL D 150 -0.88 36.19 -25.74
CA VAL D 150 -0.07 36.88 -24.75
C VAL D 150 0.12 35.96 -23.55
N LEU D 151 1.38 35.68 -23.21
CA LEU D 151 1.73 34.89 -22.04
C LEU D 151 2.41 35.83 -21.04
N ASP D 152 1.64 36.29 -20.07
CA ASP D 152 2.15 37.17 -19.02
C ASP D 152 2.23 36.38 -17.72
N SER D 153 3.41 36.41 -17.09
CA SER D 153 3.64 35.65 -15.86
C SER D 153 4.43 36.54 -14.91
N GLY D 154 3.71 37.19 -13.99
CA GLY D 154 4.37 38.05 -13.02
C GLY D 154 4.81 37.27 -11.79
N ASP D 155 4.40 37.73 -10.61
CA ASP D 155 4.76 37.06 -9.37
C ASP D 155 3.61 36.29 -8.74
N GLY D 156 2.40 36.41 -9.28
CA GLY D 156 1.27 35.72 -8.69
C GLY D 156 0.43 34.89 -9.65
N VAL D 157 0.52 35.16 -10.95
CA VAL D 157 -0.31 34.51 -11.95
C VAL D 157 0.54 34.17 -13.17
N THR D 158 -0.03 33.31 -14.02
CA THR D 158 0.56 33.00 -15.33
C THR D 158 -0.61 32.67 -16.25
N HIS D 159 -1.03 33.66 -17.03
CA HIS D 159 -2.27 33.59 -17.78
C HIS D 159 -2.01 33.74 -19.28
N ASN D 160 -2.73 32.95 -20.08
CA ASN D 160 -2.68 33.03 -21.53
C ASN D 160 -3.96 33.67 -22.04
N VAL D 161 -3.83 34.77 -22.78
CA VAL D 161 -4.99 35.47 -23.33
C VAL D 161 -4.81 35.62 -24.84
N PRO D 162 -5.38 34.76 -25.66
CA PRO D 162 -5.25 34.89 -27.11
C PRO D 162 -6.16 35.99 -27.64
N ILE D 163 -5.60 36.85 -28.48
CA ILE D 163 -6.32 37.97 -29.10
C ILE D 163 -6.09 37.90 -30.60
N TYR D 164 -7.17 38.06 -31.37
CA TYR D 164 -7.12 38.04 -32.83
C TYR D 164 -7.82 39.27 -33.38
N GLU D 165 -7.05 40.13 -34.06
CA GLU D 165 -7.59 41.32 -34.73
C GLU D 165 -8.40 42.18 -33.78
N GLY D 166 -7.94 42.28 -32.54
CA GLY D 166 -8.60 43.09 -31.55
C GLY D 166 -9.80 42.46 -30.88
N TYR D 167 -10.10 41.19 -31.17
CA TYR D 167 -11.23 40.49 -30.59
C TYR D 167 -10.71 39.42 -29.63
N ALA D 168 -11.17 39.46 -28.39
CA ALA D 168 -10.75 38.52 -27.37
C ALA D 168 -11.53 37.22 -27.50
N LEU D 169 -10.95 36.16 -26.91
CA LEU D 169 -11.56 34.83 -26.90
C LEU D 169 -11.67 34.39 -25.44
N PRO D 170 -12.74 34.76 -24.74
CA PRO D 170 -12.85 34.42 -23.31
C PRO D 170 -12.89 32.93 -23.03
N HIS D 171 -13.28 32.11 -23.99
CA HIS D 171 -13.37 30.66 -23.79
C HIS D 171 -12.01 29.98 -23.88
N ALA D 172 -10.95 30.69 -24.27
CA ALA D 172 -9.64 30.11 -24.40
C ALA D 172 -8.64 30.66 -23.38
N ILE D 173 -9.09 31.46 -22.43
CA ILE D 173 -8.21 32.04 -21.42
C ILE D 173 -7.95 30.98 -20.34
N MET D 174 -6.69 30.63 -20.15
CA MET D 174 -6.27 29.73 -19.08
C MET D 174 -5.32 30.44 -18.16
N ARG D 175 -5.61 30.39 -16.86
CA ARG D 175 -4.81 31.04 -15.84
C ARG D 175 -4.15 29.99 -14.97
N LEU D 176 -2.86 30.16 -14.70
CA LEU D 176 -2.09 29.25 -13.87
C LEU D 176 -1.52 29.99 -12.68
N ASP D 177 -1.57 29.35 -11.51
CA ASP D 177 -1.12 29.97 -10.26
C ASP D 177 0.33 29.65 -9.93
N LEU D 178 1.14 29.33 -10.93
CA LEU D 178 2.56 29.10 -10.77
C LEU D 178 3.31 30.31 -11.31
N ALA D 179 4.07 30.97 -10.45
CA ALA D 179 4.69 32.24 -10.82
C ALA D 179 6.01 32.37 -10.07
N GLY D 180 6.54 33.59 -10.01
CA GLY D 180 7.85 33.81 -9.43
C GLY D 180 7.93 33.48 -7.95
N ARG D 181 6.85 33.69 -7.20
CA ARG D 181 6.87 33.41 -5.77
C ARG D 181 7.11 31.93 -5.50
N ASP D 182 6.44 31.06 -6.26
CA ASP D 182 6.68 29.62 -6.10
C ASP D 182 8.09 29.24 -6.51
N LEU D 183 8.64 29.91 -7.53
CA LEU D 183 10.03 29.65 -7.91
C LEU D 183 10.99 30.04 -6.79
N THR D 184 10.73 31.18 -6.14
CA THR D 184 11.55 31.61 -5.03
C THR D 184 11.47 30.62 -3.87
N ASP D 185 10.25 30.16 -3.56
CA ASP D 185 10.08 29.17 -2.50
C ASP D 185 10.77 27.85 -2.82
N TYR D 186 10.68 27.38 -4.07
CA TYR D 186 11.37 26.16 -4.46
C TYR D 186 12.88 26.31 -4.41
N LEU D 187 13.41 27.47 -4.83
CA LEU D 187 14.84 27.72 -4.71
C LEU D 187 15.27 27.73 -3.24
N MET D 188 14.45 28.33 -2.38
CA MET D 188 14.76 28.34 -0.95
C MET D 188 14.78 26.94 -0.37
N LYS D 189 13.83 26.09 -0.79
CA LYS D 189 13.79 24.72 -0.29
C LYS D 189 14.84 23.83 -0.93
N ILE D 190 15.37 24.19 -2.10
CA ILE D 190 16.38 23.37 -2.75
C ILE D 190 17.80 23.80 -2.38
N LEU D 191 17.98 25.03 -1.90
CA LEU D 191 19.30 25.46 -1.45
C LEU D 191 19.74 24.74 -0.18
N THR D 192 18.79 24.22 0.60
CA THR D 192 19.12 23.47 1.80
C THR D 192 19.83 22.16 1.50
N GLU D 193 19.77 21.67 0.26
CA GLU D 193 20.50 20.46 -0.09
C GLU D 193 22.01 20.65 0.06
N ARG D 194 22.51 21.85 -0.28
CA ARG D 194 23.93 22.13 -0.15
C ARG D 194 24.32 22.63 1.24
N GLY D 195 23.35 22.90 2.10
CA GLY D 195 23.63 23.33 3.46
C GLY D 195 23.25 24.76 3.77
N TYR D 196 22.67 25.50 2.84
CA TYR D 196 22.31 26.90 3.05
C TYR D 196 20.85 26.99 3.47
N SER D 197 20.60 27.63 4.61
CA SER D 197 19.27 27.73 5.19
C SER D 197 18.85 29.20 5.22
N PHE D 198 17.63 29.47 4.77
CA PHE D 198 17.05 30.82 4.76
C PHE D 198 15.63 30.71 5.33
N VAL D 199 15.49 30.97 6.62
CA VAL D 199 14.26 30.67 7.35
C VAL D 199 13.35 31.88 7.46
N THR D 200 13.89 33.04 7.83
CA THR D 200 13.03 34.19 8.07
C THR D 200 12.74 34.93 6.76
N THR D 201 11.75 35.84 6.83
CA THR D 201 11.32 36.57 5.65
C THR D 201 12.39 37.51 5.11
N ALA D 202 13.36 37.91 5.94
CA ALA D 202 14.42 38.79 5.46
C ALA D 202 15.34 38.11 4.45
N GLU D 203 15.52 36.79 4.56
CA GLU D 203 16.34 36.03 3.62
C GLU D 203 15.59 35.66 2.36
N ARG D 204 14.27 35.81 2.34
CA ARG D 204 13.52 35.60 1.10
C ARG D 204 13.97 36.58 0.03
N GLU D 205 14.29 37.81 0.42
CA GLU D 205 14.80 38.79 -0.54
C GLU D 205 16.16 38.37 -1.06
N ILE D 206 17.01 37.80 -0.21
CA ILE D 206 18.30 37.30 -0.67
C ILE D 206 18.12 36.17 -1.68
N VAL D 207 17.19 35.26 -1.39
CA VAL D 207 16.91 34.16 -2.33
C VAL D 207 16.39 34.71 -3.64
N ARG D 208 15.49 35.69 -3.58
CA ARG D 208 14.94 36.30 -4.79
C ARG D 208 16.02 36.98 -5.61
N ASP D 209 16.94 37.70 -4.95
CA ASP D 209 18.03 38.34 -5.65
C ASP D 209 18.97 37.33 -6.28
N ILE D 210 19.24 36.22 -5.59
CA ILE D 210 20.05 35.15 -6.16
C ILE D 210 19.38 34.61 -7.42
N LYS D 211 18.07 34.39 -7.34
CA LYS D 211 17.32 33.90 -8.51
C LYS D 211 17.40 34.90 -9.67
N GLU D 212 17.27 36.19 -9.36
CA GLU D 212 17.32 37.20 -10.41
C GLU D 212 18.69 37.27 -11.07
N LYS D 213 19.77 37.14 -10.31
CA LYS D 213 21.11 37.34 -10.85
C LYS D 213 21.70 36.09 -11.49
N LEU D 214 21.51 34.91 -10.90
CA LEU D 214 22.29 33.74 -11.31
C LEU D 214 21.47 32.68 -12.04
N CYS D 215 20.16 32.66 -11.88
CA CYS D 215 19.34 31.60 -12.47
C CYS D 215 19.24 31.76 -13.99
N TYR D 216 19.06 30.63 -14.67
CA TYR D 216 18.89 30.61 -16.11
C TYR D 216 18.15 29.32 -16.47
N VAL D 217 17.61 29.29 -17.68
CA VAL D 217 16.81 28.15 -18.15
C VAL D 217 17.67 27.30 -19.06
N ALA D 218 17.76 26.01 -18.74
CA ALA D 218 18.51 25.08 -19.58
C ALA D 218 17.75 24.81 -20.88
N LEU D 219 18.49 24.44 -21.91
CA LEU D 219 17.88 24.05 -23.17
C LEU D 219 17.35 22.62 -23.09
N ASP D 220 18.25 21.66 -22.84
CA ASP D 220 17.88 20.28 -22.61
C ASP D 220 18.16 19.97 -21.14
N PHE D 221 17.11 19.60 -20.40
CA PHE D 221 17.23 19.45 -18.96
C PHE D 221 18.08 18.23 -18.60
N GLU D 222 17.82 17.09 -19.25
CA GLU D 222 18.56 15.88 -18.95
C GLU D 222 20.02 16.00 -19.33
N ASN D 223 20.31 16.68 -20.44
CA ASN D 223 21.70 16.84 -20.86
C ASN D 223 22.49 17.63 -19.83
N GLU D 224 21.93 18.72 -19.31
CA GLU D 224 22.64 19.47 -18.29
C GLU D 224 22.65 18.77 -16.93
N MET D 225 21.64 17.95 -16.65
CA MET D 225 21.70 17.10 -15.46
C MET D 225 22.89 16.15 -15.54
N ALA D 226 23.12 15.56 -16.71
CA ALA D 226 24.29 14.73 -16.91
C ALA D 226 25.59 15.53 -16.85
N THR D 227 25.58 16.74 -17.41
CA THR D 227 26.80 17.54 -17.45
C THR D 227 27.22 18.02 -16.06
N ALA D 228 26.25 18.41 -15.23
CA ALA D 228 26.58 19.01 -13.94
C ALA D 228 27.31 18.03 -13.02
N ALA D 229 26.91 16.76 -13.03
CA ALA D 229 27.54 15.75 -12.19
C ALA D 229 28.92 15.35 -12.68
N SER D 230 29.33 15.78 -13.87
CA SER D 230 30.62 15.41 -14.44
C SER D 230 31.56 16.59 -14.63
N SER D 231 31.18 17.80 -14.21
CA SER D 231 32.04 18.96 -14.38
C SER D 231 31.63 20.03 -13.37
N SER D 232 32.48 21.04 -13.22
CA SER D 232 32.23 22.15 -12.31
C SER D 232 32.16 23.49 -13.04
N SER D 233 32.00 23.48 -14.36
CA SER D 233 31.95 24.72 -15.12
C SER D 233 30.65 25.50 -14.87
N LEU D 234 29.56 24.82 -14.54
CA LEU D 234 28.29 25.49 -14.31
C LEU D 234 28.20 26.15 -12.95
N GLU D 235 29.12 25.84 -12.04
CA GLU D 235 29.06 26.39 -10.69
C GLU D 235 29.43 27.86 -10.69
N LYS D 236 28.64 28.68 -10.00
CA LYS D 236 28.89 30.09 -9.83
C LYS D 236 28.66 30.47 -8.37
N SER D 237 29.24 31.58 -7.96
CA SER D 237 29.24 31.99 -6.56
C SER D 237 28.56 33.34 -6.39
N TYR D 238 27.89 33.50 -5.24
CA TYR D 238 27.24 34.75 -4.87
C TYR D 238 27.61 35.06 -3.43
N GLU D 239 27.63 36.36 -3.11
CA GLU D 239 28.05 36.84 -1.79
C GLU D 239 26.84 37.35 -1.02
N LEU D 240 26.59 36.76 0.15
CA LEU D 240 25.56 37.25 1.04
C LEU D 240 25.97 38.59 1.63
N PRO D 241 25.01 39.38 2.13
CA PRO D 241 25.38 40.67 2.74
C PRO D 241 25.94 40.54 4.15
N ASP D 242 26.78 39.54 4.41
CA ASP D 242 27.51 39.44 5.66
C ASP D 242 28.97 39.07 5.49
N GLY D 243 29.41 38.77 4.27
CA GLY D 243 30.79 38.44 3.97
C GLY D 243 31.01 37.01 3.49
N GLN D 244 30.18 36.06 3.88
CA GLN D 244 30.39 34.67 3.46
C GLN D 244 29.86 34.46 2.06
N VAL D 245 30.59 33.65 1.28
CA VAL D 245 30.31 33.42 -0.13
C VAL D 245 29.80 32.00 -0.30
N ILE D 246 28.66 31.86 -0.96
CA ILE D 246 28.07 30.56 -1.25
C ILE D 246 28.36 30.20 -2.70
N THR D 247 28.34 28.90 -2.99
CA THR D 247 28.51 28.40 -4.35
C THR D 247 27.28 27.59 -4.73
N ILE D 248 26.73 27.86 -5.91
CA ILE D 248 25.52 27.20 -6.39
C ILE D 248 25.87 26.42 -7.65
N GLY D 249 25.53 25.12 -7.66
CA GLY D 249 25.84 24.26 -8.77
C GLY D 249 24.70 24.12 -9.76
N ASN D 250 24.08 22.94 -9.80
CA ASN D 250 22.99 22.67 -10.73
C ASN D 250 21.65 23.20 -10.26
N GLU D 251 21.63 24.02 -9.21
CA GLU D 251 20.41 24.66 -8.75
C GLU D 251 20.09 25.93 -9.52
N ARG D 252 20.95 26.34 -10.43
CA ARG D 252 20.69 27.53 -11.24
C ARG D 252 19.57 27.29 -12.24
N PHE D 253 19.57 26.15 -12.91
CA PHE D 253 18.55 25.83 -13.91
C PHE D 253 17.51 24.83 -13.43
N ARG D 254 17.71 24.23 -12.25
CA ARG D 254 16.69 23.37 -11.68
C ARG D 254 15.57 24.17 -11.00
N CYS D 255 15.79 25.46 -10.75
CA CYS D 255 14.77 26.33 -10.17
C CYS D 255 13.73 26.74 -11.21
N PRO D 256 14.10 27.30 -12.37
CA PRO D 256 13.08 27.71 -13.34
C PRO D 256 12.50 26.57 -14.15
N GLU D 257 13.02 25.35 -14.02
CA GLU D 257 12.42 24.21 -14.70
C GLU D 257 11.04 23.87 -14.16
N THR D 258 10.69 24.41 -12.98
CA THR D 258 9.34 24.20 -12.45
C THR D 258 8.28 24.80 -13.38
N LEU D 259 8.63 25.87 -14.09
CA LEU D 259 7.70 26.46 -15.06
C LEU D 259 7.38 25.52 -16.20
N PHE D 260 8.21 24.52 -16.45
CA PHE D 260 7.97 23.54 -17.51
C PHE D 260 7.60 22.16 -16.99
N GLN D 261 7.96 21.84 -15.75
CA GLN D 261 7.58 20.58 -15.11
C GLN D 261 7.04 20.91 -13.72
N PRO D 262 5.80 21.40 -13.63
CA PRO D 262 5.27 21.86 -12.34
C PRO D 262 5.00 20.72 -11.36
N SER D 263 5.31 19.48 -11.75
CA SER D 263 5.22 18.37 -10.81
C SER D 263 6.27 18.44 -9.72
N PHE D 264 7.26 19.31 -9.85
CA PHE D 264 8.31 19.43 -8.84
C PHE D 264 7.73 19.93 -7.51
N ILE D 265 6.84 20.90 -7.57
CA ILE D 265 6.28 21.51 -6.36
C ILE D 265 4.90 20.94 -6.04
N GLY D 266 4.54 19.80 -6.62
CA GLY D 266 3.29 19.15 -6.33
C GLY D 266 2.14 19.52 -7.25
N MET D 267 2.30 20.54 -8.10
CA MET D 267 1.25 20.91 -9.03
C MET D 267 1.06 19.83 -10.09
N GLU D 268 -0.19 19.58 -10.46
CA GLU D 268 -0.47 18.54 -11.45
C GLU D 268 -0.50 19.12 -12.87
N SER D 269 -0.91 20.37 -13.00
CA SER D 269 -1.03 20.99 -14.33
C SER D 269 0.32 21.04 -15.02
N ALA D 270 0.31 20.86 -16.34
CA ALA D 270 1.52 20.85 -17.12
C ALA D 270 2.14 22.24 -17.22
N GLY D 271 3.34 22.30 -17.74
CA GLY D 271 4.08 23.55 -17.86
C GLY D 271 3.42 24.51 -18.84
N ILE D 272 3.97 25.72 -18.88
CA ILE D 272 3.42 26.77 -19.74
C ILE D 272 3.60 26.40 -21.21
N HIS D 273 4.62 25.62 -21.53
CA HIS D 273 4.87 25.25 -22.92
C HIS D 273 3.70 24.46 -23.50
N GLU D 274 3.09 23.59 -22.70
CA GLU D 274 1.92 22.84 -23.15
C GLU D 274 0.63 23.59 -22.89
N THR D 275 0.61 24.47 -21.88
CA THR D 275 -0.58 25.28 -21.62
C THR D 275 -0.85 26.22 -22.79
N THR D 276 0.19 26.82 -23.36
CA THR D 276 0.02 27.68 -24.53
C THR D 276 -0.53 26.88 -25.72
N TYR D 277 -0.01 25.67 -25.91
CA TYR D 277 -0.47 24.82 -27.02
C TYR D 277 -1.94 24.45 -26.85
N ASN D 278 -2.33 24.08 -25.63
CA ASN D 278 -3.73 23.75 -25.36
C ASN D 278 -4.64 24.97 -25.45
N SER D 279 -4.14 26.16 -25.12
CA SER D 279 -4.94 27.36 -25.29
C SER D 279 -5.11 27.73 -26.76
N ILE D 280 -4.06 27.50 -27.55
CA ILE D 280 -4.14 27.78 -28.99
C ILE D 280 -5.13 26.83 -29.65
N MET D 281 -5.11 25.54 -29.29
CA MET D 281 -6.06 24.63 -29.90
C MET D 281 -7.42 24.62 -29.19
N LYS D 282 -7.75 25.65 -28.43
CA LYS D 282 -9.12 25.88 -28.01
C LYS D 282 -9.82 26.95 -28.84
N CYS D 283 -9.11 27.57 -29.77
CA CYS D 283 -9.66 28.60 -30.65
C CYS D 283 -10.17 27.95 -31.93
N ASP D 284 -10.46 28.77 -32.93
CA ASP D 284 -10.97 28.29 -34.21
C ASP D 284 -9.82 27.70 -35.03
N ILE D 285 -10.09 27.36 -36.29
CA ILE D 285 -9.10 26.71 -37.14
C ILE D 285 -8.30 27.69 -38.00
N ASP D 286 -8.94 28.69 -38.59
CA ASP D 286 -8.24 29.64 -39.46
C ASP D 286 -7.52 30.73 -38.68
N ILE D 287 -7.38 30.59 -37.37
CA ILE D 287 -6.70 31.57 -36.55
C ILE D 287 -5.30 31.12 -36.12
N ARG D 288 -5.08 29.81 -35.98
CA ARG D 288 -3.78 29.30 -35.53
C ARG D 288 -2.64 29.72 -36.45
N LYS D 289 -2.94 30.00 -37.72
CA LYS D 289 -1.96 30.52 -38.66
C LYS D 289 -1.21 31.73 -38.11
N ASP D 290 -1.91 32.62 -37.42
CA ASP D 290 -1.31 33.81 -36.84
C ASP D 290 -0.86 33.59 -35.40
N LEU D 291 -1.60 32.78 -34.63
CA LEU D 291 -1.24 32.55 -33.24
C LEU D 291 0.10 31.83 -33.11
N TYR D 292 0.36 30.85 -33.96
CA TYR D 292 1.67 30.18 -33.91
C TYR D 292 2.80 31.10 -34.32
N ALA D 293 2.51 32.22 -34.98
CA ALA D 293 3.55 33.12 -35.45
C ALA D 293 3.67 34.41 -34.63
N ASN D 294 2.80 34.61 -33.64
CA ASN D 294 2.76 35.84 -32.84
C ASN D 294 2.71 35.51 -31.36
N ASN D 295 3.57 34.60 -30.91
CA ASN D 295 3.59 34.16 -29.51
C ASN D 295 4.33 35.21 -28.67
N VAL D 296 3.61 36.30 -28.37
CA VAL D 296 4.16 37.37 -27.55
C VAL D 296 4.10 36.97 -26.08
N MET D 297 5.20 37.16 -25.38
CA MET D 297 5.27 36.90 -23.94
C MET D 297 5.79 38.12 -23.21
N SER D 298 5.43 38.23 -21.94
CA SER D 298 5.84 39.36 -21.10
C SER D 298 5.95 38.86 -19.66
N GLY D 299 6.04 39.79 -18.73
CA GLY D 299 6.18 39.45 -17.32
C GLY D 299 7.63 39.33 -16.89
N GLY D 300 7.83 39.47 -15.58
CA GLY D 300 9.19 39.44 -15.05
C GLY D 300 9.86 38.09 -15.19
N THR D 301 9.11 37.02 -14.94
CA THR D 301 9.67 35.67 -14.89
C THR D 301 10.08 35.14 -16.25
N THR D 302 9.99 35.94 -17.32
CA THR D 302 10.32 35.47 -18.65
C THR D 302 11.63 36.04 -19.19
N MET D 303 12.47 36.62 -18.33
CA MET D 303 13.80 37.05 -18.74
C MET D 303 14.90 36.10 -18.30
N TYR D 304 14.55 34.92 -17.80
CA TYR D 304 15.58 33.92 -17.54
C TYR D 304 16.24 33.55 -18.86
N PRO D 305 17.56 33.69 -18.98
CA PRO D 305 18.20 33.54 -20.30
C PRO D 305 18.10 32.10 -20.81
N GLY D 306 17.45 31.95 -21.97
CA GLY D 306 17.22 30.65 -22.56
C GLY D 306 15.76 30.25 -22.62
N ILE D 307 14.85 31.04 -22.06
CA ILE D 307 13.45 30.67 -22.06
C ILE D 307 12.85 30.75 -23.47
N ALA D 308 13.23 31.79 -24.22
CA ALA D 308 12.70 31.98 -25.56
C ALA D 308 13.14 30.91 -26.54
N ASP D 309 14.17 30.12 -26.20
CA ASP D 309 14.61 29.03 -27.03
C ASP D 309 13.95 27.71 -26.65
N ARG D 310 13.93 27.39 -25.35
CA ARG D 310 13.27 26.16 -24.91
C ARG D 310 11.77 26.20 -25.19
N MET D 311 11.13 27.36 -24.97
CA MET D 311 9.70 27.48 -25.26
C MET D 311 9.43 27.26 -26.74
N GLN D 312 10.25 27.88 -27.60
CA GLN D 312 10.08 27.70 -29.04
C GLN D 312 10.29 26.25 -29.44
N LYS D 313 11.31 25.59 -28.89
CA LYS D 313 11.55 24.19 -29.22
C LYS D 313 10.39 23.31 -28.79
N GLU D 314 9.86 23.54 -27.58
CA GLU D 314 8.75 22.73 -27.09
C GLU D 314 7.50 22.93 -27.94
N ILE D 315 7.20 24.18 -28.29
CA ILE D 315 6.01 24.46 -29.08
C ILE D 315 6.17 23.89 -30.49
N THR D 316 7.38 23.97 -31.06
CA THR D 316 7.62 23.37 -32.37
C THR D 316 7.44 21.86 -32.32
N ALA D 317 7.91 21.22 -31.24
CA ALA D 317 7.70 19.80 -31.08
C ALA D 317 6.21 19.47 -30.98
N LEU D 318 5.44 20.29 -30.25
CA LEU D 318 4.01 20.04 -30.12
C LEU D 318 3.26 20.38 -31.40
N ALA D 319 3.62 21.48 -32.05
CA ALA D 319 2.90 21.95 -33.23
C ALA D 319 3.23 21.07 -34.44
N PRO D 320 2.36 21.09 -35.46
CA PRO D 320 2.67 20.35 -36.69
C PRO D 320 3.91 20.91 -37.38
N SER D 321 4.57 20.02 -38.13
CA SER D 321 5.87 20.36 -38.71
C SER D 321 5.76 21.47 -39.74
N THR D 322 4.70 21.45 -40.56
CA THR D 322 4.59 22.41 -41.67
C THR D 322 4.49 23.85 -41.18
N MET D 323 4.01 24.05 -39.95
CA MET D 323 3.78 25.39 -39.45
C MET D 323 5.07 26.00 -38.89
N LYS D 324 5.09 27.33 -38.83
CA LYS D 324 6.24 28.09 -38.35
C LYS D 324 5.91 28.71 -37.00
N ILE D 325 6.83 28.55 -36.04
CA ILE D 325 6.67 29.08 -34.69
C ILE D 325 7.64 30.22 -34.49
N LYS D 326 7.13 31.35 -34.00
CA LYS D 326 7.94 32.53 -33.71
C LYS D 326 7.65 33.00 -32.29
N ILE D 327 8.70 33.41 -31.60
CA ILE D 327 8.61 33.88 -30.22
C ILE D 327 9.04 35.34 -30.20
N ILE D 328 8.19 36.20 -29.66
CA ILE D 328 8.46 37.64 -29.54
C ILE D 328 8.91 37.91 -28.12
N ALA D 329 10.17 38.31 -27.95
CA ALA D 329 10.76 38.55 -26.64
C ALA D 329 11.41 39.94 -26.62
N PRO D 330 10.62 40.99 -26.44
CA PRO D 330 11.20 42.32 -26.33
C PRO D 330 12.06 42.43 -25.08
N PRO D 331 13.11 43.27 -25.11
CA PRO D 331 14.02 43.37 -23.98
C PRO D 331 13.43 44.08 -22.76
N GLU D 332 12.20 44.59 -22.84
CA GLU D 332 11.58 45.34 -21.75
C GLU D 332 10.25 44.71 -21.34
N ARG D 333 10.24 43.39 -21.18
CA ARG D 333 8.99 42.68 -20.92
C ARG D 333 8.36 43.10 -19.59
N LYS D 334 9.16 43.26 -18.55
CA LYS D 334 8.60 43.54 -17.23
C LYS D 334 7.93 44.91 -17.16
N TYR D 335 8.27 45.82 -18.07
CA TYR D 335 7.62 47.13 -18.13
C TYR D 335 6.62 47.22 -19.28
N SER D 336 6.37 46.11 -19.97
CA SER D 336 5.46 46.13 -21.12
C SER D 336 4.05 46.46 -20.68
N VAL D 337 3.62 45.97 -19.51
CA VAL D 337 2.28 46.27 -19.03
C VAL D 337 2.10 47.77 -18.81
N TRP D 338 3.09 48.40 -18.18
CA TRP D 338 3.01 49.84 -17.97
C TRP D 338 3.09 50.60 -19.28
N ILE D 339 3.92 50.13 -20.22
CA ILE D 339 4.01 50.79 -21.52
C ILE D 339 2.67 50.75 -22.23
N GLY D 340 2.02 49.58 -22.22
CA GLY D 340 0.70 49.47 -22.83
C GLY D 340 -0.34 50.33 -22.13
N GLY D 341 -0.28 50.39 -20.80
CA GLY D 341 -1.20 51.25 -20.08
C GLY D 341 -1.01 52.71 -20.41
N SER D 342 0.25 53.16 -20.54
CA SER D 342 0.51 54.54 -20.91
C SER D 342 0.06 54.82 -22.34
N ILE D 343 0.25 53.87 -23.24
CA ILE D 343 -0.22 54.05 -24.62
C ILE D 343 -1.73 54.16 -24.66
N LEU D 344 -2.42 53.30 -23.91
CA LEU D 344 -3.89 53.35 -23.87
C LEU D 344 -4.38 54.67 -23.28
N ALA D 345 -3.81 55.07 -22.14
CA ALA D 345 -4.29 56.27 -21.46
C ALA D 345 -4.00 57.55 -22.23
N SER D 346 -3.06 57.50 -23.19
CA SER D 346 -2.73 58.66 -24.00
C SER D 346 -3.65 58.80 -25.21
N LEU D 347 -4.48 57.81 -25.50
CA LEU D 347 -5.38 57.88 -26.64
C LEU D 347 -6.54 58.82 -26.35
N SER D 348 -6.83 59.73 -27.28
CA SER D 348 -7.94 60.64 -27.10
C SER D 348 -9.28 59.94 -27.25
N THR D 349 -9.32 58.85 -28.04
CA THR D 349 -10.56 58.10 -28.20
C THR D 349 -10.97 57.43 -26.89
N PHE D 350 -10.01 56.93 -26.11
CA PHE D 350 -10.31 56.26 -24.85
C PHE D 350 -10.93 57.19 -23.82
N GLN D 351 -10.81 58.51 -23.99
CA GLN D 351 -11.31 59.45 -23.00
C GLN D 351 -12.80 59.26 -22.73
N GLN D 352 -13.56 58.74 -23.68
CA GLN D 352 -14.98 58.47 -23.47
C GLN D 352 -15.21 57.21 -22.63
N MET D 353 -14.22 56.33 -22.52
CA MET D 353 -14.38 55.04 -21.85
C MET D 353 -14.08 55.10 -20.36
N TRP D 354 -13.81 56.29 -19.82
CA TRP D 354 -13.56 56.41 -18.39
C TRP D 354 -14.83 56.14 -17.60
N ILE D 355 -14.64 55.86 -16.31
CA ILE D 355 -15.74 55.76 -15.36
C ILE D 355 -15.67 57.00 -14.49
N THR D 356 -16.47 58.01 -14.83
CA THR D 356 -16.46 59.24 -14.06
C THR D 356 -17.19 59.03 -12.73
N LYS D 357 -17.01 59.98 -11.82
CA LYS D 357 -17.54 59.84 -10.47
C LYS D 357 -19.06 59.81 -10.46
N GLN D 358 -19.71 60.51 -11.40
CA GLN D 358 -21.17 60.54 -11.43
C GLN D 358 -21.76 59.15 -11.68
N GLU D 359 -21.18 58.42 -12.64
CA GLU D 359 -21.69 57.08 -12.94
C GLU D 359 -21.53 56.14 -11.75
N TYR D 360 -20.38 56.20 -11.07
CA TYR D 360 -20.20 55.37 -9.88
C TYR D 360 -21.18 55.76 -8.78
N ASP D 361 -21.40 57.07 -8.60
CA ASP D 361 -22.32 57.53 -7.57
C ASP D 361 -23.75 57.05 -7.85
N GLU D 362 -24.17 57.10 -9.11
CA GLU D 362 -25.52 56.68 -9.48
C GLU D 362 -25.66 55.17 -9.66
N ALA D 363 -24.55 54.43 -9.69
CA ALA D 363 -24.61 52.98 -9.92
C ALA D 363 -23.97 52.16 -8.81
N GLY D 364 -22.89 52.63 -8.19
CA GLY D 364 -22.22 51.87 -7.17
C GLY D 364 -21.04 51.08 -7.71
N PRO D 365 -20.41 50.28 -6.84
CA PRO D 365 -19.24 49.51 -7.28
C PRO D 365 -19.53 48.47 -8.35
N SER D 366 -20.80 48.12 -8.56
CA SER D 366 -21.14 47.11 -9.56
C SER D 366 -20.93 47.60 -11.00
N ILE D 367 -20.70 48.90 -11.19
CA ILE D 367 -20.53 49.43 -12.55
C ILE D 367 -19.26 48.90 -13.21
N VAL D 368 -18.31 48.39 -12.42
CA VAL D 368 -17.07 47.85 -12.98
C VAL D 368 -17.35 46.65 -13.88
N HIS D 369 -18.30 45.80 -13.51
CA HIS D 369 -18.60 44.60 -14.28
C HIS D 369 -19.27 44.88 -15.61
N ARG D 370 -19.74 46.11 -15.85
CA ARG D 370 -20.33 46.48 -17.13
C ARG D 370 -19.45 47.43 -17.93
N LYS D 371 -18.78 48.39 -17.29
CA LYS D 371 -18.04 49.38 -18.04
C LYS D 371 -16.60 48.94 -18.31
N CYS D 372 -15.90 48.47 -17.28
CA CYS D 372 -14.49 48.12 -17.46
C CYS D 372 -14.32 46.91 -18.37
N PHE D 373 -15.20 45.93 -18.26
CA PHE D 373 -15.10 44.72 -19.08
C PHE D 373 -16.47 44.09 -19.31
PB ADP E . 16.27 12.35 18.64
O1B ADP E . 17.50 13.22 18.71
O2B ADP E . 15.37 12.63 17.47
O3B ADP E . 16.54 10.88 18.89
PA ADP E . 15.90 12.39 21.40
O1A ADP E . 17.40 12.49 21.44
O2A ADP E . 15.20 11.11 21.80
O3A ADP E . 15.42 12.80 19.92
O5' ADP E . 15.31 13.58 22.30
C5' ADP E . 15.81 13.82 23.61
C4' ADP E . 15.32 15.17 24.11
O4' ADP E . 13.99 15.05 24.62
C3' ADP E . 16.17 15.70 25.25
O3' ADP E . 17.01 16.76 24.77
C2' ADP E . 15.21 16.23 26.28
O2' ADP E . 15.37 17.65 26.41
C1' ADP E . 13.81 15.92 25.74
N9 ADP E . 13.01 15.25 26.79
C8 ADP E . 13.11 13.97 27.16
N7 ADP E . 12.23 13.68 28.15
C5 ADP E . 11.54 14.80 28.43
C6 ADP E . 10.47 15.18 29.38
N6 ADP E . 9.93 14.28 30.23
N1 ADP E . 10.04 16.47 29.34
C2 ADP E . 10.56 17.36 28.48
N3 ADP E . 11.54 17.08 27.61
C4 ADP E . 12.06 15.84 27.53
MG MG F . 13.90 12.14 15.77
PB ADP G . -24.12 8.39 -20.79
O1B ADP G . -22.65 8.75 -20.83
O2B ADP G . -24.85 8.62 -22.10
O3B ADP G . -24.42 7.06 -20.14
PA ADP G . -24.47 9.37 -18.21
O1A ADP G . -23.04 8.93 -18.03
O2A ADP G . -25.59 8.58 -17.56
O3A ADP G . -24.76 9.46 -19.78
O5' ADP G . -24.58 10.90 -17.74
C5' ADP G . -24.04 11.31 -16.49
C4' ADP G . -24.00 12.82 -16.43
O4' ADP G . -25.29 13.34 -16.06
C3' ADP G . -23.01 13.33 -15.39
O3' ADP G . -21.85 13.84 -16.03
C2' ADP G . -23.74 14.44 -14.66
O2' ADP G . -23.06 15.69 -14.88
C1' ADP G . -25.13 14.49 -15.24
N9 ADP G . -26.13 14.49 -14.15
C8 ADP G . -26.52 13.42 -13.44
N7 ADP G . -27.46 13.75 -12.51
C5 ADP G . -27.68 15.08 -12.63
C6 ADP G . -28.55 16.07 -11.94
N6 ADP G . -29.38 15.71 -10.94
N1 ADP G . -28.47 17.35 -12.37
C2 ADP G . -27.65 17.72 -13.37
N3 ADP G . -26.83 16.87 -14.02
C4 ADP G . -26.81 15.56 -13.70
MG MG H . -26.38 8.40 -23.70
PB ADP I . 3.74 41.88 -12.08
O1B ADP I . 3.48 41.48 -10.65
O2B ADP I . 2.81 41.24 -13.08
O3B ADP I . 3.96 43.35 -12.28
PA ADP I . 6.51 41.84 -11.76
O1A ADP I . 6.20 42.26 -10.35
O2A ADP I . 7.10 42.83 -12.74
O3A ADP I . 5.17 41.23 -12.41
O5' ADP I . 7.48 40.57 -11.69
C5' ADP I . 8.64 40.58 -10.84
C4' ADP I . 9.18 39.17 -10.72
O4' ADP I . 10.00 38.86 -11.86
C3' ADP I . 10.06 39.01 -9.50
O3' ADP I . 9.37 38.27 -8.49
C2' ADP I . 11.28 38.24 -9.97
O2' ADP I . 11.33 36.97 -9.30
C1' ADP I . 11.09 38.03 -11.46
N9 ADP I . 12.33 38.44 -12.18
C8 ADP I . 12.71 39.70 -12.44
N7 ADP I . 13.88 39.73 -13.12
C5 ADP I . 14.28 38.46 -13.29
C6 ADP I . 15.44 37.78 -13.93
N6 ADP I . 16.43 38.49 -14.52
N1 ADP I . 15.47 36.43 -13.89
C2 ADP I . 14.48 35.72 -13.31
N3 ADP I . 13.40 36.27 -12.71
C4 ADP I . 13.26 37.61 -12.67
MG MG J . 1.62 40.62 -15.12
#